data_2JQR
#
_entry.id   2JQR
#
loop_
_entity.id
_entity.type
_entity.pdbx_description
1 polymer 'Cytochrome c iso-1'
2 polymer 'Adrenodoxin, mitochondrial'
3 non-polymer 'HEME C'
4 non-polymer 'FE2/S2 (INORGANIC) CLUSTER'
#
loop_
_entity_poly.entity_id
_entity_poly.type
_entity_poly.pdbx_seq_one_letter_code
_entity_poly.pdbx_strand_id
1 'polypeptide(L)'
;TEFKAGSAKKGATLFKTRCLQCHTVEKGGPHKCGPNLHGIFGRHSGQAEGYSYTDANIKKNVLWDENNMSEYLTNPKKYI
PGTKMAFGGLKKEKDRNDLITYLKKATE
;
A
2 'polypeptide(L)'
;EDKITVHFINRDGETLTTKGKIGDSLLDVVVQNNLDIDGFGACEGTLACSTCHLIFEQHIFEKLEAITDEENDMLDCAYG
LTDRSRLGCQISLTKAMDNMTVRVP
;
B
#
loop_
_chem_comp.id
_chem_comp.type
_chem_comp.name
_chem_comp.formula
FES non-polymer 'FE2/S2 (INORGANIC) CLUSTER' 'Fe2 S2'
HEC non-polymer 'HEME C' 'C34 H34 Fe N4 O4'
#
# COMPACT_ATOMS: atom_id res chain seq x y z
N THR A 1 -22.94 -3.56 -22.94
CA THR A 1 -21.80 -4.41 -22.40
C THR A 1 -22.49 -5.36 -21.40
N GLU A 2 -22.00 -5.33 -20.20
CA GLU A 2 -22.54 -6.03 -19.01
C GLU A 2 -22.11 -5.12 -17.84
N PHE A 3 -21.98 -3.86 -18.21
CA PHE A 3 -21.51 -2.71 -17.49
C PHE A 3 -22.37 -1.50 -17.92
N LYS A 4 -22.89 -0.73 -17.00
CA LYS A 4 -23.69 0.45 -17.34
C LYS A 4 -23.21 1.60 -16.45
N ALA A 5 -23.37 2.80 -16.98
CA ALA A 5 -22.91 4.02 -16.31
C ALA A 5 -23.66 4.24 -14.99
N GLY A 6 -22.93 4.89 -14.08
CA GLY A 6 -23.41 5.21 -12.78
C GLY A 6 -23.09 6.66 -12.57
N SER A 7 -22.81 6.96 -11.34
CA SER A 7 -22.53 8.28 -10.83
C SER A 7 -21.00 8.43 -10.79
N ALA A 8 -20.57 9.38 -11.63
CA ALA A 8 -19.14 9.76 -11.62
C ALA A 8 -18.82 10.45 -10.29
N LYS A 9 -19.71 11.19 -9.73
CA LYS A 9 -19.39 11.89 -8.49
C LYS A 9 -19.24 10.78 -7.42
N LYS A 10 -20.22 9.89 -7.41
CA LYS A 10 -20.15 8.81 -6.38
C LYS A 10 -18.85 8.02 -6.52
N GLY A 11 -18.50 7.80 -7.75
CA GLY A 11 -17.26 7.07 -8.26
C GLY A 11 -16.04 7.84 -7.82
N ALA A 12 -16.02 9.13 -7.79
CA ALA A 12 -14.88 9.96 -7.34
C ALA A 12 -14.65 9.66 -5.87
N THR A 13 -15.65 9.59 -5.08
CA THR A 13 -15.49 9.39 -3.61
C THR A 13 -15.14 7.94 -3.29
N LEU A 14 -15.57 7.08 -4.19
CA LEU A 14 -15.16 5.68 -4.07
C LEU A 14 -13.67 5.67 -4.29
N PHE A 15 -13.22 6.30 -5.31
CA PHE A 15 -11.74 6.35 -5.65
C PHE A 15 -10.94 6.81 -4.49
N LYS A 16 -11.39 7.97 -3.93
CA LYS A 16 -10.73 8.61 -2.78
C LYS A 16 -10.67 7.69 -1.62
N THR A 17 -11.73 7.08 -1.20
CA THR A 17 -11.67 6.18 -0.05
C THR A 17 -11.07 4.83 -0.30
N ARG A 18 -11.06 4.27 -1.48
CA ARG A 18 -10.60 2.91 -1.74
C ARG A 18 -9.40 2.72 -2.63
N CYS A 19 -9.08 3.66 -3.47
CA CYS A 19 -7.94 3.56 -4.37
C CYS A 19 -6.79 4.58 -4.23
N LEU A 20 -7.06 5.76 -3.78
CA LEU A 20 -6.17 6.92 -3.66
C LEU A 20 -4.93 6.58 -2.74
N GLN A 21 -5.16 5.67 -1.88
CA GLN A 21 -4.02 5.26 -0.97
C GLN A 21 -2.88 4.76 -1.84
N CYS A 22 -3.16 4.20 -3.00
CA CYS A 22 -2.12 3.61 -3.78
C CYS A 22 -1.81 4.12 -5.15
N HIS A 23 -2.83 4.90 -5.68
CA HIS A 23 -2.85 5.37 -7.07
C HIS A 23 -3.32 6.80 -7.27
N THR A 24 -2.77 7.34 -8.32
CA THR A 24 -3.17 8.68 -8.86
C THR A 24 -3.83 8.44 -10.24
N VAL A 25 -4.67 9.40 -10.65
CA VAL A 25 -5.33 9.26 -11.95
C VAL A 25 -4.98 10.32 -12.99
N GLU A 26 -4.44 11.37 -12.51
CA GLU A 26 -4.14 12.53 -13.35
C GLU A 26 -2.98 12.33 -14.30
N LYS A 27 -3.08 13.02 -15.43
CA LYS A 27 -1.96 13.00 -16.42
C LYS A 27 -0.81 13.68 -15.77
N GLY A 28 0.37 13.04 -15.72
CA GLY A 28 1.49 13.72 -15.01
C GLY A 28 1.52 13.49 -13.53
N GLY A 29 0.66 12.60 -13.06
CA GLY A 29 0.54 12.12 -11.68
C GLY A 29 1.67 11.04 -11.57
N PRO A 30 2.17 10.98 -10.36
CA PRO A 30 3.18 9.98 -10.10
C PRO A 30 2.68 8.63 -9.76
N HIS A 31 3.61 7.63 -9.92
CA HIS A 31 3.43 6.28 -9.40
C HIS A 31 3.53 6.42 -7.91
N LYS A 32 2.76 5.57 -7.24
CA LYS A 32 2.94 5.47 -5.75
C LYS A 32 3.24 4.02 -5.46
N CYS A 33 2.45 3.44 -4.50
CA CYS A 33 2.45 1.99 -4.30
C CYS A 33 2.08 1.30 -5.58
N GLY A 34 0.96 1.84 -6.14
CA GLY A 34 0.49 1.47 -7.46
C GLY A 34 0.81 2.51 -8.52
N PRO A 35 0.70 2.06 -9.82
CA PRO A 35 1.01 2.94 -10.91
C PRO A 35 -0.05 4.03 -11.16
N ASN A 36 0.44 5.09 -11.69
CA ASN A 36 -0.49 6.17 -12.13
C ASN A 36 -1.40 5.46 -13.16
N LEU A 37 -2.72 5.74 -13.08
CA LEU A 37 -3.61 5.14 -14.04
C LEU A 37 -4.09 6.01 -15.24
N HIS A 38 -3.54 7.18 -15.42
CA HIS A 38 -3.97 7.94 -16.63
C HIS A 38 -3.76 7.10 -17.84
N GLY A 39 -4.77 7.15 -18.77
CA GLY A 39 -4.76 6.42 -19.99
C GLY A 39 -4.88 4.95 -19.92
N ILE A 40 -5.33 4.38 -18.82
CA ILE A 40 -5.45 2.94 -18.61
C ILE A 40 -6.38 2.25 -19.59
N PHE A 41 -7.44 2.97 -19.89
CA PHE A 41 -8.45 2.39 -20.85
C PHE A 41 -7.87 2.21 -22.23
N GLY A 42 -8.00 1.02 -22.74
CA GLY A 42 -7.44 0.65 -24.05
C GLY A 42 -5.98 0.17 -24.07
N ARG A 43 -5.29 0.32 -22.98
CA ARG A 43 -3.85 -0.10 -22.84
C ARG A 43 -3.88 -1.45 -22.23
N HIS A 44 -2.81 -2.21 -22.43
CA HIS A 44 -2.74 -3.56 -21.84
C HIS A 44 -2.07 -3.36 -20.47
N SER A 45 -2.28 -4.37 -19.66
CA SER A 45 -1.70 -4.42 -18.29
C SER A 45 -0.15 -4.48 -18.37
N GLY A 46 0.45 -3.86 -17.37
CA GLY A 46 1.94 -3.85 -17.28
C GLY A 46 2.69 -2.92 -18.17
N GLN A 47 2.17 -1.81 -18.65
CA GLN A 47 2.83 -0.96 -19.65
C GLN A 47 3.12 0.48 -19.31
N ALA A 48 2.71 0.89 -18.10
CA ALA A 48 3.09 2.22 -17.60
C ALA A 48 4.66 2.20 -17.39
N GLU A 49 5.32 3.23 -17.95
CA GLU A 49 6.80 3.18 -17.77
C GLU A 49 7.22 3.72 -16.42
N GLY A 50 8.32 3.07 -15.88
CA GLY A 50 8.88 3.45 -14.63
C GLY A 50 8.26 2.79 -13.42
N TYR A 51 7.41 1.81 -13.68
CA TYR A 51 6.78 1.05 -12.63
C TYR A 51 7.19 -0.41 -12.71
N SER A 52 7.48 -0.93 -11.48
CA SER A 52 7.82 -2.31 -11.33
C SER A 52 6.68 -3.24 -11.04
N TYR A 53 6.03 -3.68 -12.14
CA TYR A 53 4.89 -4.63 -12.04
C TYR A 53 5.36 -6.02 -11.61
N THR A 54 4.51 -6.88 -11.14
CA THR A 54 4.71 -8.25 -10.91
C THR A 54 4.71 -8.97 -12.32
N ASP A 55 5.36 -10.16 -12.29
CA ASP A 55 5.47 -11.02 -13.44
C ASP A 55 3.98 -11.31 -13.92
N ALA A 56 3.15 -11.62 -12.97
CA ALA A 56 1.74 -11.97 -13.07
C ALA A 56 0.88 -10.98 -13.83
N ASN A 57 1.04 -9.70 -13.48
CA ASN A 57 0.25 -8.67 -14.21
C ASN A 57 0.64 -8.55 -15.65
N ILE A 58 1.90 -8.46 -15.90
CA ILE A 58 2.43 -8.32 -17.26
C ILE A 58 2.04 -9.41 -18.27
N LYS A 59 2.06 -10.63 -17.87
CA LYS A 59 1.88 -11.84 -18.64
C LYS A 59 0.40 -12.17 -18.80
N LYS A 60 -0.36 -11.52 -17.98
CA LYS A 60 -1.81 -11.63 -17.98
C LYS A 60 -2.32 -10.86 -19.22
N ASN A 61 -1.60 -9.86 -19.65
CA ASN A 61 -1.78 -9.02 -20.79
C ASN A 61 -3.25 -8.64 -20.97
N VAL A 62 -3.91 -8.24 -19.89
CA VAL A 62 -5.27 -7.73 -20.06
C VAL A 62 -5.41 -6.42 -20.83
N LEU A 63 -6.43 -6.39 -21.74
CA LEU A 63 -6.73 -5.14 -22.43
C LEU A 63 -7.82 -4.54 -21.51
N TRP A 64 -7.49 -3.38 -20.97
CA TRP A 64 -8.36 -2.73 -20.02
C TRP A 64 -9.50 -1.94 -20.71
N ASP A 65 -10.65 -2.45 -20.44
CA ASP A 65 -11.94 -1.87 -21.02
C ASP A 65 -12.81 -1.73 -19.79
N GLU A 66 -13.82 -0.90 -19.82
CA GLU A 66 -14.74 -0.75 -18.64
C GLU A 66 -15.25 -2.05 -18.15
N ASN A 67 -15.27 -3.06 -19.02
CA ASN A 67 -15.81 -4.39 -18.71
C ASN A 67 -14.93 -5.40 -17.93
N ASN A 68 -13.68 -5.50 -18.30
CA ASN A 68 -12.55 -6.29 -17.78
C ASN A 68 -12.23 -5.83 -16.34
N MET A 69 -12.24 -4.49 -16.39
CA MET A 69 -12.05 -3.65 -15.18
C MET A 69 -13.04 -4.00 -14.12
N SER A 70 -14.29 -4.25 -14.51
CA SER A 70 -15.32 -4.62 -13.52
C SER A 70 -15.06 -5.97 -12.86
N GLU A 71 -14.62 -6.92 -13.69
CA GLU A 71 -14.39 -8.27 -13.24
C GLU A 71 -13.09 -8.24 -12.32
N TYR A 72 -12.15 -7.47 -12.82
CA TYR A 72 -10.90 -7.27 -12.03
C TYR A 72 -11.22 -6.75 -10.63
N LEU A 73 -11.94 -5.62 -10.54
CA LEU A 73 -12.31 -4.99 -9.30
C LEU A 73 -13.14 -5.82 -8.38
N THR A 74 -13.77 -6.88 -8.93
CA THR A 74 -14.52 -7.77 -8.06
C THR A 74 -13.65 -8.53 -7.09
N ASN A 75 -12.47 -8.90 -7.60
CA ASN A 75 -11.50 -9.74 -6.92
C ASN A 75 -10.25 -9.83 -7.78
N PRO A 76 -9.40 -8.83 -7.54
CA PRO A 76 -8.14 -8.65 -8.23
C PRO A 76 -7.26 -9.90 -8.33
N LYS A 77 -7.05 -10.54 -7.18
CA LYS A 77 -6.21 -11.76 -7.09
C LYS A 77 -6.77 -13.00 -7.73
N LYS A 78 -8.12 -13.01 -7.84
CA LYS A 78 -8.83 -14.13 -8.51
C LYS A 78 -8.59 -13.86 -9.97
N TYR A 79 -8.66 -12.65 -10.44
CA TYR A 79 -8.45 -12.25 -11.85
C TYR A 79 -7.02 -12.33 -12.34
N ILE A 80 -6.06 -11.83 -11.52
CA ILE A 80 -4.58 -11.88 -11.80
C ILE A 80 -3.88 -12.51 -10.63
N PRO A 81 -3.86 -13.84 -10.65
CA PRO A 81 -3.33 -14.58 -9.51
C PRO A 81 -1.78 -14.21 -9.51
N GLY A 82 -1.43 -13.80 -8.30
CA GLY A 82 -0.03 -13.36 -8.09
C GLY A 82 0.17 -11.87 -8.10
N THR A 83 -0.89 -11.05 -8.33
CA THR A 83 -0.75 -9.59 -8.42
C THR A 83 -0.37 -9.13 -7.07
N LYS A 84 0.42 -8.11 -6.89
CA LYS A 84 0.73 -7.59 -5.61
C LYS A 84 -0.15 -6.49 -5.16
N MET A 85 -1.21 -6.29 -5.99
CA MET A 85 -2.28 -5.30 -5.56
C MET A 85 -3.08 -5.91 -4.43
N ALA A 86 -2.82 -5.37 -3.24
CA ALA A 86 -3.49 -5.80 -2.03
C ALA A 86 -4.83 -5.09 -1.75
N PHE A 87 -5.83 -5.50 -2.55
CA PHE A 87 -7.18 -4.95 -2.48
C PHE A 87 -8.12 -6.14 -2.58
N GLY A 88 -9.01 -6.30 -1.61
CA GLY A 88 -9.93 -7.38 -1.58
C GLY A 88 -10.91 -7.39 -2.71
N GLY A 89 -11.45 -6.23 -3.04
CA GLY A 89 -12.49 -6.26 -4.13
C GLY A 89 -13.72 -5.39 -3.75
N LEU A 90 -14.47 -5.10 -4.76
CA LEU A 90 -15.71 -4.30 -4.72
C LEU A 90 -16.81 -5.26 -5.25
N LYS A 91 -17.48 -5.85 -4.29
CA LYS A 91 -18.48 -6.88 -4.62
C LYS A 91 -19.74 -6.37 -5.22
N LYS A 92 -20.17 -5.18 -4.96
CA LYS A 92 -21.44 -4.69 -5.55
C LYS A 92 -21.17 -4.10 -6.89
N GLU A 93 -21.95 -4.62 -7.84
CA GLU A 93 -21.90 -4.11 -9.18
C GLU A 93 -22.18 -2.58 -9.21
N LYS A 94 -23.06 -2.13 -8.38
CA LYS A 94 -23.41 -0.70 -8.43
C LYS A 94 -22.22 0.20 -8.08
N ASP A 95 -21.47 -0.27 -7.14
CA ASP A 95 -20.18 0.41 -6.69
C ASP A 95 -19.14 0.46 -7.78
N ARG A 96 -18.92 -0.74 -8.37
CA ARG A 96 -18.06 -0.84 -9.53
C ARG A 96 -18.54 0.08 -10.68
N ASN A 97 -19.85 0.12 -10.96
CA ASN A 97 -20.33 0.96 -12.07
C ASN A 97 -20.02 2.41 -11.78
N ASP A 98 -20.33 2.86 -10.57
CA ASP A 98 -19.98 4.15 -10.16
C ASP A 98 -18.43 4.42 -10.35
N LEU A 99 -17.62 3.58 -9.79
CA LEU A 99 -16.16 3.81 -9.85
C LEU A 99 -15.65 3.83 -11.25
N ILE A 100 -16.00 2.90 -12.07
CA ILE A 100 -15.56 2.82 -13.46
C ILE A 100 -16.02 4.04 -14.28
N THR A 101 -17.23 4.50 -13.90
CA THR A 101 -17.81 5.70 -14.54
C THR A 101 -16.82 6.88 -14.33
N TYR A 102 -16.32 7.05 -13.12
CA TYR A 102 -15.37 8.03 -12.66
C TYR A 102 -13.99 7.78 -13.27
N LEU A 103 -13.63 6.50 -13.31
CA LEU A 103 -12.32 6.24 -14.00
C LEU A 103 -12.35 6.53 -15.49
N LYS A 104 -13.39 6.09 -16.18
CA LYS A 104 -13.58 6.36 -17.61
C LYS A 104 -13.32 7.82 -17.93
N LYS A 105 -13.88 8.66 -17.09
CA LYS A 105 -13.75 10.11 -17.20
C LYS A 105 -12.43 10.74 -16.78
N ALA A 106 -11.91 10.32 -15.64
CA ALA A 106 -10.71 10.99 -15.10
C ALA A 106 -9.42 10.51 -15.68
N THR A 107 -9.49 9.35 -16.21
CA THR A 107 -8.25 8.77 -16.88
C THR A 107 -8.08 9.08 -18.35
N GLU A 108 -8.92 9.89 -18.93
CA GLU A 108 -8.76 10.20 -20.37
C GLU A 108 -7.86 11.42 -20.53
N LYS B 3 7.47 -5.27 30.40
CA LYS B 3 7.34 -4.21 29.39
C LYS B 3 8.71 -3.70 28.97
N ILE B 4 8.84 -3.22 27.74
CA ILE B 4 10.12 -2.74 27.25
C ILE B 4 9.97 -1.35 26.61
N THR B 5 11.07 -0.60 26.61
CA THR B 5 11.12 0.72 26.03
C THR B 5 11.46 0.66 24.54
N VAL B 6 10.72 1.42 23.74
CA VAL B 6 11.01 1.51 22.29
C VAL B 6 11.07 3.00 21.91
N HIS B 7 12.10 3.38 21.18
CA HIS B 7 12.22 4.76 20.71
C HIS B 7 11.92 4.83 19.21
N PHE B 8 11.13 5.79 18.80
CA PHE B 8 10.79 5.98 17.40
C PHE B 8 11.33 7.35 16.94
N ILE B 9 12.18 7.34 15.93
CA ILE B 9 12.59 8.60 15.31
C ILE B 9 11.58 8.91 14.19
N ASN B 10 10.71 9.87 14.48
CA ASN B 10 9.63 10.20 13.53
C ASN B 10 10.20 10.91 12.33
N ARG B 11 9.44 11.10 11.25
CA ARG B 11 9.98 11.74 10.05
C ARG B 11 10.35 13.20 10.28
N ASP B 12 9.71 13.84 11.25
CA ASP B 12 10.02 15.21 11.61
C ASP B 12 11.33 15.33 12.38
N GLY B 13 11.85 14.21 12.88
CA GLY B 13 13.12 14.22 13.58
C GLY B 13 12.93 14.08 15.08
N GLU B 14 11.69 14.18 15.53
CA GLU B 14 11.41 14.06 16.97
C GLU B 14 11.48 12.60 17.40
N THR B 15 12.05 12.35 18.58
CA THR B 15 12.13 11.01 19.11
C THR B 15 10.96 10.73 20.04
N LEU B 16 10.19 9.72 19.70
CA LEU B 16 9.04 9.31 20.49
C LEU B 16 9.46 8.11 21.36
N THR B 17 9.47 8.32 22.67
CA THR B 17 9.87 7.21 23.57
C THR B 17 8.62 6.65 24.22
N THR B 18 8.41 5.34 24.10
CA THR B 18 7.22 4.72 24.65
C THR B 18 7.48 3.30 25.09
N LYS B 19 6.50 2.69 25.73
CA LYS B 19 6.63 1.33 26.23
C LYS B 19 5.57 0.42 25.62
N GLY B 20 5.93 -0.82 25.37
CA GLY B 20 5.02 -1.84 24.91
C GLY B 20 5.30 -3.14 25.66
N LYS B 21 4.38 -4.10 25.58
CA LYS B 21 4.58 -5.38 26.26
C LYS B 21 5.11 -6.42 25.28
N ILE B 22 5.99 -7.30 25.77
CA ILE B 22 6.51 -8.35 24.86
C ILE B 22 5.32 -9.09 24.26
N GLY B 23 5.38 -9.32 22.95
CA GLY B 23 4.32 -9.96 22.21
C GLY B 23 3.48 -8.96 21.42
N ASP B 24 3.48 -7.71 21.83
CA ASP B 24 2.76 -6.64 21.13
C ASP B 24 3.42 -6.36 19.78
N SER B 25 2.62 -6.06 18.76
CA SER B 25 3.24 -5.67 17.48
C SER B 25 3.70 -4.23 17.58
N LEU B 26 4.53 -3.77 16.67
CA LEU B 26 4.95 -2.36 16.68
C LEU B 26 3.81 -1.45 16.30
N LEU B 27 2.83 -1.96 15.57
CA LEU B 27 1.62 -1.15 15.26
C LEU B 27 0.79 -0.98 16.53
N ASP B 28 0.65 -2.07 17.27
CA ASP B 28 0.00 -2.03 18.58
C ASP B 28 0.63 -0.96 19.46
N VAL B 29 1.97 -0.93 19.49
CA VAL B 29 2.69 0.07 20.24
C VAL B 29 2.32 1.48 19.80
N VAL B 30 2.26 1.70 18.49
CA VAL B 30 1.94 3.04 17.99
C VAL B 30 0.49 3.38 18.29
N VAL B 31 -0.41 2.44 18.06
CA VAL B 31 -1.85 2.72 18.21
C VAL B 31 -2.26 2.94 19.65
N GLN B 32 -1.87 2.06 20.56
CA GLN B 32 -2.25 2.18 21.96
C GLN B 32 -1.74 3.44 22.62
N ASN B 33 -0.50 3.83 22.32
CA ASN B 33 0.13 4.98 22.94
C ASN B 33 -0.11 6.26 22.20
N ASN B 34 -0.99 6.26 21.20
CA ASN B 34 -1.33 7.41 20.42
C ASN B 34 -0.11 8.17 19.91
N LEU B 35 0.87 7.46 19.38
CA LEU B 35 2.06 8.11 18.83
C LEU B 35 1.69 8.95 17.63
N ASP B 36 2.30 10.11 17.49
CA ASP B 36 1.97 11.06 16.42
C ASP B 36 2.74 10.77 15.15
N ILE B 37 2.42 9.62 14.51
CA ILE B 37 3.12 9.27 13.27
C ILE B 37 2.11 9.28 12.13
N ASP B 38 2.18 10.33 11.32
CA ASP B 38 1.19 10.52 10.26
C ASP B 38 1.00 9.25 9.44
N GLY B 39 -0.26 8.84 9.32
CA GLY B 39 -0.72 7.76 8.52
C GLY B 39 -0.39 6.37 8.99
N PHE B 40 0.31 6.22 10.10
CA PHE B 40 0.83 4.91 10.48
C PHE B 40 -0.26 3.93 10.79
N GLY B 41 -0.27 2.76 10.13
CA GLY B 41 -1.24 1.71 10.46
C GLY B 41 -2.53 1.84 9.65
N ALA B 42 -2.45 2.40 8.47
CA ALA B 42 -3.60 2.63 7.61
C ALA B 42 -4.51 1.45 7.45
N CYS B 43 -4.02 0.28 7.09
CA CYS B 43 -4.82 -0.93 6.91
C CYS B 43 -5.06 -1.68 8.21
N GLU B 44 -4.63 -1.12 9.33
CA GLU B 44 -4.81 -1.77 10.63
C GLU B 44 -4.24 -3.18 10.62
N GLY B 45 -3.03 -3.33 10.05
CA GLY B 45 -2.28 -4.53 10.03
C GLY B 45 -2.80 -5.70 9.24
N THR B 46 -3.23 -5.52 8.00
CA THR B 46 -3.69 -6.63 7.17
C THR B 46 -2.86 -6.79 5.92
N LEU B 47 -1.67 -6.16 5.91
CA LEU B 47 -0.79 -6.23 4.76
C LEU B 47 -1.41 -5.71 3.49
N ALA B 48 -2.06 -4.56 3.59
CA ALA B 48 -2.65 -3.91 2.41
C ALA B 48 -2.16 -2.46 2.31
N CYS B 49 -1.08 -2.16 3.05
CA CYS B 49 -0.55 -0.78 3.02
C CYS B 49 0.93 -0.78 3.34
N SER B 50 1.60 0.38 3.18
CA SER B 50 3.04 0.37 3.52
C SER B 50 3.33 1.37 4.62
N THR B 51 2.31 1.89 5.29
CA THR B 51 2.44 2.97 6.23
C THR B 51 3.07 2.58 7.55
N CYS B 52 3.17 1.30 7.86
CA CYS B 52 3.75 0.85 9.11
C CYS B 52 5.21 0.42 8.92
N HIS B 53 5.77 0.81 7.79
CA HIS B 53 7.19 0.55 7.50
C HIS B 53 8.08 1.19 8.57
N LEU B 54 9.00 0.38 9.11
CA LEU B 54 9.99 0.88 10.07
C LEU B 54 11.38 0.38 9.65
N ILE B 55 12.38 1.14 10.01
CA ILE B 55 13.78 0.82 9.73
C ILE B 55 14.47 0.47 11.07
N PHE B 56 14.97 -0.74 11.16
CA PHE B 56 15.47 -1.30 12.42
C PHE B 56 16.98 -1.20 12.53
N GLU B 57 17.48 -1.28 13.77
CA GLU B 57 18.93 -1.44 13.97
C GLU B 57 19.36 -2.79 13.38
N GLN B 58 20.57 -2.86 12.83
CA GLN B 58 21.00 -4.11 12.19
C GLN B 58 20.98 -5.31 13.11
N HIS B 59 21.43 -5.19 14.33
CA HIS B 59 21.50 -6.36 15.23
C HIS B 59 20.12 -6.86 15.62
N ILE B 60 19.15 -5.96 15.64
CA ILE B 60 17.75 -6.33 15.84
C ILE B 60 17.19 -6.96 14.58
N PHE B 61 17.36 -6.29 13.44
CA PHE B 61 16.86 -6.75 12.16
C PHE B 61 17.23 -8.20 11.85
N GLU B 62 18.48 -8.58 12.10
CA GLU B 62 18.96 -9.88 11.70
C GLU B 62 18.36 -11.03 12.49
N LYS B 63 17.67 -10.75 13.60
CA LYS B 63 17.08 -11.84 14.40
C LYS B 63 15.56 -11.77 14.38
N LEU B 64 15.01 -10.97 13.48
CA LEU B 64 13.55 -10.90 13.36
C LEU B 64 13.01 -12.16 12.70
N GLU B 65 11.74 -12.45 12.93
CA GLU B 65 11.11 -13.62 12.31
C GLU B 65 11.20 -13.55 10.80
N ALA B 66 11.43 -14.67 10.15
CA ALA B 66 11.57 -14.74 8.70
C ALA B 66 10.43 -13.98 8.02
N ILE B 67 10.77 -13.18 7.01
CA ILE B 67 9.73 -12.40 6.32
C ILE B 67 8.87 -13.32 5.44
N THR B 68 7.57 -13.09 5.46
CA THR B 68 6.67 -13.87 4.60
C THR B 68 6.55 -13.19 3.23
N ASP B 69 6.08 -13.97 2.25
CA ASP B 69 5.91 -13.42 0.90
C ASP B 69 4.88 -12.31 0.92
N GLU B 70 3.84 -12.45 1.74
CA GLU B 70 2.79 -11.44 1.80
C GLU B 70 3.35 -10.10 2.26
N GLU B 71 4.17 -10.15 3.32
CA GLU B 71 4.78 -8.91 3.80
C GLU B 71 5.69 -8.31 2.74
N ASN B 72 6.53 -9.14 2.12
CA ASN B 72 7.44 -8.70 1.09
C ASN B 72 6.79 -8.00 -0.07
N ASP B 73 5.62 -8.45 -0.52
CA ASP B 73 4.93 -7.84 -1.64
C ASP B 73 4.48 -6.41 -1.29
N MET B 74 4.04 -6.24 -0.05
CA MET B 74 3.60 -4.91 0.41
C MET B 74 4.82 -4.04 0.68
N LEU B 75 5.84 -4.67 1.28
CA LEU B 75 7.06 -3.93 1.63
C LEU B 75 7.76 -3.40 0.40
N ASP B 76 7.70 -4.15 -0.70
CA ASP B 76 8.27 -3.77 -1.97
C ASP B 76 7.82 -2.39 -2.44
N CYS B 77 6.60 -1.99 -2.08
CA CYS B 77 6.03 -0.73 -2.48
C CYS B 77 6.30 0.43 -1.53
N ALA B 78 6.94 0.19 -0.39
CA ALA B 78 7.16 1.26 0.58
C ALA B 78 8.12 2.32 0.07
N TYR B 79 7.96 3.54 0.53
CA TYR B 79 8.89 4.63 0.28
C TYR B 79 10.09 4.48 1.23
N GLY B 80 11.28 4.87 0.78
CA GLY B 80 12.45 4.91 1.63
C GLY B 80 12.89 3.56 2.16
N LEU B 81 12.79 2.51 1.40
CA LEU B 81 13.20 1.18 1.74
C LEU B 81 14.70 1.10 2.03
N THR B 82 15.08 0.36 3.05
CA THR B 82 16.48 0.15 3.40
C THR B 82 16.69 -1.38 3.50
N ASP B 83 17.92 -1.76 3.77
CA ASP B 83 18.27 -3.16 4.00
C ASP B 83 17.82 -3.63 5.38
N ARG B 84 17.30 -2.73 6.19
CA ARG B 84 16.84 -3.08 7.54
C ARG B 84 15.37 -2.75 7.73
N SER B 85 14.59 -2.81 6.65
CA SER B 85 13.19 -2.43 6.66
C SER B 85 12.24 -3.60 6.86
N ARG B 86 11.19 -3.41 7.66
CA ARG B 86 10.13 -4.38 7.81
C ARG B 86 8.80 -3.63 8.00
N LEU B 87 7.69 -4.31 7.78
CA LEU B 87 6.39 -3.71 8.11
C LEU B 87 6.13 -3.93 9.60
N GLY B 88 6.04 -2.84 10.35
CA GLY B 88 5.92 -2.91 11.78
C GLY B 88 4.77 -3.71 12.31
N CYS B 89 3.62 -3.77 11.59
CA CYS B 89 2.49 -4.52 12.11
C CYS B 89 2.77 -6.01 12.16
N GLN B 90 3.83 -6.48 11.55
CA GLN B 90 4.22 -7.87 11.56
C GLN B 90 5.29 -8.17 12.61
N ILE B 91 5.85 -7.15 13.24
CA ILE B 91 6.98 -7.38 14.16
C ILE B 91 6.50 -7.20 15.60
N SER B 92 6.64 -8.26 16.40
CA SER B 92 6.20 -8.22 17.79
C SER B 92 7.40 -8.12 18.74
N LEU B 93 7.19 -7.42 19.84
CA LEU B 93 8.23 -7.10 20.78
C LEU B 93 8.86 -8.31 21.44
N THR B 94 10.18 -8.31 21.52
CA THR B 94 10.92 -9.38 22.21
C THR B 94 11.84 -8.74 23.26
N LYS B 95 12.39 -9.57 24.15
CA LYS B 95 13.32 -9.10 25.17
C LYS B 95 14.46 -8.30 24.56
N ALA B 96 15.04 -8.81 23.48
CA ALA B 96 16.19 -8.19 22.85
C ALA B 96 15.94 -6.80 22.32
N MET B 97 14.69 -6.38 22.19
CA MET B 97 14.33 -5.08 21.70
C MET B 97 14.21 -4.01 22.75
N ASP B 98 14.43 -4.37 24.02
CA ASP B 98 14.39 -3.33 25.05
C ASP B 98 15.37 -2.22 24.67
N ASN B 99 14.92 -0.98 24.70
CA ASN B 99 15.68 0.19 24.43
C ASN B 99 16.08 0.36 22.97
N MET B 100 15.57 -0.46 22.06
CA MET B 100 15.93 -0.31 20.65
C MET B 100 15.39 1.01 20.08
N THR B 101 15.94 1.40 18.92
CA THR B 101 15.41 2.56 18.20
C THR B 101 14.99 2.13 16.80
N VAL B 102 13.81 2.58 16.37
CA VAL B 102 13.35 2.36 15.02
C VAL B 102 13.17 3.74 14.34
N ARG B 103 13.30 3.77 13.01
CA ARG B 103 13.15 5.01 12.28
C ARG B 103 11.96 4.96 11.33
N VAL B 104 11.17 6.02 11.36
CA VAL B 104 10.06 6.20 10.45
C VAL B 104 10.58 7.01 9.24
N PRO B 105 10.55 6.28 8.08
CA PRO B 105 11.05 6.93 6.86
C PRO B 105 10.10 7.94 6.28
FE HEC C . -4.51 -0.98 -7.76
CHA HEC C . -2.48 -2.30 -10.15
CHB HEC C . -6.73 -0.14 -10.19
CHC HEC C . -6.71 -0.18 -5.36
CHD HEC C . -2.08 -1.25 -5.52
NA HEC C . -4.54 -1.19 -9.72
C1A HEC C . -3.66 -1.73 -10.58
C2A HEC C . -4.23 -1.93 -11.93
C3A HEC C . -5.41 -1.30 -11.90
C4A HEC C . -5.68 -0.85 -10.61
CMA HEC C . -6.42 -1.19 -13.11
CAA HEC C . -3.43 -2.53 -13.04
CBA HEC C . -2.66 -1.40 -13.77
CGA HEC C . -1.95 -1.74 -15.08
O1A HEC C . -1.34 -0.78 -15.58
O2A HEC C . -2.02 -2.89 -15.56
NB HEC C . -6.38 -0.27 -7.76
C1B HEC C . -7.04 0.22 -8.88
C2B HEC C . -8.32 0.73 -8.38
C3B HEC C . -8.37 0.66 -7.03
C4B HEC C . -7.11 0.08 -6.69
CMB HEC C . -9.37 1.39 -9.35
CAB HEC C . -9.41 1.14 -6.04
CBB HEC C . -10.54 0.13 -5.79
NC HEC C . -4.37 -0.77 -5.79
C1C HEC C . -5.35 -0.44 -4.90
C2C HEC C . -4.97 -0.27 -3.55
C3C HEC C . -3.66 -0.62 -3.58
C4C HEC C . -3.27 -0.84 -4.97
CMC HEC C . -5.80 0.11 -2.36
CAC HEC C . -2.54 -0.47 -2.50
CBC HEC C . -2.94 -1.17 -1.17
ND HEC C . -2.62 -1.64 -7.80
C1D HEC C . -1.73 -1.68 -6.73
C2D HEC C . -0.52 -2.22 -7.16
C3D HEC C . -0.63 -2.54 -8.45
C4D HEC C . -2.00 -2.25 -8.85
CMD HEC C . 0.76 -2.49 -6.23
CAD HEC C . 0.44 -3.30 -9.28
CBD HEC C . 0.11 -4.76 -9.47
CGD HEC C . 1.23 -5.70 -9.92
O1D HEC C . 2.19 -5.18 -10.53
O2D HEC C . 0.97 -6.92 -9.77
HHA HEC C . -1.87 -2.81 -10.88
HHB HEC C . -7.42 0.21 -10.94
HHC HEC C . -7.48 -0.18 -4.61
HHD HEC C . -1.26 -1.23 -4.81
HMA1 HEC C . -6.92 -0.24 -13.08
HMA2 HEC C . -7.14 -1.99 -13.04
HMA3 HEC C . -5.87 -1.28 -14.04
HAA1 HEC C . -4.10 -3.02 -13.75
HAA2 HEC C . -2.73 -3.25 -12.65
HBA1 HEC C . -1.89 -1.03 -13.09
HBA2 HEC C . -3.35 -0.60 -13.98
HMB1 HEC C . -9.52 2.42 -9.07
HMB2 HEC C . -10.30 0.86 -9.30
HMB3 HEC C . -8.99 1.35 -10.36
HAB HEC C . -9.00 1.04 -5.05
HBB1 HEC C . -11.49 0.65 -5.75
HBB2 HEC C . -10.38 -0.37 -4.85
HBB3 HEC C . -10.56 -0.60 -6.59
HMC1 HEC C . -5.17 0.28 -1.51
HMC2 HEC C . -6.48 -0.70 -2.14
HMC3 HEC C . -6.37 1.00 -2.59
HAC HEC C . -1.64 -0.95 -2.86
HBC1 HEC C . -3.02 -2.23 -1.33
HBC2 HEC C . -3.88 -0.77 -0.83
HBC3 HEC C . -2.17 -0.97 -0.43
HMD1 HEC C . 1.15 -3.48 -6.44
HMD2 HEC C . 0.46 -2.43 -5.19
HMD3 HEC C . 1.52 -1.75 -6.44
HAD1 HEC C . 1.39 -3.22 -8.78
HAD2 HEC C . 0.52 -2.84 -10.26
HBD1 HEC C . -0.67 -4.83 -10.20
HBD2 HEC C . -0.26 -5.12 -8.52
FE1 FES D . -0.84 -1.92 6.80
FE2 FES D . 1.09 -2.84 8.38
S1 FES D . 0.62 -3.49 6.34
S2 FES D . -0.54 -1.54 8.96
N THR A 1 -22.94 -3.56 -22.94
CA THR A 1 -21.80 -4.41 -22.40
C THR A 1 -22.49 -5.36 -21.40
N GLU A 2 -22.00 -5.33 -20.20
CA GLU A 2 -22.54 -6.03 -19.01
C GLU A 2 -22.11 -5.12 -17.84
N PHE A 3 -21.98 -3.86 -18.21
CA PHE A 3 -21.51 -2.71 -17.49
C PHE A 3 -22.37 -1.50 -17.92
N LYS A 4 -22.89 -0.73 -17.00
CA LYS A 4 -23.69 0.45 -17.34
C LYS A 4 -23.21 1.60 -16.45
N ALA A 5 -23.37 2.80 -16.98
CA ALA A 5 -22.91 4.02 -16.31
C ALA A 5 -23.66 4.24 -14.99
N GLY A 6 -22.93 4.89 -14.08
CA GLY A 6 -23.41 5.21 -12.78
C GLY A 6 -23.09 6.66 -12.57
N SER A 7 -22.81 6.96 -11.34
CA SER A 7 -22.53 8.28 -10.83
C SER A 7 -21.00 8.43 -10.79
N ALA A 8 -20.57 9.38 -11.63
CA ALA A 8 -19.14 9.76 -11.62
C ALA A 8 -18.82 10.45 -10.29
N LYS A 9 -19.71 11.19 -9.73
CA LYS A 9 -19.39 11.89 -8.49
C LYS A 9 -19.24 10.78 -7.42
N LYS A 10 -20.22 9.89 -7.41
CA LYS A 10 -20.15 8.81 -6.38
C LYS A 10 -18.85 8.02 -6.52
N GLY A 11 -18.50 7.80 -7.75
CA GLY A 11 -17.26 7.07 -8.26
C GLY A 11 -16.04 7.84 -7.82
N ALA A 12 -16.02 9.13 -7.79
CA ALA A 12 -14.88 9.96 -7.34
C ALA A 12 -14.65 9.66 -5.87
N THR A 13 -15.65 9.59 -5.08
CA THR A 13 -15.49 9.39 -3.61
C THR A 13 -15.14 7.94 -3.29
N LEU A 14 -15.57 7.08 -4.19
CA LEU A 14 -15.16 5.68 -4.07
C LEU A 14 -13.67 5.67 -4.29
N PHE A 15 -13.22 6.30 -5.31
CA PHE A 15 -11.74 6.35 -5.65
C PHE A 15 -10.94 6.81 -4.49
N LYS A 16 -11.39 7.97 -3.93
CA LYS A 16 -10.73 8.61 -2.78
C LYS A 16 -10.67 7.69 -1.62
N THR A 17 -11.73 7.08 -1.20
CA THR A 17 -11.67 6.18 -0.05
C THR A 17 -11.07 4.83 -0.30
N ARG A 18 -11.06 4.27 -1.48
CA ARG A 18 -10.60 2.91 -1.74
C ARG A 18 -9.40 2.72 -2.63
N CYS A 19 -9.08 3.66 -3.47
CA CYS A 19 -7.94 3.56 -4.37
C CYS A 19 -6.79 4.58 -4.23
N LEU A 20 -7.06 5.76 -3.78
CA LEU A 20 -6.17 6.92 -3.66
C LEU A 20 -4.93 6.58 -2.74
N GLN A 21 -5.16 5.67 -1.88
CA GLN A 21 -4.02 5.26 -0.97
C GLN A 21 -2.88 4.76 -1.84
N CYS A 22 -3.16 4.20 -3.00
CA CYS A 22 -2.12 3.61 -3.78
C CYS A 22 -1.81 4.12 -5.15
N HIS A 23 -2.83 4.90 -5.68
CA HIS A 23 -2.85 5.37 -7.07
C HIS A 23 -3.32 6.80 -7.27
N THR A 24 -2.77 7.34 -8.32
CA THR A 24 -3.17 8.68 -8.86
C THR A 24 -3.83 8.44 -10.24
N VAL A 25 -4.67 9.40 -10.65
CA VAL A 25 -5.33 9.26 -11.95
C VAL A 25 -4.98 10.32 -12.99
N GLU A 26 -4.44 11.37 -12.51
CA GLU A 26 -4.14 12.53 -13.35
C GLU A 26 -2.98 12.33 -14.30
N LYS A 27 -3.08 13.02 -15.43
CA LYS A 27 -1.96 13.00 -16.42
C LYS A 27 -0.81 13.68 -15.77
N GLY A 28 0.37 13.04 -15.72
CA GLY A 28 1.49 13.72 -15.01
C GLY A 28 1.52 13.49 -13.53
N GLY A 29 0.66 12.60 -13.06
CA GLY A 29 0.54 12.12 -11.68
C GLY A 29 1.67 11.04 -11.57
N PRO A 30 2.17 10.98 -10.36
CA PRO A 30 3.18 9.98 -10.10
C PRO A 30 2.68 8.63 -9.76
N HIS A 31 3.61 7.63 -9.92
CA HIS A 31 3.43 6.28 -9.40
C HIS A 31 3.53 6.42 -7.91
N LYS A 32 2.76 5.57 -7.24
CA LYS A 32 2.94 5.47 -5.75
C LYS A 32 3.24 4.02 -5.46
N CYS A 33 2.45 3.44 -4.50
CA CYS A 33 2.45 1.99 -4.30
C CYS A 33 2.08 1.30 -5.58
N GLY A 34 0.96 1.84 -6.14
CA GLY A 34 0.49 1.47 -7.46
C GLY A 34 0.81 2.51 -8.52
N PRO A 35 0.70 2.06 -9.82
CA PRO A 35 1.01 2.94 -10.91
C PRO A 35 -0.05 4.03 -11.16
N ASN A 36 0.44 5.09 -11.69
CA ASN A 36 -0.49 6.17 -12.13
C ASN A 36 -1.40 5.46 -13.16
N LEU A 37 -2.72 5.74 -13.08
CA LEU A 37 -3.61 5.14 -14.04
C LEU A 37 -4.09 6.01 -15.24
N HIS A 38 -3.54 7.18 -15.42
CA HIS A 38 -3.97 7.94 -16.63
C HIS A 38 -3.76 7.10 -17.84
N GLY A 39 -4.77 7.15 -18.77
CA GLY A 39 -4.76 6.42 -19.99
C GLY A 39 -4.88 4.95 -19.92
N ILE A 40 -5.33 4.38 -18.82
CA ILE A 40 -5.45 2.94 -18.61
C ILE A 40 -6.38 2.25 -19.59
N PHE A 41 -7.44 2.97 -19.89
CA PHE A 41 -8.45 2.39 -20.85
C PHE A 41 -7.87 2.21 -22.23
N GLY A 42 -8.00 1.02 -22.74
CA GLY A 42 -7.44 0.65 -24.05
C GLY A 42 -5.98 0.17 -24.07
N ARG A 43 -5.29 0.32 -22.98
CA ARG A 43 -3.85 -0.10 -22.84
C ARG A 43 -3.88 -1.45 -22.23
N HIS A 44 -2.81 -2.21 -22.43
CA HIS A 44 -2.74 -3.56 -21.84
C HIS A 44 -2.07 -3.36 -20.47
N SER A 45 -2.28 -4.37 -19.66
CA SER A 45 -1.70 -4.42 -18.29
C SER A 45 -0.15 -4.48 -18.37
N GLY A 46 0.45 -3.86 -17.37
CA GLY A 46 1.94 -3.85 -17.28
C GLY A 46 2.69 -2.92 -18.17
N GLN A 47 2.17 -1.81 -18.65
CA GLN A 47 2.83 -0.96 -19.65
C GLN A 47 3.12 0.48 -19.31
N ALA A 48 2.71 0.89 -18.10
CA ALA A 48 3.09 2.22 -17.60
C ALA A 48 4.66 2.20 -17.39
N GLU A 49 5.32 3.23 -17.95
CA GLU A 49 6.80 3.18 -17.77
C GLU A 49 7.22 3.72 -16.42
N GLY A 50 8.32 3.07 -15.88
CA GLY A 50 8.88 3.45 -14.63
C GLY A 50 8.26 2.79 -13.42
N TYR A 51 7.41 1.81 -13.68
CA TYR A 51 6.78 1.05 -12.63
C TYR A 51 7.19 -0.41 -12.71
N SER A 52 7.48 -0.93 -11.48
CA SER A 52 7.82 -2.31 -11.33
C SER A 52 6.68 -3.24 -11.04
N TYR A 53 6.03 -3.68 -12.14
CA TYR A 53 4.89 -4.63 -12.04
C TYR A 53 5.36 -6.02 -11.61
N THR A 54 4.51 -6.88 -11.14
CA THR A 54 4.71 -8.25 -10.91
C THR A 54 4.71 -8.97 -12.32
N ASP A 55 5.36 -10.16 -12.29
CA ASP A 55 5.47 -11.02 -13.44
C ASP A 55 3.98 -11.31 -13.92
N ALA A 56 3.15 -11.62 -12.97
CA ALA A 56 1.74 -11.97 -13.07
C ALA A 56 0.88 -10.98 -13.83
N ASN A 57 1.04 -9.70 -13.48
CA ASN A 57 0.25 -8.67 -14.21
C ASN A 57 0.64 -8.55 -15.65
N ILE A 58 1.90 -8.46 -15.90
CA ILE A 58 2.43 -8.32 -17.26
C ILE A 58 2.04 -9.41 -18.27
N LYS A 59 2.06 -10.63 -17.87
CA LYS A 59 1.88 -11.84 -18.64
C LYS A 59 0.40 -12.17 -18.80
N LYS A 60 -0.36 -11.52 -17.98
CA LYS A 60 -1.81 -11.63 -17.98
C LYS A 60 -2.32 -10.86 -19.22
N ASN A 61 -1.60 -9.86 -19.65
CA ASN A 61 -1.78 -9.02 -20.79
C ASN A 61 -3.25 -8.64 -20.97
N VAL A 62 -3.91 -8.24 -19.89
CA VAL A 62 -5.27 -7.73 -20.06
C VAL A 62 -5.41 -6.42 -20.83
N LEU A 63 -6.43 -6.39 -21.74
CA LEU A 63 -6.73 -5.14 -22.43
C LEU A 63 -7.82 -4.54 -21.51
N TRP A 64 -7.49 -3.38 -20.97
CA TRP A 64 -8.36 -2.73 -20.02
C TRP A 64 -9.50 -1.94 -20.71
N ASP A 65 -10.65 -2.45 -20.44
CA ASP A 65 -11.94 -1.87 -21.02
C ASP A 65 -12.81 -1.73 -19.79
N GLU A 66 -13.82 -0.90 -19.82
CA GLU A 66 -14.74 -0.75 -18.64
C GLU A 66 -15.25 -2.05 -18.15
N ASN A 67 -15.27 -3.06 -19.02
CA ASN A 67 -15.81 -4.39 -18.71
C ASN A 67 -14.93 -5.40 -17.93
N ASN A 68 -13.68 -5.50 -18.30
CA ASN A 68 -12.55 -6.29 -17.78
C ASN A 68 -12.23 -5.83 -16.34
N MET A 69 -12.24 -4.49 -16.39
CA MET A 69 -12.05 -3.65 -15.18
C MET A 69 -13.04 -4.00 -14.12
N SER A 70 -14.29 -4.25 -14.51
CA SER A 70 -15.32 -4.62 -13.52
C SER A 70 -15.06 -5.97 -12.86
N GLU A 71 -14.62 -6.92 -13.69
CA GLU A 71 -14.39 -8.27 -13.24
C GLU A 71 -13.09 -8.24 -12.32
N TYR A 72 -12.15 -7.47 -12.82
CA TYR A 72 -10.90 -7.27 -12.03
C TYR A 72 -11.22 -6.75 -10.63
N LEU A 73 -11.94 -5.62 -10.54
CA LEU A 73 -12.31 -4.99 -9.30
C LEU A 73 -13.14 -5.82 -8.38
N THR A 74 -13.77 -6.88 -8.93
CA THR A 74 -14.52 -7.77 -8.06
C THR A 74 -13.65 -8.53 -7.09
N ASN A 75 -12.47 -8.90 -7.60
CA ASN A 75 -11.50 -9.74 -6.92
C ASN A 75 -10.25 -9.83 -7.78
N PRO A 76 -9.40 -8.83 -7.54
CA PRO A 76 -8.14 -8.65 -8.23
C PRO A 76 -7.26 -9.90 -8.33
N LYS A 77 -7.05 -10.54 -7.18
CA LYS A 77 -6.21 -11.76 -7.09
C LYS A 77 -6.77 -13.00 -7.73
N LYS A 78 -8.12 -13.01 -7.84
CA LYS A 78 -8.83 -14.13 -8.51
C LYS A 78 -8.59 -13.86 -9.97
N TYR A 79 -8.66 -12.65 -10.44
CA TYR A 79 -8.45 -12.25 -11.85
C TYR A 79 -7.02 -12.33 -12.34
N ILE A 80 -6.06 -11.83 -11.52
CA ILE A 80 -4.58 -11.88 -11.80
C ILE A 80 -3.88 -12.51 -10.63
N PRO A 81 -3.86 -13.84 -10.65
CA PRO A 81 -3.33 -14.58 -9.51
C PRO A 81 -1.78 -14.21 -9.51
N GLY A 82 -1.43 -13.80 -8.30
CA GLY A 82 -0.03 -13.36 -8.09
C GLY A 82 0.17 -11.87 -8.10
N THR A 83 -0.89 -11.05 -8.33
CA THR A 83 -0.75 -9.59 -8.42
C THR A 83 -0.37 -9.13 -7.07
N LYS A 84 0.42 -8.11 -6.89
CA LYS A 84 0.73 -7.59 -5.61
C LYS A 84 -0.15 -6.49 -5.16
N MET A 85 -1.21 -6.29 -5.99
CA MET A 85 -2.28 -5.30 -5.56
C MET A 85 -3.08 -5.91 -4.43
N ALA A 86 -2.82 -5.37 -3.24
CA ALA A 86 -3.49 -5.80 -2.03
C ALA A 86 -4.83 -5.09 -1.75
N PHE A 87 -5.83 -5.50 -2.55
CA PHE A 87 -7.18 -4.95 -2.48
C PHE A 87 -8.12 -6.14 -2.58
N GLY A 88 -9.01 -6.30 -1.61
CA GLY A 88 -9.93 -7.38 -1.58
C GLY A 88 -10.91 -7.39 -2.71
N GLY A 89 -11.45 -6.23 -3.04
CA GLY A 89 -12.49 -6.26 -4.13
C GLY A 89 -13.72 -5.39 -3.75
N LEU A 90 -14.47 -5.10 -4.76
CA LEU A 90 -15.71 -4.30 -4.72
C LEU A 90 -16.81 -5.26 -5.25
N LYS A 91 -17.48 -5.85 -4.29
CA LYS A 91 -18.48 -6.88 -4.62
C LYS A 91 -19.74 -6.37 -5.22
N LYS A 92 -20.17 -5.18 -4.96
CA LYS A 92 -21.44 -4.69 -5.55
C LYS A 92 -21.17 -4.10 -6.89
N GLU A 93 -21.95 -4.62 -7.84
CA GLU A 93 -21.90 -4.11 -9.18
C GLU A 93 -22.18 -2.58 -9.21
N LYS A 94 -23.06 -2.13 -8.38
CA LYS A 94 -23.41 -0.70 -8.43
C LYS A 94 -22.22 0.20 -8.08
N ASP A 95 -21.47 -0.27 -7.14
CA ASP A 95 -20.18 0.41 -6.69
C ASP A 95 -19.14 0.46 -7.78
N ARG A 96 -18.92 -0.74 -8.37
CA ARG A 96 -18.06 -0.84 -9.53
C ARG A 96 -18.54 0.08 -10.68
N ASN A 97 -19.85 0.12 -10.96
CA ASN A 97 -20.33 0.96 -12.07
C ASN A 97 -20.02 2.41 -11.78
N ASP A 98 -20.33 2.86 -10.57
CA ASP A 98 -19.98 4.15 -10.16
C ASP A 98 -18.43 4.42 -10.35
N LEU A 99 -17.62 3.58 -9.79
CA LEU A 99 -16.16 3.81 -9.85
C LEU A 99 -15.65 3.83 -11.25
N ILE A 100 -16.00 2.90 -12.07
CA ILE A 100 -15.56 2.82 -13.46
C ILE A 100 -16.02 4.04 -14.28
N THR A 101 -17.23 4.50 -13.90
CA THR A 101 -17.81 5.70 -14.54
C THR A 101 -16.82 6.88 -14.33
N TYR A 102 -16.32 7.05 -13.12
CA TYR A 102 -15.37 8.03 -12.66
C TYR A 102 -13.99 7.78 -13.27
N LEU A 103 -13.63 6.50 -13.31
CA LEU A 103 -12.32 6.24 -14.00
C LEU A 103 -12.35 6.53 -15.49
N LYS A 104 -13.39 6.09 -16.18
CA LYS A 104 -13.58 6.36 -17.61
C LYS A 104 -13.32 7.82 -17.93
N LYS A 105 -13.88 8.66 -17.09
CA LYS A 105 -13.75 10.11 -17.20
C LYS A 105 -12.43 10.74 -16.78
N ALA A 106 -11.91 10.32 -15.64
CA ALA A 106 -10.71 10.99 -15.10
C ALA A 106 -9.42 10.51 -15.68
N THR A 107 -9.49 9.35 -16.21
CA THR A 107 -8.25 8.77 -16.88
C THR A 107 -8.08 9.08 -18.35
N GLU A 108 -8.92 9.89 -18.93
CA GLU A 108 -8.76 10.20 -20.37
C GLU A 108 -7.86 11.42 -20.53
N LYS B 3 6.31 -4.11 30.70
CA LYS B 3 6.15 -3.09 29.65
C LYS B 3 7.49 -2.48 29.29
N ILE B 4 7.64 -2.02 28.05
CA ILE B 4 8.89 -1.43 27.61
C ILE B 4 8.66 -0.08 26.92
N THR B 5 9.69 0.76 26.96
CA THR B 5 9.64 2.07 26.34
C THR B 5 10.06 2.01 24.87
N VAL B 6 9.29 2.68 24.03
CA VAL B 6 9.65 2.76 22.59
C VAL B 6 9.60 4.23 22.17
N HIS B 7 10.63 4.69 21.46
CA HIS B 7 10.66 6.07 20.97
C HIS B 7 10.43 6.07 19.45
N PHE B 8 9.57 6.95 18.98
CA PHE B 8 9.28 7.07 17.56
C PHE B 8 9.72 8.48 17.09
N ILE B 9 10.63 8.52 16.13
CA ILE B 9 10.95 9.79 15.49
C ILE B 9 9.97 9.99 14.32
N ASN B 10 9.02 10.88 14.54
CA ASN B 10 7.95 11.08 13.52
C ASN B 10 8.53 11.81 12.33
N ARG B 11 7.81 11.90 11.22
CA ARG B 11 8.35 12.56 10.03
C ARG B 11 8.58 14.05 10.23
N ASP B 12 7.84 14.66 11.15
CA ASP B 12 8.01 16.07 11.49
C ASP B 12 9.26 16.31 12.31
N GLY B 13 9.86 15.26 12.86
CA GLY B 13 11.09 15.39 13.62
C GLY B 13 10.84 15.28 15.12
N GLU B 14 9.56 15.28 15.52
CA GLU B 14 9.23 15.17 16.94
C GLU B 14 9.41 13.72 17.41
N THR B 15 9.94 13.56 18.63
CA THR B 15 10.10 12.25 19.19
C THR B 15 8.91 11.89 20.08
N LEU B 16 8.25 10.80 19.73
CA LEU B 16 7.09 10.31 20.48
C LEU B 16 7.58 9.18 21.40
N THR B 17 7.52 9.41 22.70
CA THR B 17 7.97 8.37 23.64
C THR B 17 6.74 7.71 24.26
N THR B 18 6.65 6.39 24.15
CA THR B 18 5.48 5.68 24.67
C THR B 18 5.85 4.29 25.15
N LYS B 19 4.89 3.62 25.77
CA LYS B 19 5.11 2.29 26.31
C LYS B 19 4.17 1.28 25.68
N GLY B 20 4.64 0.06 25.49
CA GLY B 20 3.85 -1.04 25.00
C GLY B 20 4.21 -2.30 25.80
N LYS B 21 3.39 -3.34 25.71
CA LYS B 21 3.66 -4.57 26.43
C LYS B 21 4.32 -5.60 25.51
N ILE B 22 5.25 -6.37 26.07
CA ILE B 22 5.90 -7.40 25.22
C ILE B 22 4.81 -8.25 24.57
N GLY B 23 4.96 -8.50 23.28
CA GLY B 23 4.00 -9.25 22.51
C GLY B 23 3.12 -8.35 21.65
N ASP B 24 2.99 -7.10 22.02
CA ASP B 24 2.21 -6.11 21.27
C ASP B 24 2.92 -5.81 19.94
N SER B 25 2.14 -5.61 18.87
CA SER B 25 2.79 -5.19 17.61
C SER B 25 3.11 -3.72 17.70
N LEU B 26 3.95 -3.21 16.81
CA LEU B 26 4.25 -1.77 16.80
C LEU B 26 3.05 -0.96 16.35
N LEU B 27 2.15 -1.57 15.59
CA LEU B 27 0.90 -0.88 15.19
C LEU B 27 -0.01 -0.76 16.41
N ASP B 28 -0.09 -1.84 17.18
CA ASP B 28 -0.82 -1.83 18.45
C ASP B 28 -0.31 -0.67 19.33
N VAL B 29 1.01 -0.55 19.43
CA VAL B 29 1.61 0.54 20.18
C VAL B 29 1.13 1.90 19.68
N VAL B 30 1.12 2.08 18.36
CA VAL B 30 0.70 3.37 17.82
C VAL B 30 -0.77 3.59 18.04
N VAL B 31 -1.58 2.58 17.80
CA VAL B 31 -3.05 2.73 17.86
C VAL B 31 -3.55 2.94 19.26
N GLN B 32 -3.12 2.12 20.23
CA GLN B 32 -3.58 2.25 21.60
C GLN B 32 -3.22 3.57 22.24
N ASN B 33 -2.00 4.05 21.99
CA ASN B 33 -1.51 5.26 22.61
C ASN B 33 -1.82 6.50 21.83
N ASN B 34 -2.65 6.40 20.79
CA ASN B 34 -3.04 7.50 19.96
C ASN B 34 -1.88 8.35 19.50
N LEU B 35 -0.81 7.71 19.03
CA LEU B 35 0.34 8.46 18.52
C LEU B 35 -0.04 9.23 17.27
N ASP B 36 0.47 10.44 17.13
CA ASP B 36 0.12 11.34 16.02
C ASP B 36 0.97 11.08 14.80
N ILE B 37 0.79 9.89 14.18
CA ILE B 37 1.58 9.57 12.98
C ILE B 37 0.62 9.46 11.79
N ASP B 38 0.65 10.50 10.95
CA ASP B 38 -0.30 10.58 9.85
C ASP B 38 -0.34 9.28 9.05
N GLY B 39 -1.55 8.76 8.88
CA GLY B 39 -1.87 7.62 8.10
C GLY B 39 -1.44 6.28 8.62
N PHE B 40 -0.79 6.22 9.78
CA PHE B 40 -0.17 4.95 10.22
C PHE B 40 -1.20 3.90 10.50
N GLY B 41 -1.07 2.72 9.88
CA GLY B 41 -1.96 1.59 10.17
C GLY B 41 -3.21 1.58 9.31
N ALA B 42 -3.12 2.12 8.11
CA ALA B 42 -4.24 2.23 7.19
C ALA B 42 -5.04 0.97 7.02
N CYS B 43 -4.43 -0.16 6.71
CA CYS B 43 -5.12 -1.43 6.54
C CYS B 43 -5.35 -2.17 7.84
N GLU B 44 -5.03 -1.55 8.98
CA GLU B 44 -5.21 -2.18 10.27
C GLU B 44 -4.52 -3.53 10.34
N GLY B 45 -3.28 -3.59 9.83
CA GLY B 45 -2.44 -4.72 9.86
C GLY B 45 -2.81 -5.94 9.10
N THR B 46 -3.19 -5.84 7.84
CA THR B 46 -3.51 -7.01 7.01
C THR B 46 -2.59 -7.12 5.81
N LEU B 47 -1.47 -6.39 5.84
CA LEU B 47 -0.53 -6.41 4.74
C LEU B 47 -1.13 -5.97 3.42
N ALA B 48 -1.88 -4.89 3.46
CA ALA B 48 -2.47 -4.31 2.23
C ALA B 48 -2.10 -2.85 2.12
N CYS B 49 -1.08 -2.43 2.90
CA CYS B 49 -0.70 -1.01 2.86
C CYS B 49 0.77 -0.86 3.25
N SER B 50 1.34 0.34 3.08
CA SER B 50 2.77 0.48 3.50
C SER B 50 2.92 1.52 4.59
N THR B 51 1.81 1.96 5.18
CA THR B 51 1.81 3.07 6.10
C THR B 51 2.40 2.77 7.46
N CYS B 52 2.60 1.51 7.82
CA CYS B 52 3.15 1.14 9.09
C CYS B 52 4.65 0.84 8.99
N HIS B 53 5.23 1.26 7.88
CA HIS B 53 6.68 1.11 7.66
C HIS B 53 7.45 1.85 8.76
N LEU B 54 8.41 1.15 9.36
CA LEU B 54 9.30 1.75 10.36
C LEU B 54 10.74 1.36 10.01
N ILE B 55 11.67 2.22 10.41
CA ILE B 55 13.09 2.02 10.19
C ILE B 55 13.73 1.76 11.58
N PHE B 56 14.35 0.60 11.72
CA PHE B 56 14.82 0.12 13.01
C PHE B 56 16.32 0.36 13.20
N GLU B 57 16.76 0.35 14.47
CA GLU B 57 18.22 0.32 14.74
C GLU B 57 18.78 -1.00 14.20
N GLN B 58 20.02 -0.97 13.72
CA GLN B 58 20.59 -2.20 13.13
C GLN B 58 20.62 -3.37 14.08
N HIS B 59 21.00 -3.18 15.33
CA HIS B 59 21.14 -4.31 16.26
C HIS B 59 19.79 -4.92 16.59
N ILE B 60 18.73 -4.12 16.54
CA ILE B 60 17.36 -4.60 16.69
C ILE B 60 16.93 -5.31 15.41
N PHE B 61 17.09 -4.65 14.27
CA PHE B 61 16.71 -5.20 12.99
C PHE B 61 17.21 -6.61 12.73
N GLU B 62 18.48 -6.87 13.04
CA GLU B 62 19.09 -8.14 12.71
C GLU B 62 18.55 -9.30 13.51
N LYS B 63 17.78 -9.07 14.56
CA LYS B 63 17.25 -10.18 15.37
C LYS B 63 15.74 -10.26 15.29
N LEU B 64 15.16 -9.53 14.33
CA LEU B 64 13.71 -9.58 14.14
C LEU B 64 13.32 -10.90 13.49
N GLU B 65 12.07 -11.30 13.66
CA GLU B 65 11.57 -12.54 13.05
C GLU B 65 11.74 -12.49 11.54
N ALA B 66 12.09 -13.61 10.93
CA ALA B 66 12.31 -13.70 9.51
C ALA B 66 11.14 -13.06 8.74
N ILE B 67 11.45 -12.27 7.73
CA ILE B 67 10.39 -11.59 6.97
C ILE B 67 9.66 -12.59 6.08
N THR B 68 8.35 -12.49 6.03
CA THR B 68 7.56 -13.36 5.15
C THR B 68 7.45 -12.73 3.76
N ASP B 69 7.11 -13.57 2.77
CA ASP B 69 6.95 -13.08 1.40
C ASP B 69 5.82 -12.05 1.34
N GLU B 70 4.77 -12.27 2.12
CA GLU B 70 3.63 -11.36 2.09
C GLU B 70 4.05 -9.96 2.55
N GLU B 71 4.81 -9.91 3.64
CA GLU B 71 5.28 -8.61 4.12
C GLU B 71 6.19 -7.95 3.08
N ASN B 72 7.12 -8.72 2.53
CA ASN B 72 8.05 -8.24 1.54
C ASN B 72 7.41 -7.61 0.33
N ASP B 73 6.30 -8.19 -0.16
CA ASP B 73 5.61 -7.66 -1.33
C ASP B 73 5.03 -6.28 -1.05
N MET B 74 4.51 -6.10 0.16
CA MET B 74 3.93 -4.81 0.57
C MET B 74 5.06 -3.83 0.88
N LEU B 75 6.10 -4.36 1.53
CA LEU B 75 7.23 -3.51 1.92
C LEU B 75 7.94 -2.94 0.71
N ASP B 76 8.00 -3.72 -0.37
CA ASP B 76 8.60 -3.32 -1.62
C ASP B 76 8.05 -2.00 -2.15
N CYS B 77 6.79 -1.69 -1.86
CA CYS B 77 6.13 -0.50 -2.32
C CYS B 77 6.26 0.69 -1.39
N ALA B 78 6.86 0.55 -0.22
CA ALA B 78 6.93 1.65 0.73
C ALA B 78 7.83 2.78 0.23
N TYR B 79 7.53 3.99 0.67
CA TYR B 79 8.38 5.15 0.43
C TYR B 79 9.55 5.13 1.43
N GLY B 80 10.71 5.60 1.03
CA GLY B 80 11.83 5.78 1.93
C GLY B 80 12.35 4.49 2.52
N LEU B 81 12.37 3.41 1.78
CA LEU B 81 12.89 2.13 2.18
C LEU B 81 14.37 2.20 2.55
N THR B 82 14.76 1.52 3.60
CA THR B 82 16.15 1.43 4.01
C THR B 82 16.50 -0.06 4.19
N ASP B 83 17.74 -0.33 4.52
CA ASP B 83 18.20 -1.68 4.79
C ASP B 83 17.72 -2.16 6.17
N ARG B 84 17.09 -1.29 6.93
CA ARG B 84 16.59 -1.66 8.27
C ARG B 84 15.09 -1.45 8.37
N SER B 85 14.37 -1.60 7.26
CA SER B 85 12.95 -1.34 7.19
C SER B 85 12.09 -2.58 7.38
N ARG B 86 11.00 -2.47 8.12
CA ARG B 86 10.02 -3.54 8.25
C ARG B 86 8.62 -2.89 8.35
N LEU B 87 7.58 -3.68 8.10
CA LEU B 87 6.22 -3.19 8.35
C LEU B 87 5.90 -3.39 9.83
N GLY B 88 5.69 -2.29 10.55
CA GLY B 88 5.50 -2.34 11.97
C GLY B 88 4.40 -3.23 12.46
N CYS B 89 3.31 -3.41 11.69
CA CYS B 89 2.21 -4.24 12.18
C CYS B 89 2.61 -5.71 12.30
N GLN B 90 3.75 -6.09 11.74
CA GLN B 90 4.25 -7.44 11.82
C GLN B 90 5.29 -7.63 12.92
N ILE B 91 5.72 -6.54 13.54
CA ILE B 91 6.82 -6.64 14.52
C ILE B 91 6.26 -6.48 15.93
N SER B 92 6.44 -7.50 16.77
CA SER B 92 5.94 -7.46 18.14
C SER B 92 7.08 -7.23 19.14
N LEU B 93 6.75 -6.53 20.21
CA LEU B 93 7.72 -6.10 21.19
C LEU B 93 8.41 -7.23 21.91
N THR B 94 9.72 -7.11 22.06
CA THR B 94 10.50 -8.10 22.81
C THR B 94 11.32 -7.36 23.87
N LYS B 95 11.90 -8.10 24.82
CA LYS B 95 12.73 -7.53 25.86
C LYS B 95 13.83 -6.64 25.29
N ALA B 96 14.50 -7.14 24.25
CA ALA B 96 15.62 -6.43 23.66
C ALA B 96 15.28 -5.08 23.08
N MET B 97 14.00 -4.78 22.87
CA MET B 97 13.55 -3.52 22.34
C MET B 97 13.30 -2.44 23.34
N ASP B 98 13.48 -2.75 24.65
CA ASP B 98 13.30 -1.69 25.64
C ASP B 98 14.19 -0.51 25.27
N ASN B 99 13.64 0.68 25.26
CA ASN B 99 14.31 1.90 24.98
C ASN B 99 14.76 2.08 23.53
N MET B 100 14.37 1.20 22.63
CA MET B 100 14.79 1.35 21.23
C MET B 100 14.16 2.60 20.61
N THR B 101 14.74 3.00 19.47
CA THR B 101 14.14 4.10 18.68
C THR B 101 13.83 3.60 17.27
N VAL B 102 12.64 3.93 16.77
CA VAL B 102 12.27 3.65 15.41
C VAL B 102 12.01 4.97 14.69
N ARG B 103 12.20 4.99 13.37
CA ARG B 103 11.98 6.19 12.59
C ARG B 103 10.85 6.01 11.60
N VAL B 104 9.96 7.00 11.56
CA VAL B 104 8.90 7.05 10.58
C VAL B 104 9.39 7.89 9.38
N PRO B 105 9.49 7.13 8.23
CA PRO B 105 9.99 7.79 7.03
C PRO B 105 8.99 8.69 6.38
FE HEC C . -4.51 -0.98 -7.76
CHA HEC C . -2.48 -2.30 -10.15
CHB HEC C . -6.73 -0.14 -10.19
CHC HEC C . -6.71 -0.18 -5.36
CHD HEC C . -2.08 -1.25 -5.52
NA HEC C . -4.54 -1.19 -9.72
C1A HEC C . -3.66 -1.73 -10.58
C2A HEC C . -4.23 -1.93 -11.93
C3A HEC C . -5.41 -1.30 -11.90
C4A HEC C . -5.68 -0.85 -10.61
CMA HEC C . -6.42 -1.19 -13.11
CAA HEC C . -3.43 -2.53 -13.04
CBA HEC C . -2.66 -1.40 -13.77
CGA HEC C . -1.95 -1.74 -15.08
O1A HEC C . -1.34 -0.78 -15.58
O2A HEC C . -2.02 -2.89 -15.56
NB HEC C . -6.38 -0.27 -7.76
C1B HEC C . -7.04 0.22 -8.88
C2B HEC C . -8.32 0.73 -8.38
C3B HEC C . -8.37 0.66 -7.03
C4B HEC C . -7.11 0.08 -6.69
CMB HEC C . -9.37 1.39 -9.35
CAB HEC C . -9.41 1.14 -6.04
CBB HEC C . -10.54 0.13 -5.79
NC HEC C . -4.37 -0.77 -5.79
C1C HEC C . -5.35 -0.44 -4.90
C2C HEC C . -4.97 -0.27 -3.55
C3C HEC C . -3.66 -0.62 -3.58
C4C HEC C . -3.27 -0.84 -4.97
CMC HEC C . -5.80 0.11 -2.36
CAC HEC C . -2.54 -0.47 -2.50
CBC HEC C . -2.94 -1.17 -1.17
ND HEC C . -2.62 -1.64 -7.80
C1D HEC C . -1.73 -1.68 -6.73
C2D HEC C . -0.52 -2.22 -7.16
C3D HEC C . -0.63 -2.54 -8.45
C4D HEC C . -2.00 -2.25 -8.85
CMD HEC C . 0.76 -2.49 -6.23
CAD HEC C . 0.44 -3.30 -9.28
CBD HEC C . 0.11 -4.76 -9.47
CGD HEC C . 1.23 -5.70 -9.92
O1D HEC C . 2.19 -5.18 -10.53
O2D HEC C . 0.97 -6.92 -9.77
HHA HEC C . -1.87 -2.81 -10.88
HHB HEC C . -7.42 0.21 -10.94
HHC HEC C . -7.48 -0.18 -4.61
HHD HEC C . -1.26 -1.23 -4.81
HMA1 HEC C . -6.92 -0.24 -13.08
HMA2 HEC C . -7.14 -1.99 -13.04
HMA3 HEC C . -5.87 -1.28 -14.04
HAA1 HEC C . -4.10 -3.02 -13.75
HAA2 HEC C . -2.73 -3.25 -12.65
HBA1 HEC C . -1.89 -1.03 -13.09
HBA2 HEC C . -3.35 -0.60 -13.98
HMB1 HEC C . -9.52 2.42 -9.07
HMB2 HEC C . -10.30 0.86 -9.30
HMB3 HEC C . -8.99 1.35 -10.36
HAB HEC C . -9.00 1.04 -5.05
HBB1 HEC C . -11.49 0.65 -5.75
HBB2 HEC C . -10.38 -0.37 -4.85
HBB3 HEC C . -10.56 -0.60 -6.59
HMC1 HEC C . -5.17 0.28 -1.51
HMC2 HEC C . -6.48 -0.70 -2.14
HMC3 HEC C . -6.37 1.00 -2.59
HAC HEC C . -1.64 -0.95 -2.86
HBC1 HEC C . -3.02 -2.23 -1.33
HBC2 HEC C . -3.88 -0.77 -0.83
HBC3 HEC C . -2.17 -0.97 -0.43
HMD1 HEC C . 1.15 -3.48 -6.44
HMD2 HEC C . 0.46 -2.43 -5.19
HMD3 HEC C . 1.52 -1.75 -6.44
HAD1 HEC C . 1.39 -3.22 -8.78
HAD2 HEC C . 0.52 -2.84 -10.26
HBD1 HEC C . -0.67 -4.83 -10.20
HBD2 HEC C . -0.26 -5.12 -8.52
FE1 FES D . -1.06 -2.07 6.65
FE2 FES D . 0.86 -2.79 8.33
S1 FES D . 0.55 -3.52 6.31
S2 FES D . -0.91 -1.61 8.80
N THR A 1 -22.94 -3.56 -22.94
CA THR A 1 -21.80 -4.41 -22.40
C THR A 1 -22.49 -5.36 -21.40
N GLU A 2 -22.00 -5.33 -20.20
CA GLU A 2 -22.54 -6.03 -19.01
C GLU A 2 -22.11 -5.12 -17.84
N PHE A 3 -21.98 -3.86 -18.21
CA PHE A 3 -21.51 -2.71 -17.49
C PHE A 3 -22.37 -1.50 -17.92
N LYS A 4 -22.89 -0.73 -17.00
CA LYS A 4 -23.69 0.45 -17.34
C LYS A 4 -23.21 1.60 -16.45
N ALA A 5 -23.37 2.80 -16.98
CA ALA A 5 -22.91 4.02 -16.31
C ALA A 5 -23.66 4.24 -14.99
N GLY A 6 -22.93 4.89 -14.08
CA GLY A 6 -23.41 5.21 -12.78
C GLY A 6 -23.09 6.66 -12.57
N SER A 7 -22.81 6.96 -11.34
CA SER A 7 -22.53 8.28 -10.83
C SER A 7 -21.00 8.43 -10.79
N ALA A 8 -20.57 9.38 -11.63
CA ALA A 8 -19.14 9.76 -11.62
C ALA A 8 -18.82 10.45 -10.29
N LYS A 9 -19.71 11.19 -9.73
CA LYS A 9 -19.39 11.89 -8.49
C LYS A 9 -19.24 10.78 -7.42
N LYS A 10 -20.22 9.89 -7.41
CA LYS A 10 -20.15 8.81 -6.38
C LYS A 10 -18.85 8.02 -6.52
N GLY A 11 -18.50 7.80 -7.75
CA GLY A 11 -17.26 7.07 -8.26
C GLY A 11 -16.04 7.84 -7.82
N ALA A 12 -16.02 9.13 -7.79
CA ALA A 12 -14.88 9.96 -7.34
C ALA A 12 -14.65 9.66 -5.87
N THR A 13 -15.65 9.59 -5.08
CA THR A 13 -15.49 9.39 -3.61
C THR A 13 -15.14 7.94 -3.29
N LEU A 14 -15.57 7.08 -4.19
CA LEU A 14 -15.16 5.68 -4.07
C LEU A 14 -13.67 5.67 -4.29
N PHE A 15 -13.22 6.30 -5.31
CA PHE A 15 -11.74 6.35 -5.65
C PHE A 15 -10.94 6.81 -4.49
N LYS A 16 -11.39 7.97 -3.93
CA LYS A 16 -10.73 8.61 -2.78
C LYS A 16 -10.67 7.69 -1.62
N THR A 17 -11.73 7.08 -1.20
CA THR A 17 -11.67 6.18 -0.05
C THR A 17 -11.07 4.83 -0.30
N ARG A 18 -11.06 4.27 -1.48
CA ARG A 18 -10.60 2.91 -1.74
C ARG A 18 -9.40 2.72 -2.63
N CYS A 19 -9.08 3.66 -3.47
CA CYS A 19 -7.94 3.56 -4.37
C CYS A 19 -6.79 4.58 -4.23
N LEU A 20 -7.06 5.76 -3.78
CA LEU A 20 -6.17 6.92 -3.66
C LEU A 20 -4.93 6.58 -2.74
N GLN A 21 -5.16 5.67 -1.88
CA GLN A 21 -4.02 5.26 -0.97
C GLN A 21 -2.88 4.76 -1.84
N CYS A 22 -3.16 4.20 -3.00
CA CYS A 22 -2.12 3.61 -3.78
C CYS A 22 -1.81 4.12 -5.15
N HIS A 23 -2.83 4.90 -5.68
CA HIS A 23 -2.85 5.37 -7.07
C HIS A 23 -3.32 6.80 -7.27
N THR A 24 -2.77 7.34 -8.32
CA THR A 24 -3.17 8.68 -8.86
C THR A 24 -3.83 8.44 -10.24
N VAL A 25 -4.67 9.40 -10.65
CA VAL A 25 -5.33 9.26 -11.95
C VAL A 25 -4.98 10.32 -12.99
N GLU A 26 -4.44 11.37 -12.51
CA GLU A 26 -4.14 12.53 -13.35
C GLU A 26 -2.98 12.33 -14.30
N LYS A 27 -3.08 13.02 -15.43
CA LYS A 27 -1.96 13.00 -16.42
C LYS A 27 -0.81 13.68 -15.77
N GLY A 28 0.37 13.04 -15.72
CA GLY A 28 1.49 13.72 -15.01
C GLY A 28 1.52 13.49 -13.53
N GLY A 29 0.66 12.60 -13.06
CA GLY A 29 0.54 12.12 -11.68
C GLY A 29 1.67 11.04 -11.57
N PRO A 30 2.17 10.98 -10.36
CA PRO A 30 3.18 9.98 -10.10
C PRO A 30 2.68 8.63 -9.76
N HIS A 31 3.61 7.63 -9.92
CA HIS A 31 3.43 6.28 -9.40
C HIS A 31 3.53 6.42 -7.91
N LYS A 32 2.76 5.57 -7.24
CA LYS A 32 2.94 5.47 -5.75
C LYS A 32 3.24 4.02 -5.46
N CYS A 33 2.45 3.44 -4.50
CA CYS A 33 2.45 1.99 -4.30
C CYS A 33 2.08 1.30 -5.58
N GLY A 34 0.96 1.84 -6.14
CA GLY A 34 0.49 1.47 -7.46
C GLY A 34 0.81 2.51 -8.52
N PRO A 35 0.70 2.06 -9.82
CA PRO A 35 1.01 2.94 -10.91
C PRO A 35 -0.05 4.03 -11.16
N ASN A 36 0.44 5.09 -11.69
CA ASN A 36 -0.49 6.17 -12.13
C ASN A 36 -1.40 5.46 -13.16
N LEU A 37 -2.72 5.74 -13.08
CA LEU A 37 -3.61 5.14 -14.04
C LEU A 37 -4.09 6.01 -15.24
N HIS A 38 -3.54 7.18 -15.42
CA HIS A 38 -3.97 7.94 -16.63
C HIS A 38 -3.76 7.10 -17.84
N GLY A 39 -4.77 7.15 -18.77
CA GLY A 39 -4.76 6.42 -19.99
C GLY A 39 -4.88 4.95 -19.92
N ILE A 40 -5.33 4.38 -18.82
CA ILE A 40 -5.45 2.94 -18.61
C ILE A 40 -6.38 2.25 -19.59
N PHE A 41 -7.44 2.97 -19.89
CA PHE A 41 -8.45 2.39 -20.85
C PHE A 41 -7.87 2.21 -22.23
N GLY A 42 -8.00 1.02 -22.74
CA GLY A 42 -7.44 0.65 -24.05
C GLY A 42 -5.98 0.17 -24.07
N ARG A 43 -5.29 0.32 -22.98
CA ARG A 43 -3.85 -0.10 -22.84
C ARG A 43 -3.88 -1.45 -22.23
N HIS A 44 -2.81 -2.21 -22.43
CA HIS A 44 -2.74 -3.56 -21.84
C HIS A 44 -2.07 -3.36 -20.47
N SER A 45 -2.28 -4.37 -19.66
CA SER A 45 -1.70 -4.42 -18.29
C SER A 45 -0.15 -4.48 -18.37
N GLY A 46 0.45 -3.86 -17.37
CA GLY A 46 1.94 -3.85 -17.28
C GLY A 46 2.69 -2.92 -18.17
N GLN A 47 2.17 -1.81 -18.65
CA GLN A 47 2.83 -0.96 -19.65
C GLN A 47 3.12 0.48 -19.31
N ALA A 48 2.71 0.89 -18.10
CA ALA A 48 3.09 2.22 -17.60
C ALA A 48 4.66 2.20 -17.39
N GLU A 49 5.32 3.23 -17.95
CA GLU A 49 6.80 3.18 -17.77
C GLU A 49 7.22 3.72 -16.42
N GLY A 50 8.32 3.07 -15.88
CA GLY A 50 8.88 3.45 -14.63
C GLY A 50 8.26 2.79 -13.42
N TYR A 51 7.41 1.81 -13.68
CA TYR A 51 6.78 1.05 -12.63
C TYR A 51 7.19 -0.41 -12.71
N SER A 52 7.48 -0.93 -11.48
CA SER A 52 7.82 -2.31 -11.33
C SER A 52 6.68 -3.24 -11.04
N TYR A 53 6.03 -3.68 -12.14
CA TYR A 53 4.89 -4.63 -12.04
C TYR A 53 5.36 -6.02 -11.61
N THR A 54 4.51 -6.88 -11.14
CA THR A 54 4.71 -8.25 -10.91
C THR A 54 4.71 -8.97 -12.32
N ASP A 55 5.36 -10.16 -12.29
CA ASP A 55 5.47 -11.02 -13.44
C ASP A 55 3.98 -11.31 -13.92
N ALA A 56 3.15 -11.62 -12.97
CA ALA A 56 1.74 -11.97 -13.07
C ALA A 56 0.88 -10.98 -13.83
N ASN A 57 1.04 -9.70 -13.48
CA ASN A 57 0.25 -8.67 -14.21
C ASN A 57 0.64 -8.55 -15.65
N ILE A 58 1.90 -8.46 -15.90
CA ILE A 58 2.43 -8.32 -17.26
C ILE A 58 2.04 -9.41 -18.27
N LYS A 59 2.06 -10.63 -17.87
CA LYS A 59 1.88 -11.84 -18.64
C LYS A 59 0.40 -12.17 -18.80
N LYS A 60 -0.36 -11.52 -17.98
CA LYS A 60 -1.81 -11.63 -17.98
C LYS A 60 -2.32 -10.86 -19.22
N ASN A 61 -1.60 -9.86 -19.65
CA ASN A 61 -1.78 -9.02 -20.79
C ASN A 61 -3.25 -8.64 -20.97
N VAL A 62 -3.91 -8.24 -19.89
CA VAL A 62 -5.27 -7.73 -20.06
C VAL A 62 -5.41 -6.42 -20.83
N LEU A 63 -6.43 -6.39 -21.74
CA LEU A 63 -6.73 -5.14 -22.43
C LEU A 63 -7.82 -4.54 -21.51
N TRP A 64 -7.49 -3.38 -20.97
CA TRP A 64 -8.36 -2.73 -20.02
C TRP A 64 -9.50 -1.94 -20.71
N ASP A 65 -10.65 -2.45 -20.44
CA ASP A 65 -11.94 -1.87 -21.02
C ASP A 65 -12.81 -1.73 -19.79
N GLU A 66 -13.82 -0.90 -19.82
CA GLU A 66 -14.74 -0.75 -18.64
C GLU A 66 -15.25 -2.05 -18.15
N ASN A 67 -15.27 -3.06 -19.02
CA ASN A 67 -15.81 -4.39 -18.71
C ASN A 67 -14.93 -5.40 -17.93
N ASN A 68 -13.68 -5.50 -18.30
CA ASN A 68 -12.55 -6.29 -17.78
C ASN A 68 -12.23 -5.83 -16.34
N MET A 69 -12.24 -4.49 -16.39
CA MET A 69 -12.05 -3.65 -15.18
C MET A 69 -13.04 -4.00 -14.12
N SER A 70 -14.29 -4.25 -14.51
CA SER A 70 -15.32 -4.62 -13.52
C SER A 70 -15.06 -5.97 -12.86
N GLU A 71 -14.62 -6.92 -13.69
CA GLU A 71 -14.39 -8.27 -13.24
C GLU A 71 -13.09 -8.24 -12.32
N TYR A 72 -12.15 -7.47 -12.82
CA TYR A 72 -10.90 -7.27 -12.03
C TYR A 72 -11.22 -6.75 -10.63
N LEU A 73 -11.94 -5.62 -10.54
CA LEU A 73 -12.31 -4.99 -9.30
C LEU A 73 -13.14 -5.82 -8.38
N THR A 74 -13.77 -6.88 -8.93
CA THR A 74 -14.52 -7.77 -8.06
C THR A 74 -13.65 -8.53 -7.09
N ASN A 75 -12.47 -8.90 -7.60
CA ASN A 75 -11.50 -9.74 -6.92
C ASN A 75 -10.25 -9.83 -7.78
N PRO A 76 -9.40 -8.83 -7.54
CA PRO A 76 -8.14 -8.65 -8.23
C PRO A 76 -7.26 -9.90 -8.33
N LYS A 77 -7.05 -10.54 -7.18
CA LYS A 77 -6.21 -11.76 -7.09
C LYS A 77 -6.77 -13.00 -7.73
N LYS A 78 -8.12 -13.01 -7.84
CA LYS A 78 -8.83 -14.13 -8.51
C LYS A 78 -8.59 -13.86 -9.97
N TYR A 79 -8.66 -12.65 -10.44
CA TYR A 79 -8.45 -12.25 -11.85
C TYR A 79 -7.02 -12.33 -12.34
N ILE A 80 -6.06 -11.83 -11.52
CA ILE A 80 -4.58 -11.88 -11.80
C ILE A 80 -3.88 -12.51 -10.63
N PRO A 81 -3.86 -13.84 -10.65
CA PRO A 81 -3.33 -14.58 -9.51
C PRO A 81 -1.78 -14.21 -9.51
N GLY A 82 -1.43 -13.80 -8.30
CA GLY A 82 -0.03 -13.36 -8.09
C GLY A 82 0.17 -11.87 -8.10
N THR A 83 -0.89 -11.05 -8.33
CA THR A 83 -0.75 -9.59 -8.42
C THR A 83 -0.37 -9.13 -7.07
N LYS A 84 0.42 -8.11 -6.89
CA LYS A 84 0.73 -7.59 -5.61
C LYS A 84 -0.15 -6.49 -5.16
N MET A 85 -1.21 -6.29 -5.99
CA MET A 85 -2.28 -5.30 -5.56
C MET A 85 -3.08 -5.91 -4.43
N ALA A 86 -2.82 -5.37 -3.24
CA ALA A 86 -3.49 -5.80 -2.03
C ALA A 86 -4.83 -5.09 -1.75
N PHE A 87 -5.83 -5.50 -2.55
CA PHE A 87 -7.18 -4.95 -2.48
C PHE A 87 -8.12 -6.14 -2.58
N GLY A 88 -9.01 -6.30 -1.61
CA GLY A 88 -9.93 -7.38 -1.58
C GLY A 88 -10.91 -7.39 -2.71
N GLY A 89 -11.45 -6.23 -3.04
CA GLY A 89 -12.49 -6.26 -4.13
C GLY A 89 -13.72 -5.39 -3.75
N LEU A 90 -14.47 -5.10 -4.76
CA LEU A 90 -15.71 -4.30 -4.72
C LEU A 90 -16.81 -5.26 -5.25
N LYS A 91 -17.48 -5.85 -4.29
CA LYS A 91 -18.48 -6.88 -4.62
C LYS A 91 -19.74 -6.37 -5.22
N LYS A 92 -20.17 -5.18 -4.96
CA LYS A 92 -21.44 -4.69 -5.55
C LYS A 92 -21.17 -4.10 -6.89
N GLU A 93 -21.95 -4.62 -7.84
CA GLU A 93 -21.90 -4.11 -9.18
C GLU A 93 -22.18 -2.58 -9.21
N LYS A 94 -23.06 -2.13 -8.38
CA LYS A 94 -23.41 -0.70 -8.43
C LYS A 94 -22.22 0.20 -8.08
N ASP A 95 -21.47 -0.27 -7.14
CA ASP A 95 -20.18 0.41 -6.69
C ASP A 95 -19.14 0.46 -7.78
N ARG A 96 -18.92 -0.74 -8.37
CA ARG A 96 -18.06 -0.84 -9.53
C ARG A 96 -18.54 0.08 -10.68
N ASN A 97 -19.85 0.12 -10.96
CA ASN A 97 -20.33 0.96 -12.07
C ASN A 97 -20.02 2.41 -11.78
N ASP A 98 -20.33 2.86 -10.57
CA ASP A 98 -19.98 4.15 -10.16
C ASP A 98 -18.43 4.42 -10.35
N LEU A 99 -17.62 3.58 -9.79
CA LEU A 99 -16.16 3.81 -9.85
C LEU A 99 -15.65 3.83 -11.25
N ILE A 100 -16.00 2.90 -12.07
CA ILE A 100 -15.56 2.82 -13.46
C ILE A 100 -16.02 4.04 -14.28
N THR A 101 -17.23 4.50 -13.90
CA THR A 101 -17.81 5.70 -14.54
C THR A 101 -16.82 6.88 -14.33
N TYR A 102 -16.32 7.05 -13.12
CA TYR A 102 -15.37 8.03 -12.66
C TYR A 102 -13.99 7.78 -13.27
N LEU A 103 -13.63 6.50 -13.31
CA LEU A 103 -12.32 6.24 -14.00
C LEU A 103 -12.35 6.53 -15.49
N LYS A 104 -13.39 6.09 -16.18
CA LYS A 104 -13.58 6.36 -17.61
C LYS A 104 -13.32 7.82 -17.93
N LYS A 105 -13.88 8.66 -17.09
CA LYS A 105 -13.75 10.11 -17.20
C LYS A 105 -12.43 10.74 -16.78
N ALA A 106 -11.91 10.32 -15.64
CA ALA A 106 -10.71 10.99 -15.10
C ALA A 106 -9.42 10.51 -15.68
N THR A 107 -9.49 9.35 -16.21
CA THR A 107 -8.25 8.77 -16.88
C THR A 107 -8.08 9.08 -18.35
N GLU A 108 -8.92 9.89 -18.93
CA GLU A 108 -8.76 10.20 -20.37
C GLU A 108 -7.86 11.42 -20.53
N LYS B 3 8.12 -2.09 30.90
CA LYS B 3 7.94 -1.14 29.79
C LYS B 3 9.28 -0.60 29.33
N ILE B 4 9.38 -0.22 28.06
CA ILE B 4 10.64 0.29 27.51
C ILE B 4 10.42 1.61 26.77
N THR B 5 11.49 2.40 26.70
CA THR B 5 11.47 3.68 26.01
C THR B 5 11.79 3.50 24.52
N VAL B 6 11.01 4.18 23.68
CA VAL B 6 11.29 4.16 22.23
C VAL B 6 11.29 5.60 21.72
N HIS B 7 12.29 5.97 20.95
CA HIS B 7 12.35 7.32 20.38
C HIS B 7 12.02 7.25 18.87
N PHE B 8 11.18 8.15 18.40
CA PHE B 8 10.82 8.21 16.99
C PHE B 8 11.30 9.55 16.43
N ILE B 9 12.14 9.51 15.41
CA ILE B 9 12.49 10.73 14.68
C ILE B 9 11.46 10.91 13.56
N ASN B 10 10.55 11.85 13.78
CA ASN B 10 9.44 12.05 12.82
C ASN B 10 9.97 12.69 11.56
N ARG B 11 9.20 12.75 10.48
CA ARG B 11 9.70 13.32 9.22
C ARG B 11 10.00 14.81 9.33
N ASP B 12 9.35 15.50 10.26
CA ASP B 12 9.60 16.91 10.51
C ASP B 12 10.91 17.14 11.24
N GLY B 13 11.49 16.09 11.82
CA GLY B 13 12.77 16.20 12.50
C GLY B 13 12.60 16.18 14.01
N GLU B 14 11.35 16.27 14.48
CA GLU B 14 11.10 16.24 15.92
C GLU B 14 11.24 14.82 16.46
N THR B 15 11.83 14.70 17.64
CA THR B 15 11.97 13.41 18.29
C THR B 15 10.82 13.16 19.26
N LEU B 16 10.09 12.09 19.00
CA LEU B 16 8.96 11.70 19.85
C LEU B 16 9.45 10.60 20.80
N THR B 17 9.46 10.91 22.09
CA THR B 17 9.93 9.89 23.06
C THR B 17 8.70 9.33 23.77
N THR B 18 8.55 8.01 23.75
CA THR B 18 7.39 7.38 24.38
C THR B 18 7.72 6.01 24.92
N LYS B 19 6.77 5.42 25.62
CA LYS B 19 6.97 4.11 26.22
C LYS B 19 5.94 3.11 25.71
N GLY B 20 6.34 1.87 25.55
CA GLY B 20 5.48 0.78 25.17
C GLY B 20 5.82 -0.45 26.03
N LYS B 21 4.94 -1.45 26.04
CA LYS B 21 5.20 -2.66 26.81
C LYS B 21 5.76 -3.75 25.93
N ILE B 22 6.69 -4.55 26.46
CA ILE B 22 7.23 -5.65 25.64
C ILE B 22 6.06 -6.47 25.10
N GLY B 23 6.13 -6.80 23.81
CA GLY B 23 5.09 -7.55 23.15
C GLY B 23 4.21 -6.65 22.29
N ASP B 24 4.16 -5.38 22.60
CA ASP B 24 3.38 -4.40 21.83
C ASP B 24 4.02 -4.20 20.45
N SER B 25 3.18 -4.02 19.42
CA SER B 25 3.78 -3.70 18.10
C SER B 25 4.17 -2.24 18.10
N LEU B 26 4.98 -1.83 17.12
CA LEU B 26 5.34 -0.41 17.02
C LEU B 26 4.16 0.44 16.59
N LEU B 27 3.19 -0.17 15.92
CA LEU B 27 1.95 0.56 15.56
C LEU B 27 1.13 0.79 16.82
N ASP B 28 1.05 -0.25 17.65
CA ASP B 28 0.39 -0.13 18.95
C ASP B 28 1.00 1.05 19.74
N VAL B 29 2.33 1.12 19.75
CA VAL B 29 3.02 2.21 20.41
C VAL B 29 2.58 3.56 19.86
N VAL B 30 2.50 3.68 18.53
CA VAL B 30 2.12 4.96 17.95
C VAL B 30 0.66 5.26 18.23
N VAL B 31 -0.20 4.27 18.10
CA VAL B 31 -1.66 4.50 18.25
C VAL B 31 -2.06 4.82 19.66
N GLN B 32 -1.63 4.03 20.64
CA GLN B 32 -1.99 4.25 22.02
C GLN B 32 -1.53 5.58 22.57
N ASN B 33 -0.31 5.99 22.23
CA ASN B 33 0.27 7.20 22.74
C ASN B 33 -0.03 8.42 21.91
N ASN B 34 -0.92 8.30 20.93
CA ASN B 34 -1.30 9.38 20.07
C ASN B 34 -0.13 10.14 19.48
N LEU B 35 0.88 9.43 18.99
CA LEU B 35 2.03 10.08 18.37
C LEU B 35 1.61 10.80 17.11
N ASP B 36 2.17 11.97 16.88
CA ASP B 36 1.80 12.83 15.73
C ASP B 36 2.55 12.47 14.48
N ILE B 37 2.29 11.25 13.94
CA ILE B 37 2.98 10.83 12.72
C ILE B 37 1.96 10.70 11.60
N ASP B 38 1.97 11.69 10.71
CA ASP B 38 0.97 11.76 9.65
C ASP B 38 0.82 10.43 8.93
N GLY B 39 -0.42 9.95 8.86
CA GLY B 39 -0.84 8.80 8.17
C GLY B 39 -0.44 7.46 8.73
N PHE B 40 0.27 7.44 9.86
CA PHE B 40 0.85 6.17 10.32
C PHE B 40 -0.19 5.17 10.73
N GLY B 41 -0.16 3.96 10.17
CA GLY B 41 -1.08 2.91 10.58
C GLY B 41 -2.38 2.91 9.78
N ALA B 42 -2.33 3.38 8.56
CA ALA B 42 -3.51 3.49 7.70
C ALA B 42 -4.37 2.27 7.65
N CYS B 43 -3.83 1.09 7.37
CA CYS B 43 -4.59 -0.15 7.30
C CYS B 43 -4.78 -0.81 8.66
N GLU B 44 -4.36 -0.15 9.73
CA GLU B 44 -4.50 -0.70 11.08
C GLU B 44 -3.86 -2.08 11.17
N GLY B 45 -2.66 -2.22 10.60
CA GLY B 45 -1.87 -3.38 10.65
C GLY B 45 -2.34 -4.64 9.98
N THR B 46 -2.79 -4.58 8.73
CA THR B 46 -3.21 -5.76 8.00
C THR B 46 -2.38 -5.99 6.76
N LEU B 47 -1.22 -5.32 6.68
CA LEU B 47 -0.34 -5.45 5.54
C LEU B 47 -1.00 -5.06 4.23
N ALA B 48 -1.70 -3.92 4.24
CA ALA B 48 -2.34 -3.40 3.03
C ALA B 48 -1.90 -1.95 2.80
N CYS B 49 -0.82 -1.54 3.50
CA CYS B 49 -0.37 -0.14 3.36
C CYS B 49 1.12 -0.06 3.66
N SER B 50 1.73 1.11 3.39
CA SER B 50 3.18 1.20 3.71
C SER B 50 3.45 2.29 4.74
N THR B 51 2.40 2.81 5.37
CA THR B 51 2.50 3.97 6.22
C THR B 51 3.17 3.72 7.55
N CYS B 52 3.31 2.46 7.97
CA CYS B 52 3.93 2.14 9.23
C CYS B 52 5.40 1.76 9.07
N HIS B 53 5.94 2.09 7.90
CA HIS B 53 7.36 1.85 7.61
C HIS B 53 8.23 2.61 8.62
N LEU B 54 9.19 1.91 9.20
CA LEU B 54 10.16 2.51 10.11
C LEU B 54 11.57 2.04 9.71
N ILE B 55 12.55 2.86 10.00
CA ILE B 55 13.95 2.59 9.72
C ILE B 55 14.67 2.37 11.08
N PHE B 56 15.23 1.19 11.25
CA PHE B 56 15.75 0.76 12.54
C PHE B 56 17.27 0.93 12.63
N GLU B 57 17.79 0.97 13.86
CA GLU B 57 19.25 0.89 14.05
C GLU B 57 19.73 -0.49 13.57
N GLN B 58 20.93 -0.55 13.01
CA GLN B 58 21.41 -1.83 12.46
C GLN B 58 21.44 -2.95 13.48
N HIS B 59 21.90 -2.71 14.68
CA HIS B 59 22.04 -3.80 15.67
C HIS B 59 20.68 -4.33 16.12
N ILE B 60 19.66 -3.47 16.07
CA ILE B 60 18.29 -3.88 16.33
C ILE B 60 17.75 -4.63 15.12
N PHE B 61 17.88 -4.05 13.93
CA PHE B 61 17.39 -4.64 12.70
C PHE B 61 17.81 -6.09 12.50
N GLU B 62 19.07 -6.39 12.76
CA GLU B 62 19.61 -7.71 12.46
C GLU B 62 19.07 -8.80 13.36
N LYS B 63 18.38 -8.48 14.44
CA LYS B 63 17.84 -9.50 15.34
C LYS B 63 16.32 -9.51 15.34
N LEU B 64 15.73 -8.82 14.37
CA LEU B 64 14.27 -8.80 14.27
C LEU B 64 13.77 -10.14 13.72
N GLU B 65 12.52 -10.47 13.99
CA GLU B 65 11.93 -11.71 13.48
C GLU B 65 12.01 -11.75 11.95
N ALA B 66 12.28 -12.91 11.40
CA ALA B 66 12.40 -13.09 9.96
C ALA B 66 11.23 -12.44 9.24
N ILE B 67 11.51 -11.72 8.16
CA ILE B 67 10.44 -11.03 7.43
C ILE B 67 9.61 -12.04 6.64
N THR B 68 8.30 -11.87 6.65
CA THR B 68 7.42 -12.75 5.87
C THR B 68 7.26 -12.19 4.46
N ASP B 69 6.83 -13.07 3.54
CA ASP B 69 6.61 -12.64 2.16
C ASP B 69 5.53 -11.56 2.10
N GLU B 70 4.51 -11.69 2.94
CA GLU B 70 3.42 -10.73 2.93
C GLU B 70 3.93 -9.33 3.28
N GLU B 71 4.75 -9.25 4.34
CA GLU B 71 5.31 -7.95 4.71
C GLU B 71 6.19 -7.41 3.58
N ASN B 72 7.05 -8.25 3.02
CA ASN B 72 7.94 -7.86 1.95
C ASN B 72 7.25 -7.27 0.75
N ASP B 73 6.10 -7.81 0.35
CA ASP B 73 5.36 -7.32 -0.80
C ASP B 73 4.86 -5.89 -0.57
N MET B 74 4.42 -5.63 0.66
CA MET B 74 3.93 -4.30 1.03
C MET B 74 5.12 -3.35 1.21
N LEU B 75 6.17 -3.89 1.84
CA LEU B 75 7.36 -3.08 2.11
C LEU B 75 8.03 -2.62 0.85
N ASP B 76 7.99 -3.45 -0.20
CA ASP B 76 8.52 -3.15 -1.50
C ASP B 76 8.01 -1.84 -2.07
N CYS B 77 6.78 -1.45 -1.73
CA CYS B 77 6.15 -0.26 -2.22
C CYS B 77 6.39 0.98 -1.36
N ALA B 78 7.04 0.86 -0.22
CA ALA B 78 7.23 2.01 0.66
C ALA B 78 8.14 3.06 0.04
N TYR B 79 7.93 4.31 0.42
CA TYR B 79 8.82 5.42 0.07
C TYR B 79 10.03 5.39 1.00
N GLY B 80 11.19 5.79 0.51
CA GLY B 80 12.37 5.95 1.35
C GLY B 80 12.87 4.67 1.98
N LEU B 81 12.80 3.55 1.30
CA LEU B 81 13.27 2.27 1.74
C LEU B 81 14.79 2.28 2.01
N THR B 82 15.20 1.65 3.08
CA THR B 82 16.61 1.52 3.42
C THR B 82 16.89 0.01 3.65
N ASP B 83 18.15 -0.29 3.93
CA ASP B 83 18.55 -1.65 4.26
C ASP B 83 18.14 -2.03 5.68
N ARG B 84 17.59 -1.08 6.42
CA ARG B 84 17.16 -1.36 7.81
C ARG B 84 15.67 -1.07 7.98
N SER B 85 14.89 -1.25 6.93
CA SER B 85 13.47 -0.91 6.92
C SER B 85 12.58 -2.11 7.24
N ARG B 86 11.53 -1.91 8.03
CA ARG B 86 10.51 -2.91 8.28
C ARG B 86 9.16 -2.19 8.41
N LEU B 87 8.07 -2.94 8.27
CA LEU B 87 6.75 -2.37 8.57
C LEU B 87 6.51 -2.48 10.07
N GLY B 88 6.38 -1.33 10.74
CA GLY B 88 6.28 -1.29 12.17
C GLY B 88 5.18 -2.10 12.77
N CYS B 89 4.03 -2.26 12.08
CA CYS B 89 2.92 -3.02 12.66
C CYS B 89 3.27 -4.49 12.84
N GLN B 90 4.35 -4.96 12.25
CA GLN B 90 4.79 -6.33 12.37
C GLN B 90 5.89 -6.50 13.43
N ILE B 91 6.41 -5.41 13.96
CA ILE B 91 7.55 -5.51 14.88
C ILE B 91 7.08 -5.24 16.31
N SER B 92 7.27 -6.22 17.18
CA SER B 92 6.85 -6.09 18.57
C SER B 92 8.06 -5.87 19.49
N LEU B 93 7.83 -5.09 20.55
CA LEU B 93 8.87 -4.65 21.44
C LEU B 93 9.54 -5.79 22.19
N THR B 94 10.87 -5.72 22.25
CA THR B 94 11.66 -6.70 23.01
C THR B 94 12.57 -5.95 23.99
N LYS B 95 13.16 -6.67 24.94
CA LYS B 95 14.07 -6.08 25.89
C LYS B 95 15.17 -5.29 25.22
N ALA B 96 15.77 -5.86 24.16
CA ALA B 96 16.88 -5.25 23.48
C ALA B 96 16.57 -3.91 22.85
N MET B 97 15.30 -3.56 22.69
CA MET B 97 14.87 -2.32 22.11
C MET B 97 14.73 -1.17 23.08
N ASP B 98 14.97 -1.42 24.37
CA ASP B 98 14.90 -0.30 25.32
C ASP B 98 15.82 0.82 24.83
N ASN B 99 15.33 2.04 24.78
CA ASN B 99 16.03 3.21 24.39
C ASN B 99 16.40 3.28 22.91
N MET B 100 15.92 2.36 22.09
CA MET B 100 16.27 2.43 20.67
C MET B 100 15.66 3.67 20.01
N THR B 101 16.18 3.98 18.81
CA THR B 101 15.60 5.07 18.01
C THR B 101 15.18 4.50 16.65
N VAL B 102 13.98 4.86 16.20
CA VAL B 102 13.52 4.52 14.87
C VAL B 102 13.27 5.84 14.09
N ARG B 103 13.38 5.76 12.76
CA ARG B 103 13.17 6.93 11.94
C ARG B 103 11.98 6.75 11.01
N VAL B 104 11.13 7.78 10.97
CA VAL B 104 10.02 7.84 10.06
C VAL B 104 10.49 8.57 8.79
N PRO B 105 10.48 7.75 7.69
CA PRO B 105 10.93 8.32 6.42
C PRO B 105 9.94 9.24 5.77
FE HEC C . -4.51 -0.98 -7.76
CHA HEC C . -2.48 -2.30 -10.15
CHB HEC C . -6.73 -0.14 -10.19
CHC HEC C . -6.71 -0.18 -5.36
CHD HEC C . -2.08 -1.25 -5.52
NA HEC C . -4.54 -1.19 -9.72
C1A HEC C . -3.66 -1.73 -10.58
C2A HEC C . -4.23 -1.93 -11.93
C3A HEC C . -5.41 -1.30 -11.90
C4A HEC C . -5.68 -0.85 -10.61
CMA HEC C . -6.42 -1.19 -13.11
CAA HEC C . -3.43 -2.53 -13.04
CBA HEC C . -2.66 -1.40 -13.77
CGA HEC C . -1.95 -1.74 -15.08
O1A HEC C . -1.34 -0.78 -15.58
O2A HEC C . -2.02 -2.89 -15.56
NB HEC C . -6.38 -0.27 -7.76
C1B HEC C . -7.04 0.22 -8.88
C2B HEC C . -8.32 0.73 -8.38
C3B HEC C . -8.37 0.66 -7.03
C4B HEC C . -7.11 0.08 -6.69
CMB HEC C . -9.37 1.39 -9.35
CAB HEC C . -9.41 1.14 -6.04
CBB HEC C . -10.54 0.13 -5.79
NC HEC C . -4.37 -0.77 -5.79
C1C HEC C . -5.35 -0.44 -4.90
C2C HEC C . -4.97 -0.27 -3.55
C3C HEC C . -3.66 -0.62 -3.58
C4C HEC C . -3.27 -0.84 -4.97
CMC HEC C . -5.80 0.11 -2.36
CAC HEC C . -2.54 -0.47 -2.50
CBC HEC C . -2.94 -1.17 -1.17
ND HEC C . -2.62 -1.64 -7.80
C1D HEC C . -1.73 -1.68 -6.73
C2D HEC C . -0.52 -2.22 -7.16
C3D HEC C . -0.63 -2.54 -8.45
C4D HEC C . -2.00 -2.25 -8.85
CMD HEC C . 0.76 -2.49 -6.23
CAD HEC C . 0.44 -3.30 -9.28
CBD HEC C . 0.11 -4.76 -9.47
CGD HEC C . 1.23 -5.70 -9.92
O1D HEC C . 2.19 -5.18 -10.53
O2D HEC C . 0.97 -6.92 -9.77
HHA HEC C . -1.87 -2.81 -10.88
HHB HEC C . -7.42 0.21 -10.94
HHC HEC C . -7.48 -0.18 -4.61
HHD HEC C . -1.26 -1.23 -4.81
HMA1 HEC C . -6.92 -0.24 -13.08
HMA2 HEC C . -7.14 -1.99 -13.04
HMA3 HEC C . -5.87 -1.28 -14.04
HAA1 HEC C . -4.10 -3.02 -13.75
HAA2 HEC C . -2.73 -3.25 -12.65
HBA1 HEC C . -1.89 -1.03 -13.09
HBA2 HEC C . -3.35 -0.60 -13.98
HMB1 HEC C . -9.52 2.42 -9.07
HMB2 HEC C . -10.30 0.86 -9.30
HMB3 HEC C . -8.99 1.35 -10.36
HAB HEC C . -9.00 1.04 -5.05
HBB1 HEC C . -11.49 0.65 -5.75
HBB2 HEC C . -10.38 -0.37 -4.85
HBB3 HEC C . -10.56 -0.60 -6.59
HMC1 HEC C . -5.17 0.28 -1.51
HMC2 HEC C . -6.48 -0.70 -2.14
HMC3 HEC C . -6.37 1.00 -2.59
HAC HEC C . -1.64 -0.95 -2.86
HBC1 HEC C . -3.02 -2.23 -1.33
HBC2 HEC C . -3.88 -0.77 -0.83
HBC3 HEC C . -2.17 -0.97 -0.43
HMD1 HEC C . 1.15 -3.48 -6.44
HMD2 HEC C . 0.46 -2.43 -5.19
HMD3 HEC C . 1.52 -1.75 -6.44
HAD1 HEC C . 1.39 -3.22 -8.78
HAD2 HEC C . 0.52 -2.84 -10.26
HBD1 HEC C . -0.67 -4.83 -10.20
HBD2 HEC C . -0.26 -5.12 -8.52
FE1 FES D . -0.56 -0.99 7.22
FE2 FES D . 1.42 -1.71 8.83
S1 FES D . 0.96 -2.53 6.88
S2 FES D . -0.26 -0.42 9.33
N THR A 1 -22.94 -3.56 -22.94
CA THR A 1 -21.80 -4.41 -22.40
C THR A 1 -22.49 -5.36 -21.40
N GLU A 2 -22.00 -5.33 -20.20
CA GLU A 2 -22.54 -6.03 -19.01
C GLU A 2 -22.11 -5.12 -17.84
N PHE A 3 -21.98 -3.86 -18.21
CA PHE A 3 -21.51 -2.71 -17.49
C PHE A 3 -22.37 -1.50 -17.92
N LYS A 4 -22.89 -0.73 -17.00
CA LYS A 4 -23.69 0.45 -17.34
C LYS A 4 -23.21 1.60 -16.45
N ALA A 5 -23.37 2.80 -16.98
CA ALA A 5 -22.91 4.02 -16.31
C ALA A 5 -23.66 4.24 -14.99
N GLY A 6 -22.93 4.89 -14.08
CA GLY A 6 -23.41 5.21 -12.78
C GLY A 6 -23.09 6.66 -12.57
N SER A 7 -22.81 6.96 -11.34
CA SER A 7 -22.53 8.28 -10.83
C SER A 7 -21.00 8.43 -10.79
N ALA A 8 -20.57 9.38 -11.63
CA ALA A 8 -19.14 9.76 -11.62
C ALA A 8 -18.82 10.45 -10.29
N LYS A 9 -19.71 11.19 -9.73
CA LYS A 9 -19.39 11.89 -8.49
C LYS A 9 -19.24 10.78 -7.42
N LYS A 10 -20.22 9.89 -7.41
CA LYS A 10 -20.15 8.81 -6.38
C LYS A 10 -18.85 8.02 -6.52
N GLY A 11 -18.50 7.80 -7.75
CA GLY A 11 -17.26 7.07 -8.26
C GLY A 11 -16.04 7.84 -7.82
N ALA A 12 -16.02 9.13 -7.79
CA ALA A 12 -14.88 9.96 -7.34
C ALA A 12 -14.65 9.66 -5.87
N THR A 13 -15.65 9.59 -5.08
CA THR A 13 -15.49 9.39 -3.61
C THR A 13 -15.14 7.94 -3.29
N LEU A 14 -15.57 7.08 -4.19
CA LEU A 14 -15.16 5.68 -4.07
C LEU A 14 -13.67 5.67 -4.29
N PHE A 15 -13.22 6.30 -5.31
CA PHE A 15 -11.74 6.35 -5.65
C PHE A 15 -10.94 6.81 -4.49
N LYS A 16 -11.39 7.97 -3.93
CA LYS A 16 -10.73 8.61 -2.78
C LYS A 16 -10.67 7.69 -1.62
N THR A 17 -11.73 7.08 -1.20
CA THR A 17 -11.67 6.18 -0.05
C THR A 17 -11.07 4.83 -0.30
N ARG A 18 -11.06 4.27 -1.48
CA ARG A 18 -10.60 2.91 -1.74
C ARG A 18 -9.40 2.72 -2.63
N CYS A 19 -9.08 3.66 -3.47
CA CYS A 19 -7.94 3.56 -4.37
C CYS A 19 -6.79 4.58 -4.23
N LEU A 20 -7.06 5.76 -3.78
CA LEU A 20 -6.17 6.92 -3.66
C LEU A 20 -4.93 6.58 -2.74
N GLN A 21 -5.16 5.67 -1.88
CA GLN A 21 -4.02 5.26 -0.97
C GLN A 21 -2.88 4.76 -1.84
N CYS A 22 -3.16 4.20 -3.00
CA CYS A 22 -2.12 3.61 -3.78
C CYS A 22 -1.81 4.12 -5.15
N HIS A 23 -2.83 4.90 -5.68
CA HIS A 23 -2.85 5.37 -7.07
C HIS A 23 -3.32 6.80 -7.27
N THR A 24 -2.77 7.34 -8.32
CA THR A 24 -3.17 8.68 -8.86
C THR A 24 -3.83 8.44 -10.24
N VAL A 25 -4.67 9.40 -10.65
CA VAL A 25 -5.33 9.26 -11.95
C VAL A 25 -4.98 10.32 -12.99
N GLU A 26 -4.44 11.37 -12.51
CA GLU A 26 -4.14 12.53 -13.35
C GLU A 26 -2.98 12.33 -14.30
N LYS A 27 -3.08 13.02 -15.43
CA LYS A 27 -1.96 13.00 -16.42
C LYS A 27 -0.81 13.68 -15.77
N GLY A 28 0.37 13.04 -15.72
CA GLY A 28 1.49 13.72 -15.01
C GLY A 28 1.52 13.49 -13.53
N GLY A 29 0.66 12.60 -13.06
CA GLY A 29 0.54 12.12 -11.68
C GLY A 29 1.67 11.04 -11.57
N PRO A 30 2.17 10.98 -10.36
CA PRO A 30 3.18 9.98 -10.10
C PRO A 30 2.68 8.63 -9.76
N HIS A 31 3.61 7.63 -9.92
CA HIS A 31 3.43 6.28 -9.40
C HIS A 31 3.53 6.42 -7.91
N LYS A 32 2.76 5.57 -7.24
CA LYS A 32 2.94 5.47 -5.75
C LYS A 32 3.24 4.02 -5.46
N CYS A 33 2.45 3.44 -4.50
CA CYS A 33 2.45 1.99 -4.30
C CYS A 33 2.08 1.30 -5.58
N GLY A 34 0.96 1.84 -6.14
CA GLY A 34 0.49 1.47 -7.46
C GLY A 34 0.81 2.51 -8.52
N PRO A 35 0.70 2.06 -9.82
CA PRO A 35 1.01 2.94 -10.91
C PRO A 35 -0.05 4.03 -11.16
N ASN A 36 0.44 5.09 -11.69
CA ASN A 36 -0.49 6.17 -12.13
C ASN A 36 -1.40 5.46 -13.16
N LEU A 37 -2.72 5.74 -13.08
CA LEU A 37 -3.61 5.14 -14.04
C LEU A 37 -4.09 6.01 -15.24
N HIS A 38 -3.54 7.18 -15.42
CA HIS A 38 -3.97 7.94 -16.63
C HIS A 38 -3.76 7.10 -17.84
N GLY A 39 -4.77 7.15 -18.77
CA GLY A 39 -4.76 6.42 -19.99
C GLY A 39 -4.88 4.95 -19.92
N ILE A 40 -5.33 4.38 -18.82
CA ILE A 40 -5.45 2.94 -18.61
C ILE A 40 -6.38 2.25 -19.59
N PHE A 41 -7.44 2.97 -19.89
CA PHE A 41 -8.45 2.39 -20.85
C PHE A 41 -7.87 2.21 -22.23
N GLY A 42 -8.00 1.02 -22.74
CA GLY A 42 -7.44 0.65 -24.05
C GLY A 42 -5.98 0.17 -24.07
N ARG A 43 -5.29 0.32 -22.98
CA ARG A 43 -3.85 -0.10 -22.84
C ARG A 43 -3.88 -1.45 -22.23
N HIS A 44 -2.81 -2.21 -22.43
CA HIS A 44 -2.74 -3.56 -21.84
C HIS A 44 -2.07 -3.36 -20.47
N SER A 45 -2.28 -4.37 -19.66
CA SER A 45 -1.70 -4.42 -18.29
C SER A 45 -0.15 -4.48 -18.37
N GLY A 46 0.45 -3.86 -17.37
CA GLY A 46 1.94 -3.85 -17.28
C GLY A 46 2.69 -2.92 -18.17
N GLN A 47 2.17 -1.81 -18.65
CA GLN A 47 2.83 -0.96 -19.65
C GLN A 47 3.12 0.48 -19.31
N ALA A 48 2.71 0.89 -18.10
CA ALA A 48 3.09 2.22 -17.60
C ALA A 48 4.66 2.20 -17.39
N GLU A 49 5.32 3.23 -17.95
CA GLU A 49 6.80 3.18 -17.77
C GLU A 49 7.22 3.72 -16.42
N GLY A 50 8.32 3.07 -15.88
CA GLY A 50 8.88 3.45 -14.63
C GLY A 50 8.26 2.79 -13.42
N TYR A 51 7.41 1.81 -13.68
CA TYR A 51 6.78 1.05 -12.63
C TYR A 51 7.19 -0.41 -12.71
N SER A 52 7.48 -0.93 -11.48
CA SER A 52 7.82 -2.31 -11.33
C SER A 52 6.68 -3.24 -11.04
N TYR A 53 6.03 -3.68 -12.14
CA TYR A 53 4.89 -4.63 -12.04
C TYR A 53 5.36 -6.02 -11.61
N THR A 54 4.51 -6.88 -11.14
CA THR A 54 4.71 -8.25 -10.91
C THR A 54 4.71 -8.97 -12.32
N ASP A 55 5.36 -10.16 -12.29
CA ASP A 55 5.47 -11.02 -13.44
C ASP A 55 3.98 -11.31 -13.92
N ALA A 56 3.15 -11.62 -12.97
CA ALA A 56 1.74 -11.97 -13.07
C ALA A 56 0.88 -10.98 -13.83
N ASN A 57 1.04 -9.70 -13.48
CA ASN A 57 0.25 -8.67 -14.21
C ASN A 57 0.64 -8.55 -15.65
N ILE A 58 1.90 -8.46 -15.90
CA ILE A 58 2.43 -8.32 -17.26
C ILE A 58 2.04 -9.41 -18.27
N LYS A 59 2.06 -10.63 -17.87
CA LYS A 59 1.88 -11.84 -18.64
C LYS A 59 0.40 -12.17 -18.80
N LYS A 60 -0.36 -11.52 -17.98
CA LYS A 60 -1.81 -11.63 -17.98
C LYS A 60 -2.32 -10.86 -19.22
N ASN A 61 -1.60 -9.86 -19.65
CA ASN A 61 -1.78 -9.02 -20.79
C ASN A 61 -3.25 -8.64 -20.97
N VAL A 62 -3.91 -8.24 -19.89
CA VAL A 62 -5.27 -7.73 -20.06
C VAL A 62 -5.41 -6.42 -20.83
N LEU A 63 -6.43 -6.39 -21.74
CA LEU A 63 -6.73 -5.14 -22.43
C LEU A 63 -7.82 -4.54 -21.51
N TRP A 64 -7.49 -3.38 -20.97
CA TRP A 64 -8.36 -2.73 -20.02
C TRP A 64 -9.50 -1.94 -20.71
N ASP A 65 -10.65 -2.45 -20.44
CA ASP A 65 -11.94 -1.87 -21.02
C ASP A 65 -12.81 -1.73 -19.79
N GLU A 66 -13.82 -0.90 -19.82
CA GLU A 66 -14.74 -0.75 -18.64
C GLU A 66 -15.25 -2.05 -18.15
N ASN A 67 -15.27 -3.06 -19.02
CA ASN A 67 -15.81 -4.39 -18.71
C ASN A 67 -14.93 -5.40 -17.93
N ASN A 68 -13.68 -5.50 -18.30
CA ASN A 68 -12.55 -6.29 -17.78
C ASN A 68 -12.23 -5.83 -16.34
N MET A 69 -12.24 -4.49 -16.39
CA MET A 69 -12.05 -3.65 -15.18
C MET A 69 -13.04 -4.00 -14.12
N SER A 70 -14.29 -4.25 -14.51
CA SER A 70 -15.32 -4.62 -13.52
C SER A 70 -15.06 -5.97 -12.86
N GLU A 71 -14.62 -6.92 -13.69
CA GLU A 71 -14.39 -8.27 -13.24
C GLU A 71 -13.09 -8.24 -12.32
N TYR A 72 -12.15 -7.47 -12.82
CA TYR A 72 -10.90 -7.27 -12.03
C TYR A 72 -11.22 -6.75 -10.63
N LEU A 73 -11.94 -5.62 -10.54
CA LEU A 73 -12.31 -4.99 -9.30
C LEU A 73 -13.14 -5.82 -8.38
N THR A 74 -13.77 -6.88 -8.93
CA THR A 74 -14.52 -7.77 -8.06
C THR A 74 -13.65 -8.53 -7.09
N ASN A 75 -12.47 -8.90 -7.60
CA ASN A 75 -11.50 -9.74 -6.92
C ASN A 75 -10.25 -9.83 -7.78
N PRO A 76 -9.40 -8.83 -7.54
CA PRO A 76 -8.14 -8.65 -8.23
C PRO A 76 -7.26 -9.90 -8.33
N LYS A 77 -7.05 -10.54 -7.18
CA LYS A 77 -6.21 -11.76 -7.09
C LYS A 77 -6.77 -13.00 -7.73
N LYS A 78 -8.12 -13.01 -7.84
CA LYS A 78 -8.83 -14.13 -8.51
C LYS A 78 -8.59 -13.86 -9.97
N TYR A 79 -8.66 -12.65 -10.44
CA TYR A 79 -8.45 -12.25 -11.85
C TYR A 79 -7.02 -12.33 -12.34
N ILE A 80 -6.06 -11.83 -11.52
CA ILE A 80 -4.58 -11.88 -11.80
C ILE A 80 -3.88 -12.51 -10.63
N PRO A 81 -3.86 -13.84 -10.65
CA PRO A 81 -3.33 -14.58 -9.51
C PRO A 81 -1.78 -14.21 -9.51
N GLY A 82 -1.43 -13.80 -8.30
CA GLY A 82 -0.03 -13.36 -8.09
C GLY A 82 0.17 -11.87 -8.10
N THR A 83 -0.89 -11.05 -8.33
CA THR A 83 -0.75 -9.59 -8.42
C THR A 83 -0.37 -9.13 -7.07
N LYS A 84 0.42 -8.11 -6.89
CA LYS A 84 0.73 -7.59 -5.61
C LYS A 84 -0.15 -6.49 -5.16
N MET A 85 -1.21 -6.29 -5.99
CA MET A 85 -2.28 -5.30 -5.56
C MET A 85 -3.08 -5.91 -4.43
N ALA A 86 -2.82 -5.37 -3.24
CA ALA A 86 -3.49 -5.80 -2.03
C ALA A 86 -4.83 -5.09 -1.75
N PHE A 87 -5.83 -5.50 -2.55
CA PHE A 87 -7.18 -4.95 -2.48
C PHE A 87 -8.12 -6.14 -2.58
N GLY A 88 -9.01 -6.30 -1.61
CA GLY A 88 -9.93 -7.38 -1.58
C GLY A 88 -10.91 -7.39 -2.71
N GLY A 89 -11.45 -6.23 -3.04
CA GLY A 89 -12.49 -6.26 -4.13
C GLY A 89 -13.72 -5.39 -3.75
N LEU A 90 -14.47 -5.10 -4.76
CA LEU A 90 -15.71 -4.30 -4.72
C LEU A 90 -16.81 -5.26 -5.25
N LYS A 91 -17.48 -5.85 -4.29
CA LYS A 91 -18.48 -6.88 -4.62
C LYS A 91 -19.74 -6.37 -5.22
N LYS A 92 -20.17 -5.18 -4.96
CA LYS A 92 -21.44 -4.69 -5.55
C LYS A 92 -21.17 -4.10 -6.89
N GLU A 93 -21.95 -4.62 -7.84
CA GLU A 93 -21.90 -4.11 -9.18
C GLU A 93 -22.18 -2.58 -9.21
N LYS A 94 -23.06 -2.13 -8.38
CA LYS A 94 -23.41 -0.70 -8.43
C LYS A 94 -22.22 0.20 -8.08
N ASP A 95 -21.47 -0.27 -7.14
CA ASP A 95 -20.18 0.41 -6.69
C ASP A 95 -19.14 0.46 -7.78
N ARG A 96 -18.92 -0.74 -8.37
CA ARG A 96 -18.06 -0.84 -9.53
C ARG A 96 -18.54 0.08 -10.68
N ASN A 97 -19.85 0.12 -10.96
CA ASN A 97 -20.33 0.96 -12.07
C ASN A 97 -20.02 2.41 -11.78
N ASP A 98 -20.33 2.86 -10.57
CA ASP A 98 -19.98 4.15 -10.16
C ASP A 98 -18.43 4.42 -10.35
N LEU A 99 -17.62 3.58 -9.79
CA LEU A 99 -16.16 3.81 -9.85
C LEU A 99 -15.65 3.83 -11.25
N ILE A 100 -16.00 2.90 -12.07
CA ILE A 100 -15.56 2.82 -13.46
C ILE A 100 -16.02 4.04 -14.28
N THR A 101 -17.23 4.50 -13.90
CA THR A 101 -17.81 5.70 -14.54
C THR A 101 -16.82 6.88 -14.33
N TYR A 102 -16.32 7.05 -13.12
CA TYR A 102 -15.37 8.03 -12.66
C TYR A 102 -13.99 7.78 -13.27
N LEU A 103 -13.63 6.50 -13.31
CA LEU A 103 -12.32 6.24 -14.00
C LEU A 103 -12.35 6.53 -15.49
N LYS A 104 -13.39 6.09 -16.18
CA LYS A 104 -13.58 6.36 -17.61
C LYS A 104 -13.32 7.82 -17.93
N LYS A 105 -13.88 8.66 -17.09
CA LYS A 105 -13.75 10.11 -17.20
C LYS A 105 -12.43 10.74 -16.78
N ALA A 106 -11.91 10.32 -15.64
CA ALA A 106 -10.71 10.99 -15.10
C ALA A 106 -9.42 10.51 -15.68
N THR A 107 -9.49 9.35 -16.21
CA THR A 107 -8.25 8.77 -16.88
C THR A 107 -8.08 9.08 -18.35
N GLU A 108 -8.92 9.89 -18.93
CA GLU A 108 -8.76 10.20 -20.37
C GLU A 108 -7.86 11.42 -20.53
N LYS B 3 9.81 -3.98 30.39
CA LYS B 3 9.63 -2.96 29.34
C LYS B 3 10.99 -2.50 28.82
N ILE B 4 11.03 -2.06 27.57
CA ILE B 4 12.29 -1.63 26.96
C ILE B 4 12.13 -0.26 26.29
N THR B 5 13.25 0.46 26.19
CA THR B 5 13.28 1.76 25.56
C THR B 5 13.51 1.64 24.05
N VAL B 6 12.73 2.39 23.30
CA VAL B 6 12.92 2.43 21.83
C VAL B 6 12.98 3.90 21.39
N HIS B 7 13.97 4.23 20.56
CA HIS B 7 14.09 5.61 20.05
C HIS B 7 13.68 5.63 18.56
N PHE B 8 12.87 6.60 18.19
CA PHE B 8 12.45 6.76 16.81
C PHE B 8 12.98 8.09 16.26
N ILE B 9 13.76 8.04 15.20
CA ILE B 9 14.16 9.26 14.51
C ILE B 9 13.07 9.56 13.46
N ASN B 10 12.25 10.56 13.78
CA ASN B 10 11.10 10.88 12.89
C ASN B 10 11.61 11.54 11.63
N ARG B 11 10.78 11.71 10.61
CA ARG B 11 11.25 12.29 9.36
C ARG B 11 11.66 13.75 9.51
N ASP B 12 11.12 14.44 10.50
CA ASP B 12 11.48 15.82 10.79
C ASP B 12 12.85 15.92 11.45
N GLY B 13 13.38 14.80 11.95
CA GLY B 13 14.70 14.79 12.55
C GLY B 13 14.62 14.72 14.08
N GLU B 14 13.42 14.86 14.61
CA GLU B 14 13.25 14.80 16.07
C GLU B 14 13.31 13.34 16.55
N THR B 15 13.96 13.12 17.68
CA THR B 15 14.04 11.80 18.25
C THR B 15 12.94 11.58 19.28
N LEU B 16 12.12 10.57 19.03
CA LEU B 16 11.01 10.22 19.92
C LEU B 16 11.47 9.05 20.78
N THR B 17 11.58 9.29 22.08
CA THR B 17 12.03 8.20 22.98
C THR B 17 10.81 7.69 23.75
N THR B 18 10.56 6.39 23.68
CA THR B 18 9.39 5.83 24.35
C THR B 18 9.65 4.40 24.80
N LYS B 19 8.71 3.85 25.54
CA LYS B 19 8.83 2.50 26.08
C LYS B 19 7.71 1.60 25.57
N GLY B 20 8.01 0.35 25.34
CA GLY B 20 7.05 -0.66 24.97
C GLY B 20 7.35 -1.95 25.76
N LYS B 21 6.41 -2.88 25.77
CA LYS B 21 6.62 -4.14 26.47
C LYS B 21 7.05 -5.24 25.50
N ILE B 22 7.95 -6.12 25.95
CA ILE B 22 8.36 -7.21 25.04
C ILE B 22 7.10 -7.93 24.55
N GLY B 23 7.07 -8.20 23.25
CA GLY B 23 5.95 -8.84 22.62
C GLY B 23 5.07 -7.84 21.85
N ASP B 24 5.14 -6.57 22.21
CA ASP B 24 4.39 -5.52 21.54
C ASP B 24 4.97 -5.29 20.14
N SER B 25 4.09 -5.01 19.18
CA SER B 25 4.63 -4.67 17.83
C SER B 25 5.12 -3.24 17.86
N LEU B 26 5.90 -2.84 16.86
CA LEU B 26 6.36 -1.45 16.80
C LEU B 26 5.22 -0.50 16.48
N LEU B 27 4.17 -1.00 15.83
CA LEU B 27 2.97 -0.17 15.58
C LEU B 27 2.24 0.05 16.90
N ASP B 28 2.13 -1.01 17.70
CA ASP B 28 1.58 -0.91 19.05
C ASP B 28 2.30 0.18 19.84
N VAL B 29 3.63 0.16 19.77
CA VAL B 29 4.44 1.16 20.44
C VAL B 29 4.06 2.56 19.98
N VAL B 30 3.91 2.75 18.66
CA VAL B 30 3.59 4.08 18.15
C VAL B 30 2.17 4.48 18.55
N VAL B 31 1.24 3.55 18.42
CA VAL B 31 -0.18 3.87 18.65
C VAL B 31 -0.47 4.15 20.10
N GLN B 32 -0.04 3.29 21.03
CA GLN B 32 -0.32 3.47 22.44
C GLN B 32 0.28 4.73 23.01
N ASN B 33 1.50 5.07 22.61
CA ASN B 33 2.21 6.22 23.14
C ASN B 33 1.94 7.49 22.38
N ASN B 34 1.00 7.49 21.45
CA ASN B 34 0.63 8.62 20.66
C ASN B 34 1.82 9.33 20.04
N LEU B 35 2.75 8.57 19.47
CA LEU B 35 3.90 9.17 18.81
C LEU B 35 3.47 9.98 17.60
N ASP B 36 4.09 11.13 17.38
CA ASP B 36 3.72 12.05 16.31
C ASP B 36 4.37 11.70 15.00
N ILE B 37 3.99 10.53 14.43
CA ILE B 37 4.59 10.13 13.14
C ILE B 37 3.49 10.13 12.08
N ASP B 38 3.53 11.15 11.23
CA ASP B 38 2.47 11.34 10.24
C ASP B 38 2.18 10.05 9.47
N GLY B 39 0.91 9.67 9.47
CA GLY B 39 0.36 8.58 8.75
C GLY B 39 0.70 7.20 9.23
N PHE B 40 1.47 7.06 10.30
CA PHE B 40 1.98 5.74 10.69
C PHE B 40 0.89 4.80 11.11
N GLY B 41 0.80 3.62 10.49
CA GLY B 41 -0.17 2.61 10.92
C GLY B 41 -1.51 2.74 10.19
N ALA B 42 -1.50 3.27 8.99
CA ALA B 42 -2.71 3.51 8.21
C ALA B 42 -3.66 2.35 8.16
N CYS B 43 -3.23 1.15 7.79
CA CYS B 43 -4.07 -0.04 7.73
C CYS B 43 -4.23 -0.74 9.07
N GLU B 44 -3.70 -0.17 10.13
CA GLU B 44 -3.80 -0.76 11.46
C GLU B 44 -3.27 -2.18 11.45
N GLY B 45 -2.11 -2.39 10.81
CA GLY B 45 -1.40 -3.60 10.77
C GLY B 45 -2.00 -4.79 10.07
N THR B 46 -2.52 -4.64 8.86
CA THR B 46 -3.08 -5.75 8.10
C THR B 46 -2.33 -5.98 6.79
N LEU B 47 -1.13 -5.39 6.68
CA LEU B 47 -0.34 -5.52 5.48
C LEU B 47 -1.04 -5.02 4.23
N ALA B 48 -1.65 -3.84 4.34
CA ALA B 48 -2.31 -3.21 3.18
C ALA B 48 -1.79 -1.80 3.00
N CYS B 49 -0.65 -1.50 3.65
CA CYS B 49 -0.10 -0.14 3.54
C CYS B 49 1.41 -0.17 3.74
N SER B 50 2.09 0.96 3.50
CA SER B 50 3.55 0.93 3.73
C SER B 50 3.95 1.96 4.78
N THR B 51 2.99 2.52 5.50
CA THR B 51 3.23 3.62 6.39
C THR B 51 3.95 3.26 7.67
N CYS B 52 4.03 1.99 8.02
CA CYS B 52 4.68 1.56 9.23
C CYS B 52 6.11 1.08 8.96
N HIS B 53 6.60 1.43 7.78
CA HIS B 53 7.98 1.11 7.39
C HIS B 53 8.97 1.76 8.38
N LEU B 54 9.90 0.95 8.87
CA LEU B 54 10.98 1.45 9.74
C LEU B 54 12.31 0.90 9.23
N ILE B 55 13.36 1.64 9.49
CA ILE B 55 14.72 1.28 9.12
C ILE B 55 15.50 0.95 10.42
N PHE B 56 15.98 -0.27 10.51
CA PHE B 56 16.56 -0.80 11.74
C PHE B 56 18.08 -0.74 11.75
N GLU B 57 18.66 -0.80 12.95
CA GLU B 57 20.13 -0.99 13.04
C GLU B 57 20.47 -2.38 12.48
N GLN B 58 21.64 -2.49 11.84
CA GLN B 58 21.99 -3.77 11.20
C GLN B 58 22.00 -4.94 12.17
N HIS B 59 22.54 -4.80 13.35
CA HIS B 59 22.65 -5.93 14.28
C HIS B 59 21.30 -6.39 14.78
N ILE B 60 20.35 -5.46 14.85
CA ILE B 60 18.95 -5.78 15.16
C ILE B 60 18.29 -6.44 13.96
N PHE B 61 18.39 -5.81 12.79
CA PHE B 61 17.79 -6.31 11.57
C PHE B 61 18.10 -7.77 11.29
N GLU B 62 19.35 -8.17 11.45
CA GLU B 62 19.77 -9.51 11.06
C GLU B 62 19.20 -10.61 11.94
N LYS B 63 18.60 -10.28 13.08
CA LYS B 63 18.04 -11.31 13.96
C LYS B 63 16.53 -11.21 14.05
N LEU B 64 15.93 -10.43 13.16
CA LEU B 64 14.47 -10.31 13.14
C LEU B 64 13.85 -11.58 12.57
N GLU B 65 12.59 -11.83 12.90
CA GLU B 65 11.88 -13.00 12.37
C GLU B 65 11.87 -12.97 10.85
N ALA B 66 12.02 -14.13 10.23
CA ALA B 66 12.05 -14.24 8.78
C ALA B 66 10.89 -13.48 8.16
N ILE B 67 11.17 -12.72 7.10
CA ILE B 67 10.11 -11.94 6.46
C ILE B 67 9.16 -12.84 5.68
N THR B 68 7.87 -12.58 5.78
CA THR B 68 6.88 -13.37 5.02
C THR B 68 6.69 -12.72 3.64
N ASP B 69 6.12 -13.53 2.72
CA ASP B 69 5.87 -13.01 1.37
C ASP B 69 4.86 -11.87 1.42
N GLU B 70 3.88 -11.96 2.32
CA GLU B 70 2.87 -10.92 2.42
C GLU B 70 3.50 -9.59 2.80
N GLU B 71 4.40 -9.62 3.80
CA GLU B 71 5.07 -8.38 4.19
C GLU B 71 5.91 -7.85 3.04
N ASN B 72 6.67 -8.72 2.40
CA ASN B 72 7.53 -8.34 1.30
C ASN B 72 6.81 -7.65 0.16
N ASP B 73 5.59 -8.08 -0.18
CA ASP B 73 4.83 -7.49 -1.27
C ASP B 73 4.45 -6.04 -0.95
N MET B 74 4.11 -5.81 0.32
CA MET B 74 3.75 -4.47 0.76
C MET B 74 5.00 -3.61 0.92
N LEU B 75 6.05 -4.26 1.46
CA LEU B 75 7.31 -3.55 1.70
C LEU B 75 7.93 -3.07 0.41
N ASP B 76 7.77 -3.85 -0.66
CA ASP B 76 8.25 -3.52 -1.98
C ASP B 76 7.80 -2.15 -2.47
N CYS B 77 6.62 -1.70 -2.03
CA CYS B 77 6.06 -0.44 -2.43
C CYS B 77 6.43 0.74 -1.53
N ALA B 78 7.15 0.52 -0.45
CA ALA B 78 7.47 1.61 0.47
C ALA B 78 8.42 2.62 -0.15
N TYR B 79 8.31 3.86 0.30
CA TYR B 79 9.26 4.91 -0.06
C TYR B 79 10.52 4.76 0.79
N GLY B 80 11.68 5.10 0.25
CA GLY B 80 12.91 5.14 1.01
C GLY B 80 13.35 3.80 1.55
N LEU B 81 13.16 2.72 0.83
CA LEU B 81 13.57 1.39 1.19
C LEU B 81 15.09 1.29 1.37
N THR B 82 15.52 0.57 2.38
CA THR B 82 16.92 0.32 2.63
C THR B 82 17.11 -1.20 2.78
N ASP B 83 18.36 -1.61 2.96
CA ASP B 83 18.68 -3.01 3.21
C ASP B 83 18.32 -3.42 4.64
N ARG B 84 17.89 -2.47 5.46
CA ARG B 84 17.52 -2.79 6.84
C ARG B 84 16.07 -2.40 7.13
N SER B 85 15.22 -2.48 6.11
CA SER B 85 13.84 -2.05 6.20
C SER B 85 12.87 -3.19 6.52
N ARG B 86 11.89 -2.94 7.38
CA ARG B 86 10.82 -3.88 7.65
C ARG B 86 9.52 -3.08 7.90
N LEU B 87 8.37 -3.75 7.79
CA LEU B 87 7.13 -3.11 8.20
C LEU B 87 6.97 -3.26 9.71
N GLY B 88 6.96 -2.14 10.42
CA GLY B 88 6.94 -2.17 11.87
C GLY B 88 5.82 -2.92 12.50
N CYS B 89 4.62 -2.97 11.87
CA CYS B 89 3.51 -3.68 12.49
C CYS B 89 3.76 -5.17 12.58
N GLN B 90 4.76 -5.69 11.91
CA GLN B 90 5.11 -7.09 11.94
C GLN B 90 6.24 -7.39 12.92
N ILE B 91 6.88 -6.35 13.46
CA ILE B 91 8.06 -6.59 14.31
C ILE B 91 7.69 -6.36 15.78
N SER B 92 7.86 -7.39 16.60
CA SER B 92 7.54 -7.29 18.01
C SER B 92 8.81 -7.20 18.87
N LEU B 93 8.70 -6.46 19.96
CA LEU B 93 9.82 -6.14 20.81
C LEU B 93 10.46 -7.35 21.46
N THR B 94 11.78 -7.37 21.45
CA THR B 94 12.54 -8.45 22.12
C THR B 94 13.55 -7.81 23.07
N LYS B 95 14.14 -8.62 23.94
CA LYS B 95 15.16 -8.14 24.87
C LYS B 95 16.27 -7.39 24.16
N ALA B 96 16.76 -7.95 23.05
CA ALA B 96 17.87 -7.39 22.32
C ALA B 96 17.62 -6.01 21.77
N MET B 97 16.36 -5.56 21.71
CA MET B 97 16.01 -4.27 21.20
C MET B 97 16.00 -3.16 22.22
N ASP B 98 16.30 -3.48 23.49
CA ASP B 98 16.36 -2.41 24.49
C ASP B 98 17.33 -1.34 24.00
N ASN B 99 16.93 -0.09 24.03
CA ASN B 99 17.69 1.05 23.64
C ASN B 99 17.98 1.17 22.16
N MET B 100 17.39 0.33 21.33
CA MET B 100 17.64 0.43 19.89
C MET B 100 17.11 1.74 19.32
N THR B 101 17.58 2.07 18.11
CA THR B 101 17.04 3.23 17.39
C THR B 101 16.49 2.77 16.03
N VAL B 102 15.29 3.23 15.68
CA VAL B 102 14.74 3.00 14.37
C VAL B 102 14.54 4.35 13.67
N ARG B 103 14.57 4.33 12.33
CA ARG B 103 14.40 5.56 11.57
C ARG B 103 13.15 5.51 10.71
N VAL B 104 12.37 6.60 10.77
CA VAL B 104 11.21 6.76 9.92
C VAL B 104 11.66 7.53 8.66
N PRO B 105 11.52 6.76 7.52
CA PRO B 105 11.95 7.35 6.26
C PRO B 105 10.99 8.38 5.72
FE HEC C . -4.51 -0.98 -7.76
CHA HEC C . -2.48 -2.30 -10.15
CHB HEC C . -6.73 -0.14 -10.19
CHC HEC C . -6.71 -0.18 -5.36
CHD HEC C . -2.08 -1.25 -5.52
NA HEC C . -4.54 -1.19 -9.72
C1A HEC C . -3.66 -1.73 -10.58
C2A HEC C . -4.23 -1.93 -11.93
C3A HEC C . -5.41 -1.30 -11.90
C4A HEC C . -5.68 -0.85 -10.61
CMA HEC C . -6.42 -1.19 -13.11
CAA HEC C . -3.43 -2.53 -13.04
CBA HEC C . -2.66 -1.40 -13.77
CGA HEC C . -1.95 -1.74 -15.08
O1A HEC C . -1.34 -0.78 -15.58
O2A HEC C . -2.02 -2.89 -15.56
NB HEC C . -6.38 -0.27 -7.76
C1B HEC C . -7.04 0.22 -8.88
C2B HEC C . -8.32 0.73 -8.38
C3B HEC C . -8.37 0.66 -7.03
C4B HEC C . -7.11 0.08 -6.69
CMB HEC C . -9.37 1.39 -9.35
CAB HEC C . -9.41 1.14 -6.04
CBB HEC C . -10.54 0.13 -5.79
NC HEC C . -4.37 -0.77 -5.79
C1C HEC C . -5.35 -0.44 -4.90
C2C HEC C . -4.97 -0.27 -3.55
C3C HEC C . -3.66 -0.62 -3.58
C4C HEC C . -3.27 -0.84 -4.97
CMC HEC C . -5.80 0.11 -2.36
CAC HEC C . -2.54 -0.47 -2.50
CBC HEC C . -2.94 -1.17 -1.17
ND HEC C . -2.62 -1.64 -7.80
C1D HEC C . -1.73 -1.68 -6.73
C2D HEC C . -0.52 -2.22 -7.16
C3D HEC C . -0.63 -2.54 -8.45
C4D HEC C . -2.00 -2.25 -8.85
CMD HEC C . 0.76 -2.49 -6.23
CAD HEC C . 0.44 -3.30 -9.28
CBD HEC C . 0.11 -4.76 -9.47
CGD HEC C . 1.23 -5.70 -9.92
O1D HEC C . 2.19 -5.18 -10.53
O2D HEC C . 0.97 -6.92 -9.77
HHA HEC C . -1.87 -2.81 -10.88
HHB HEC C . -7.42 0.21 -10.94
HHC HEC C . -7.48 -0.18 -4.61
HHD HEC C . -1.26 -1.23 -4.81
HMA1 HEC C . -6.92 -0.24 -13.08
HMA2 HEC C . -7.14 -1.99 -13.04
HMA3 HEC C . -5.87 -1.28 -14.04
HAA1 HEC C . -4.10 -3.02 -13.75
HAA2 HEC C . -2.73 -3.25 -12.65
HBA1 HEC C . -1.89 -1.03 -13.09
HBA2 HEC C . -3.35 -0.60 -13.98
HMB1 HEC C . -9.52 2.42 -9.07
HMB2 HEC C . -10.30 0.86 -9.30
HMB3 HEC C . -8.99 1.35 -10.36
HAB HEC C . -9.00 1.04 -5.05
HBB1 HEC C . -11.49 0.65 -5.75
HBB2 HEC C . -10.38 -0.37 -4.85
HBB3 HEC C . -10.56 -0.60 -6.59
HMC1 HEC C . -5.17 0.28 -1.51
HMC2 HEC C . -6.48 -0.70 -2.14
HMC3 HEC C . -6.37 1.00 -2.59
HAC HEC C . -1.64 -0.95 -2.86
HBC1 HEC C . -3.02 -2.23 -1.33
HBC2 HEC C . -3.88 -0.77 -0.83
HBC3 HEC C . -2.17 -0.97 -0.43
HMD1 HEC C . 1.15 -3.48 -6.44
HMD2 HEC C . 0.46 -2.43 -5.19
HMD3 HEC C . 1.52 -1.75 -6.44
HAD1 HEC C . 1.39 -3.22 -8.78
HAD2 HEC C . 0.52 -2.84 -10.26
HBD1 HEC C . -0.67 -4.83 -10.20
HBD2 HEC C . -0.26 -5.12 -8.52
FE1 FES D . -0.56 -0.99 7.22
FE2 FES D . 1.42 -1.71 8.83
S1 FES D . 0.96 -2.53 6.88
S2 FES D . -0.26 -0.42 9.33
N THR A 1 -22.94 -3.56 -22.94
CA THR A 1 -21.80 -4.41 -22.40
C THR A 1 -22.49 -5.36 -21.40
N GLU A 2 -22.00 -5.33 -20.20
CA GLU A 2 -22.54 -6.03 -19.01
C GLU A 2 -22.11 -5.12 -17.84
N PHE A 3 -21.98 -3.86 -18.21
CA PHE A 3 -21.51 -2.71 -17.49
C PHE A 3 -22.37 -1.50 -17.92
N LYS A 4 -22.89 -0.73 -17.00
CA LYS A 4 -23.69 0.45 -17.34
C LYS A 4 -23.21 1.60 -16.45
N ALA A 5 -23.37 2.80 -16.98
CA ALA A 5 -22.91 4.02 -16.31
C ALA A 5 -23.66 4.24 -14.99
N GLY A 6 -22.93 4.89 -14.08
CA GLY A 6 -23.41 5.21 -12.78
C GLY A 6 -23.09 6.66 -12.57
N SER A 7 -22.81 6.96 -11.34
CA SER A 7 -22.53 8.28 -10.83
C SER A 7 -21.00 8.43 -10.79
N ALA A 8 -20.57 9.38 -11.63
CA ALA A 8 -19.14 9.76 -11.62
C ALA A 8 -18.82 10.45 -10.29
N LYS A 9 -19.71 11.19 -9.73
CA LYS A 9 -19.39 11.89 -8.49
C LYS A 9 -19.24 10.78 -7.42
N LYS A 10 -20.22 9.89 -7.41
CA LYS A 10 -20.15 8.81 -6.38
C LYS A 10 -18.85 8.02 -6.52
N GLY A 11 -18.50 7.80 -7.75
CA GLY A 11 -17.26 7.07 -8.26
C GLY A 11 -16.04 7.84 -7.82
N ALA A 12 -16.02 9.13 -7.79
CA ALA A 12 -14.88 9.96 -7.34
C ALA A 12 -14.65 9.66 -5.87
N THR A 13 -15.65 9.59 -5.08
CA THR A 13 -15.49 9.39 -3.61
C THR A 13 -15.14 7.94 -3.29
N LEU A 14 -15.57 7.08 -4.19
CA LEU A 14 -15.16 5.68 -4.07
C LEU A 14 -13.67 5.67 -4.29
N PHE A 15 -13.22 6.30 -5.31
CA PHE A 15 -11.74 6.35 -5.65
C PHE A 15 -10.94 6.81 -4.49
N LYS A 16 -11.39 7.97 -3.93
CA LYS A 16 -10.73 8.61 -2.78
C LYS A 16 -10.67 7.69 -1.62
N THR A 17 -11.73 7.08 -1.20
CA THR A 17 -11.67 6.18 -0.05
C THR A 17 -11.07 4.83 -0.30
N ARG A 18 -11.06 4.27 -1.48
CA ARG A 18 -10.60 2.91 -1.74
C ARG A 18 -9.40 2.72 -2.63
N CYS A 19 -9.08 3.66 -3.47
CA CYS A 19 -7.94 3.56 -4.37
C CYS A 19 -6.79 4.58 -4.23
N LEU A 20 -7.06 5.76 -3.78
CA LEU A 20 -6.17 6.92 -3.66
C LEU A 20 -4.93 6.58 -2.74
N GLN A 21 -5.16 5.67 -1.88
CA GLN A 21 -4.02 5.26 -0.97
C GLN A 21 -2.88 4.76 -1.84
N CYS A 22 -3.16 4.20 -3.00
CA CYS A 22 -2.12 3.61 -3.78
C CYS A 22 -1.81 4.12 -5.15
N HIS A 23 -2.83 4.90 -5.68
CA HIS A 23 -2.85 5.37 -7.07
C HIS A 23 -3.32 6.80 -7.27
N THR A 24 -2.77 7.34 -8.32
CA THR A 24 -3.17 8.68 -8.86
C THR A 24 -3.83 8.44 -10.24
N VAL A 25 -4.67 9.40 -10.65
CA VAL A 25 -5.33 9.26 -11.95
C VAL A 25 -4.98 10.32 -12.99
N GLU A 26 -4.44 11.37 -12.51
CA GLU A 26 -4.14 12.53 -13.35
C GLU A 26 -2.98 12.33 -14.30
N LYS A 27 -3.08 13.02 -15.43
CA LYS A 27 -1.96 13.00 -16.42
C LYS A 27 -0.81 13.68 -15.77
N GLY A 28 0.37 13.04 -15.72
CA GLY A 28 1.49 13.72 -15.01
C GLY A 28 1.52 13.49 -13.53
N GLY A 29 0.66 12.60 -13.06
CA GLY A 29 0.54 12.12 -11.68
C GLY A 29 1.67 11.04 -11.57
N PRO A 30 2.17 10.98 -10.36
CA PRO A 30 3.18 9.98 -10.10
C PRO A 30 2.68 8.63 -9.76
N HIS A 31 3.61 7.63 -9.92
CA HIS A 31 3.43 6.28 -9.40
C HIS A 31 3.53 6.42 -7.91
N LYS A 32 2.76 5.57 -7.24
CA LYS A 32 2.94 5.47 -5.75
C LYS A 32 3.24 4.02 -5.46
N CYS A 33 2.45 3.44 -4.50
CA CYS A 33 2.45 1.99 -4.30
C CYS A 33 2.08 1.30 -5.58
N GLY A 34 0.96 1.84 -6.14
CA GLY A 34 0.49 1.47 -7.46
C GLY A 34 0.81 2.51 -8.52
N PRO A 35 0.70 2.06 -9.82
CA PRO A 35 1.01 2.94 -10.91
C PRO A 35 -0.05 4.03 -11.16
N ASN A 36 0.44 5.09 -11.69
CA ASN A 36 -0.49 6.17 -12.13
C ASN A 36 -1.40 5.46 -13.16
N LEU A 37 -2.72 5.74 -13.08
CA LEU A 37 -3.61 5.14 -14.04
C LEU A 37 -4.09 6.01 -15.24
N HIS A 38 -3.54 7.18 -15.42
CA HIS A 38 -3.97 7.94 -16.63
C HIS A 38 -3.76 7.10 -17.84
N GLY A 39 -4.77 7.15 -18.77
CA GLY A 39 -4.76 6.42 -19.99
C GLY A 39 -4.88 4.95 -19.92
N ILE A 40 -5.33 4.38 -18.82
CA ILE A 40 -5.45 2.94 -18.61
C ILE A 40 -6.38 2.25 -19.59
N PHE A 41 -7.44 2.97 -19.89
CA PHE A 41 -8.45 2.39 -20.85
C PHE A 41 -7.87 2.21 -22.23
N GLY A 42 -8.00 1.02 -22.74
CA GLY A 42 -7.44 0.65 -24.05
C GLY A 42 -5.98 0.17 -24.07
N ARG A 43 -5.29 0.32 -22.98
CA ARG A 43 -3.85 -0.10 -22.84
C ARG A 43 -3.88 -1.45 -22.23
N HIS A 44 -2.81 -2.21 -22.43
CA HIS A 44 -2.74 -3.56 -21.84
C HIS A 44 -2.07 -3.36 -20.47
N SER A 45 -2.28 -4.37 -19.66
CA SER A 45 -1.70 -4.42 -18.29
C SER A 45 -0.15 -4.48 -18.37
N GLY A 46 0.45 -3.86 -17.37
CA GLY A 46 1.94 -3.85 -17.28
C GLY A 46 2.69 -2.92 -18.17
N GLN A 47 2.17 -1.81 -18.65
CA GLN A 47 2.83 -0.96 -19.65
C GLN A 47 3.12 0.48 -19.31
N ALA A 48 2.71 0.89 -18.10
CA ALA A 48 3.09 2.22 -17.60
C ALA A 48 4.66 2.20 -17.39
N GLU A 49 5.32 3.23 -17.95
CA GLU A 49 6.80 3.18 -17.77
C GLU A 49 7.22 3.72 -16.42
N GLY A 50 8.32 3.07 -15.88
CA GLY A 50 8.88 3.45 -14.63
C GLY A 50 8.26 2.79 -13.42
N TYR A 51 7.41 1.81 -13.68
CA TYR A 51 6.78 1.05 -12.63
C TYR A 51 7.19 -0.41 -12.71
N SER A 52 7.48 -0.93 -11.48
CA SER A 52 7.82 -2.31 -11.33
C SER A 52 6.68 -3.24 -11.04
N TYR A 53 6.03 -3.68 -12.14
CA TYR A 53 4.89 -4.63 -12.04
C TYR A 53 5.36 -6.02 -11.61
N THR A 54 4.51 -6.88 -11.14
CA THR A 54 4.71 -8.25 -10.91
C THR A 54 4.71 -8.97 -12.32
N ASP A 55 5.36 -10.16 -12.29
CA ASP A 55 5.47 -11.02 -13.44
C ASP A 55 3.98 -11.31 -13.92
N ALA A 56 3.15 -11.62 -12.97
CA ALA A 56 1.74 -11.97 -13.07
C ALA A 56 0.88 -10.98 -13.83
N ASN A 57 1.04 -9.70 -13.48
CA ASN A 57 0.25 -8.67 -14.21
C ASN A 57 0.64 -8.55 -15.65
N ILE A 58 1.90 -8.46 -15.90
CA ILE A 58 2.43 -8.32 -17.26
C ILE A 58 2.04 -9.41 -18.27
N LYS A 59 2.06 -10.63 -17.87
CA LYS A 59 1.88 -11.84 -18.64
C LYS A 59 0.40 -12.17 -18.80
N LYS A 60 -0.36 -11.52 -17.98
CA LYS A 60 -1.81 -11.63 -17.98
C LYS A 60 -2.32 -10.86 -19.22
N ASN A 61 -1.60 -9.86 -19.65
CA ASN A 61 -1.78 -9.02 -20.79
C ASN A 61 -3.25 -8.64 -20.97
N VAL A 62 -3.91 -8.24 -19.89
CA VAL A 62 -5.27 -7.73 -20.06
C VAL A 62 -5.41 -6.42 -20.83
N LEU A 63 -6.43 -6.39 -21.74
CA LEU A 63 -6.73 -5.14 -22.43
C LEU A 63 -7.82 -4.54 -21.51
N TRP A 64 -7.49 -3.38 -20.97
CA TRP A 64 -8.36 -2.73 -20.02
C TRP A 64 -9.50 -1.94 -20.71
N ASP A 65 -10.65 -2.45 -20.44
CA ASP A 65 -11.94 -1.87 -21.02
C ASP A 65 -12.81 -1.73 -19.79
N GLU A 66 -13.82 -0.90 -19.82
CA GLU A 66 -14.74 -0.75 -18.64
C GLU A 66 -15.25 -2.05 -18.15
N ASN A 67 -15.27 -3.06 -19.02
CA ASN A 67 -15.81 -4.39 -18.71
C ASN A 67 -14.93 -5.40 -17.93
N ASN A 68 -13.68 -5.50 -18.30
CA ASN A 68 -12.55 -6.29 -17.78
C ASN A 68 -12.23 -5.83 -16.34
N MET A 69 -12.24 -4.49 -16.39
CA MET A 69 -12.05 -3.65 -15.18
C MET A 69 -13.04 -4.00 -14.12
N SER A 70 -14.29 -4.25 -14.51
CA SER A 70 -15.32 -4.62 -13.52
C SER A 70 -15.06 -5.97 -12.86
N GLU A 71 -14.62 -6.92 -13.69
CA GLU A 71 -14.39 -8.27 -13.24
C GLU A 71 -13.09 -8.24 -12.32
N TYR A 72 -12.15 -7.47 -12.82
CA TYR A 72 -10.90 -7.27 -12.03
C TYR A 72 -11.22 -6.75 -10.63
N LEU A 73 -11.94 -5.62 -10.54
CA LEU A 73 -12.31 -4.99 -9.30
C LEU A 73 -13.14 -5.82 -8.38
N THR A 74 -13.77 -6.88 -8.93
CA THR A 74 -14.52 -7.77 -8.06
C THR A 74 -13.65 -8.53 -7.09
N ASN A 75 -12.47 -8.90 -7.60
CA ASN A 75 -11.50 -9.74 -6.92
C ASN A 75 -10.25 -9.83 -7.78
N PRO A 76 -9.40 -8.83 -7.54
CA PRO A 76 -8.14 -8.65 -8.23
C PRO A 76 -7.26 -9.90 -8.33
N LYS A 77 -7.05 -10.54 -7.18
CA LYS A 77 -6.21 -11.76 -7.09
C LYS A 77 -6.77 -13.00 -7.73
N LYS A 78 -8.12 -13.01 -7.84
CA LYS A 78 -8.83 -14.13 -8.51
C LYS A 78 -8.59 -13.86 -9.97
N TYR A 79 -8.66 -12.65 -10.44
CA TYR A 79 -8.45 -12.25 -11.85
C TYR A 79 -7.02 -12.33 -12.34
N ILE A 80 -6.06 -11.83 -11.52
CA ILE A 80 -4.58 -11.88 -11.80
C ILE A 80 -3.88 -12.51 -10.63
N PRO A 81 -3.86 -13.84 -10.65
CA PRO A 81 -3.33 -14.58 -9.51
C PRO A 81 -1.78 -14.21 -9.51
N GLY A 82 -1.43 -13.80 -8.30
CA GLY A 82 -0.03 -13.36 -8.09
C GLY A 82 0.17 -11.87 -8.10
N THR A 83 -0.89 -11.05 -8.33
CA THR A 83 -0.75 -9.59 -8.42
C THR A 83 -0.37 -9.13 -7.07
N LYS A 84 0.42 -8.11 -6.89
CA LYS A 84 0.73 -7.59 -5.61
C LYS A 84 -0.15 -6.49 -5.16
N MET A 85 -1.21 -6.29 -5.99
CA MET A 85 -2.28 -5.30 -5.56
C MET A 85 -3.08 -5.91 -4.43
N ALA A 86 -2.82 -5.37 -3.24
CA ALA A 86 -3.49 -5.80 -2.03
C ALA A 86 -4.83 -5.09 -1.75
N PHE A 87 -5.83 -5.50 -2.55
CA PHE A 87 -7.18 -4.95 -2.48
C PHE A 87 -8.12 -6.14 -2.58
N GLY A 88 -9.01 -6.30 -1.61
CA GLY A 88 -9.93 -7.38 -1.58
C GLY A 88 -10.91 -7.39 -2.71
N GLY A 89 -11.45 -6.23 -3.04
CA GLY A 89 -12.49 -6.26 -4.13
C GLY A 89 -13.72 -5.39 -3.75
N LEU A 90 -14.47 -5.10 -4.76
CA LEU A 90 -15.71 -4.30 -4.72
C LEU A 90 -16.81 -5.26 -5.25
N LYS A 91 -17.48 -5.85 -4.29
CA LYS A 91 -18.48 -6.88 -4.62
C LYS A 91 -19.74 -6.37 -5.22
N LYS A 92 -20.17 -5.18 -4.96
CA LYS A 92 -21.44 -4.69 -5.55
C LYS A 92 -21.17 -4.10 -6.89
N GLU A 93 -21.95 -4.62 -7.84
CA GLU A 93 -21.90 -4.11 -9.18
C GLU A 93 -22.18 -2.58 -9.21
N LYS A 94 -23.06 -2.13 -8.38
CA LYS A 94 -23.41 -0.70 -8.43
C LYS A 94 -22.22 0.20 -8.08
N ASP A 95 -21.47 -0.27 -7.14
CA ASP A 95 -20.18 0.41 -6.69
C ASP A 95 -19.14 0.46 -7.78
N ARG A 96 -18.92 -0.74 -8.37
CA ARG A 96 -18.06 -0.84 -9.53
C ARG A 96 -18.54 0.08 -10.68
N ASN A 97 -19.85 0.12 -10.96
CA ASN A 97 -20.33 0.96 -12.07
C ASN A 97 -20.02 2.41 -11.78
N ASP A 98 -20.33 2.86 -10.57
CA ASP A 98 -19.98 4.15 -10.16
C ASP A 98 -18.43 4.42 -10.35
N LEU A 99 -17.62 3.58 -9.79
CA LEU A 99 -16.16 3.81 -9.85
C LEU A 99 -15.65 3.83 -11.25
N ILE A 100 -16.00 2.90 -12.07
CA ILE A 100 -15.56 2.82 -13.46
C ILE A 100 -16.02 4.04 -14.28
N THR A 101 -17.23 4.50 -13.90
CA THR A 101 -17.81 5.70 -14.54
C THR A 101 -16.82 6.88 -14.33
N TYR A 102 -16.32 7.05 -13.12
CA TYR A 102 -15.37 8.03 -12.66
C TYR A 102 -13.99 7.78 -13.27
N LEU A 103 -13.63 6.50 -13.31
CA LEU A 103 -12.32 6.24 -14.00
C LEU A 103 -12.35 6.53 -15.49
N LYS A 104 -13.39 6.09 -16.18
CA LYS A 104 -13.58 6.36 -17.61
C LYS A 104 -13.32 7.82 -17.93
N LYS A 105 -13.88 8.66 -17.09
CA LYS A 105 -13.75 10.11 -17.20
C LYS A 105 -12.43 10.74 -16.78
N ALA A 106 -11.91 10.32 -15.64
CA ALA A 106 -10.71 10.99 -15.10
C ALA A 106 -9.42 10.51 -15.68
N THR A 107 -9.49 9.35 -16.21
CA THR A 107 -8.25 8.77 -16.88
C THR A 107 -8.08 9.08 -18.35
N GLU A 108 -8.92 9.89 -18.93
CA GLU A 108 -8.76 10.20 -20.37
C GLU A 108 -7.86 11.42 -20.53
N LYS B 3 9.63 -3.18 29.66
CA LYS B 3 9.39 -2.22 28.57
C LYS B 3 10.72 -1.70 28.03
N ILE B 4 10.76 -1.32 26.75
CA ILE B 4 11.98 -0.85 26.14
C ILE B 4 11.76 0.49 25.40
N THR B 5 12.84 1.25 25.28
CA THR B 5 12.79 2.53 24.60
C THR B 5 13.04 2.35 23.09
N VAL B 6 12.23 3.04 22.30
CA VAL B 6 12.42 3.02 20.83
C VAL B 6 12.41 4.48 20.33
N HIS B 7 13.38 4.81 19.49
CA HIS B 7 13.43 6.18 18.92
C HIS B 7 13.02 6.12 17.44
N PHE B 8 12.17 7.02 17.02
CA PHE B 8 11.73 7.09 15.63
C PHE B 8 12.20 8.43 15.04
N ILE B 9 12.98 8.37 13.98
CA ILE B 9 13.31 9.58 13.23
C ILE B 9 12.22 9.79 12.17
N ASN B 10 11.34 10.75 12.45
CA ASN B 10 10.19 10.97 11.54
C ASN B 10 10.66 11.60 10.26
N ARG B 11 9.83 11.68 9.23
CA ARG B 11 10.26 12.24 7.95
C ARG B 11 10.59 13.72 8.04
N ASP B 12 10.02 14.43 9.00
CA ASP B 12 10.31 15.84 9.23
C ASP B 12 11.67 16.03 9.89
N GLY B 13 12.25 14.97 10.43
CA GLY B 13 13.57 15.06 11.05
C GLY B 13 13.49 15.04 12.56
N GLU B 14 12.27 15.15 13.10
CA GLU B 14 12.11 15.13 14.56
C GLU B 14 12.25 13.70 15.09
N THR B 15 12.90 13.56 16.24
CA THR B 15 13.05 12.27 16.86
C THR B 15 11.96 12.04 17.90
N LEU B 16 11.19 10.98 17.68
CA LEU B 16 10.11 10.61 18.59
C LEU B 16 10.62 9.51 19.51
N THR B 17 10.72 9.81 20.80
CA THR B 17 11.21 8.78 21.74
C THR B 17 10.03 8.24 22.52
N THR B 18 9.84 6.92 22.50
CA THR B 18 8.71 6.33 23.20
C THR B 18 9.04 4.94 23.72
N LYS B 19 8.12 4.38 24.48
CA LYS B 19 8.32 3.06 25.07
C LYS B 19 7.26 2.08 24.61
N GLY B 20 7.62 0.83 24.42
CA GLY B 20 6.71 -0.24 24.10
C GLY B 20 7.07 -1.48 24.93
N LYS B 21 6.18 -2.46 25.00
CA LYS B 21 6.47 -3.68 25.75
C LYS B 21 6.95 -4.78 24.83
N ILE B 22 7.89 -5.60 25.31
CA ILE B 22 8.37 -6.71 24.45
C ILE B 22 7.16 -7.50 23.99
N GLY B 23 7.14 -7.84 22.70
CA GLY B 23 6.05 -8.56 22.09
C GLY B 23 5.13 -7.65 21.29
N ASP B 24 5.13 -6.37 21.60
CA ASP B 24 4.33 -5.38 20.88
C ASP B 24 4.89 -5.18 19.46
N SER B 25 4.01 -4.98 18.49
CA SER B 25 4.53 -4.67 17.13
C SER B 25 4.95 -3.22 17.10
N LEU B 26 5.71 -2.82 16.09
CA LEU B 26 6.08 -1.41 15.97
C LEU B 26 4.90 -0.54 15.60
N LEU B 27 3.88 -1.13 14.98
CA LEU B 27 2.64 -0.38 14.70
C LEU B 27 1.89 -0.13 16.01
N ASP B 28 1.84 -1.16 16.84
CA ASP B 28 1.27 -1.03 18.19
C ASP B 28 1.93 0.12 18.93
N VAL B 29 3.27 0.17 18.86
CA VAL B 29 4.02 1.25 19.49
C VAL B 29 3.57 2.61 18.97
N VAL B 30 3.42 2.72 17.64
CA VAL B 30 3.03 4.01 17.07
C VAL B 30 1.59 4.34 17.45
N VAL B 31 0.71 3.38 17.36
CA VAL B 31 -0.73 3.63 17.59
C VAL B 31 -1.04 3.95 19.03
N GLN B 32 -0.57 3.15 19.98
CA GLN B 32 -0.86 3.38 21.38
C GLN B 32 -0.33 4.69 21.90
N ASN B 33 0.87 5.08 21.50
CA ASN B 33 1.51 6.28 21.97
C ASN B 33 1.19 7.50 21.16
N ASN B 34 0.24 7.41 20.23
CA ASN B 34 -0.18 8.49 19.39
C ASN B 34 0.97 9.24 18.74
N LEU B 35 1.94 8.50 18.21
CA LEU B 35 3.06 9.14 17.52
C LEU B 35 2.59 9.87 16.27
N ASP B 36 3.16 11.04 16.02
CA ASP B 36 2.74 11.89 14.89
C ASP B 36 3.41 11.52 13.61
N ILE B 37 3.09 10.31 13.09
CA ILE B 37 3.72 9.89 11.82
C ILE B 37 2.62 9.78 10.76
N ASP B 38 2.60 10.76 9.87
CA ASP B 38 1.54 10.86 8.87
C ASP B 38 1.32 9.53 8.16
N GLY B 39 0.08 9.07 8.16
CA GLY B 39 -0.40 7.93 7.49
C GLY B 39 0.00 6.59 8.03
N PHE B 40 0.77 6.54 9.11
CA PHE B 40 1.35 5.27 9.54
C PHE B 40 0.30 4.29 10.01
N GLY B 41 0.29 3.08 9.44
CA GLY B 41 -0.63 2.05 9.90
C GLY B 41 -1.96 2.07 9.18
N ALA B 42 -1.99 2.54 7.96
CA ALA B 42 -3.20 2.68 7.18
C ALA B 42 -4.10 1.47 7.17
N CYS B 43 -3.59 0.28 6.86
CA CYS B 43 -4.37 -0.95 6.83
C CYS B 43 -4.50 -1.60 8.19
N GLU B 44 -4.01 -0.95 9.25
CA GLU B 44 -4.08 -1.50 10.60
C GLU B 44 -3.47 -2.88 10.66
N GLY B 45 -2.30 -3.05 10.02
CA GLY B 45 -1.53 -4.23 10.02
C GLY B 45 -2.06 -5.48 9.38
N THR B 46 -2.58 -5.40 8.16
CA THR B 46 -3.08 -6.58 7.45
C THR B 46 -2.32 -6.82 6.16
N LEU B 47 -1.16 -6.18 6.01
CA LEU B 47 -0.35 -6.31 4.82
C LEU B 47 -1.07 -5.91 3.55
N ALA B 48 -1.75 -4.76 3.61
CA ALA B 48 -2.43 -4.22 2.43
C ALA B 48 -1.99 -2.78 2.19
N CYS B 49 -0.86 -2.40 2.82
CA CYS B 49 -0.39 -1.01 2.65
C CYS B 49 1.11 -0.95 2.87
N SER B 50 1.73 0.21 2.57
CA SER B 50 3.20 0.26 2.81
C SER B 50 3.54 1.35 3.81
N THR B 51 2.55 1.89 4.51
CA THR B 51 2.72 3.04 5.35
C THR B 51 3.45 2.77 6.65
N CYS B 52 3.61 1.51 7.05
CA CYS B 52 4.28 1.18 8.28
C CYS B 52 5.73 0.77 8.02
N HIS B 53 6.21 1.09 6.83
CA HIS B 53 7.60 0.83 6.46
C HIS B 53 8.55 1.57 7.41
N LEU B 54 9.53 0.84 7.95
CA LEU B 54 10.56 1.43 8.80
C LEU B 54 11.93 0.93 8.31
N ILE B 55 12.94 1.73 8.54
CA ILE B 55 14.32 1.42 8.19
C ILE B 55 15.10 1.19 9.50
N PHE B 56 15.65 0.00 9.64
CA PHE B 56 16.25 -0.44 10.90
C PHE B 56 17.77 -0.30 10.90
N GLU B 57 18.35 -0.27 12.10
CA GLU B 57 19.82 -0.38 12.21
C GLU B 57 20.24 -1.77 11.70
N GLN B 58 21.41 -1.86 11.07
CA GLN B 58 21.83 -3.15 10.49
C GLN B 58 21.90 -4.27 11.50
N HIS B 59 22.43 -4.04 12.68
CA HIS B 59 22.60 -5.13 13.66
C HIS B 59 21.28 -5.64 14.18
N ILE B 60 20.27 -4.76 14.20
CA ILE B 60 18.91 -5.14 14.52
C ILE B 60 18.27 -5.88 13.36
N PHE B 61 18.35 -5.30 12.16
CA PHE B 61 17.78 -5.87 10.96
C PHE B 61 18.16 -7.32 10.74
N GLU B 62 19.44 -7.66 10.92
CA GLU B 62 19.93 -8.99 10.59
C GLU B 62 19.42 -10.07 11.51
N LYS B 63 18.79 -9.73 12.64
CA LYS B 63 18.29 -10.76 13.56
C LYS B 63 16.76 -10.73 13.65
N LEU B 64 16.13 -10.02 12.73
CA LEU B 64 14.67 -9.98 12.70
C LEU B 64 14.13 -11.30 12.18
N GLU B 65 12.88 -11.60 12.51
CA GLU B 65 12.23 -12.83 12.05
C GLU B 65 12.23 -12.87 10.52
N ALA B 66 12.44 -14.04 9.95
CA ALA B 66 12.48 -14.22 8.50
C ALA B 66 11.27 -13.54 7.85
N ILE B 67 11.52 -12.81 6.76
CA ILE B 67 10.41 -12.11 6.09
C ILE B 67 9.52 -13.11 5.35
N THR B 68 8.22 -12.91 5.44
CA THR B 68 7.28 -13.77 4.70
C THR B 68 7.05 -13.20 3.31
N ASP B 69 6.54 -14.07 2.42
CA ASP B 69 6.26 -13.64 1.05
C ASP B 69 5.20 -12.54 1.05
N GLU B 70 4.22 -12.65 1.95
CA GLU B 70 3.15 -11.66 2.00
C GLU B 70 3.71 -10.27 2.32
N GLU B 71 4.60 -10.22 3.32
CA GLU B 71 5.20 -8.93 3.67
C GLU B 71 6.02 -8.40 2.50
N ASN B 72 6.83 -9.26 1.89
CA ASN B 72 7.67 -8.89 0.77
C ASN B 72 6.92 -8.28 -0.39
N ASP B 73 5.74 -8.80 -0.72
CA ASP B 73 4.95 -8.28 -1.83
C ASP B 73 4.49 -6.85 -1.57
N MET B 74 4.13 -6.59 -0.31
CA MET B 74 3.68 -5.24 0.08
C MET B 74 4.90 -4.32 0.19
N LEU B 75 5.97 -4.88 0.76
CA LEU B 75 7.20 -4.10 0.97
C LEU B 75 7.80 -3.64 -0.34
N ASP B 76 7.69 -4.47 -1.38
CA ASP B 76 8.15 -4.17 -2.71
C ASP B 76 7.63 -2.85 -3.25
N CYS B 77 6.43 -2.45 -2.84
CA CYS B 77 5.80 -1.24 -3.28
C CYS B 77 6.10 -0.01 -2.44
N ALA B 78 6.83 -0.14 -1.35
CA ALA B 78 7.08 1.00 -0.48
C ALA B 78 7.98 2.04 -1.14
N TYR B 79 7.82 3.29 -0.75
CA TYR B 79 8.69 4.37 -1.15
C TYR B 79 9.97 4.33 -0.29
N GLY B 80 11.10 4.70 -0.85
CA GLY B 80 12.33 4.84 -0.09
C GLY B 80 12.85 3.55 0.52
N LEU B 81 12.71 2.44 -0.15
CA LEU B 81 13.18 1.14 0.26
C LEU B 81 14.70 1.12 0.44
N THR B 82 15.16 0.48 1.49
CA THR B 82 16.59 0.32 1.74
C THR B 82 16.86 -1.19 1.96
N ASP B 83 18.12 -1.52 2.17
CA ASP B 83 18.51 -2.89 2.47
C ASP B 83 18.17 -3.27 3.92
N ARG B 84 17.69 -2.31 4.69
CA ARG B 84 17.33 -2.58 6.09
C ARG B 84 15.86 -2.26 6.35
N SER B 85 15.02 -2.43 5.34
CA SER B 85 13.61 -2.06 5.42
C SER B 85 12.71 -3.23 5.78
N ARG B 86 11.73 -3.02 6.63
CA ARG B 86 10.70 -4.00 6.93
C ARG B 86 9.36 -3.25 7.15
N LEU B 87 8.25 -3.98 7.07
CA LEU B 87 6.97 -3.38 7.45
C LEU B 87 6.82 -3.49 8.96
N GLY B 88 6.75 -2.34 9.63
CA GLY B 88 6.73 -2.31 11.07
C GLY B 88 5.64 -3.09 11.74
N CYS B 89 4.46 -3.24 11.10
CA CYS B 89 3.38 -3.97 11.76
C CYS B 89 3.70 -5.44 11.91
N GLN B 90 4.74 -5.93 11.26
CA GLN B 90 5.15 -7.31 11.35
C GLN B 90 6.30 -7.51 12.34
N ILE B 91 6.88 -6.42 12.84
CA ILE B 91 8.07 -6.55 13.70
C ILE B 91 7.69 -6.28 15.15
N SER B 92 7.91 -7.27 16.01
CA SER B 92 7.57 -7.12 17.42
C SER B 92 8.82 -6.93 18.28
N LEU B 93 8.69 -6.16 19.34
CA LEU B 93 9.78 -5.74 20.18
C LEU B 93 10.48 -6.88 20.87
N THR B 94 11.80 -6.85 20.87
CA THR B 94 12.61 -7.84 21.59
C THR B 94 13.59 -7.11 22.50
N LYS B 95 14.21 -7.84 23.41
CA LYS B 95 15.21 -7.28 24.32
C LYS B 95 16.27 -6.50 23.58
N ALA B 96 16.80 -7.08 22.50
CA ALA B 96 17.88 -6.50 21.75
C ALA B 96 17.56 -5.16 21.13
N MET B 97 16.28 -4.77 21.05
CA MET B 97 15.85 -3.52 20.51
C MET B 97 15.79 -2.37 21.47
N ASP B 98 16.10 -2.62 22.75
CA ASP B 98 16.10 -1.51 23.70
C ASP B 98 17.02 -0.41 23.16
N ASN B 99 16.54 0.81 23.14
CA ASN B 99 17.25 1.98 22.71
C ASN B 99 17.54 2.05 21.22
N MET B 100 16.99 1.14 20.42
CA MET B 100 17.26 1.19 18.98
C MET B 100 16.64 2.45 18.36
N THR B 101 17.10 2.76 17.14
CA THR B 101 16.50 3.85 16.37
C THR B 101 15.99 3.31 15.04
N VAL B 102 14.77 3.69 14.66
CA VAL B 102 14.22 3.36 13.36
C VAL B 102 13.95 4.68 12.59
N ARG B 103 14.00 4.60 11.26
CA ARG B 103 13.76 5.78 10.45
C ARG B 103 12.51 5.63 9.60
N VAL B 104 11.68 6.67 9.60
CA VAL B 104 10.52 6.75 8.76
C VAL B 104 10.93 7.48 7.46
N PRO B 105 10.83 6.67 6.36
CA PRO B 105 11.24 7.22 5.07
C PRO B 105 10.22 8.17 4.48
FE HEC C . -4.51 -0.98 -7.76
CHA HEC C . -2.48 -2.30 -10.15
CHB HEC C . -6.73 -0.14 -10.19
CHC HEC C . -6.71 -0.18 -5.36
CHD HEC C . -2.08 -1.25 -5.52
NA HEC C . -4.54 -1.19 -9.72
C1A HEC C . -3.66 -1.73 -10.58
C2A HEC C . -4.23 -1.93 -11.93
C3A HEC C . -5.41 -1.30 -11.90
C4A HEC C . -5.68 -0.85 -10.61
CMA HEC C . -6.42 -1.19 -13.11
CAA HEC C . -3.43 -2.53 -13.04
CBA HEC C . -2.66 -1.40 -13.77
CGA HEC C . -1.95 -1.74 -15.08
O1A HEC C . -1.34 -0.78 -15.58
O2A HEC C . -2.02 -2.89 -15.56
NB HEC C . -6.38 -0.27 -7.76
C1B HEC C . -7.04 0.22 -8.88
C2B HEC C . -8.32 0.73 -8.38
C3B HEC C . -8.37 0.66 -7.03
C4B HEC C . -7.11 0.08 -6.69
CMB HEC C . -9.37 1.39 -9.35
CAB HEC C . -9.41 1.14 -6.04
CBB HEC C . -10.54 0.13 -5.79
NC HEC C . -4.37 -0.77 -5.79
C1C HEC C . -5.35 -0.44 -4.90
C2C HEC C . -4.97 -0.27 -3.55
C3C HEC C . -3.66 -0.62 -3.58
C4C HEC C . -3.27 -0.84 -4.97
CMC HEC C . -5.80 0.11 -2.36
CAC HEC C . -2.54 -0.47 -2.50
CBC HEC C . -2.94 -1.17 -1.17
ND HEC C . -2.62 -1.64 -7.80
C1D HEC C . -1.73 -1.68 -6.73
C2D HEC C . -0.52 -2.22 -7.16
C3D HEC C . -0.63 -2.54 -8.45
C4D HEC C . -2.00 -2.25 -8.85
CMD HEC C . 0.76 -2.49 -6.23
CAD HEC C . 0.44 -3.30 -9.28
CBD HEC C . 0.11 -4.76 -9.47
CGD HEC C . 1.23 -5.70 -9.92
O1D HEC C . 2.19 -5.18 -10.53
O2D HEC C . 0.97 -6.92 -9.77
HHA HEC C . -1.87 -2.81 -10.88
HHB HEC C . -7.42 0.21 -10.94
HHC HEC C . -7.48 -0.18 -4.61
HHD HEC C . -1.26 -1.23 -4.81
HMA1 HEC C . -6.92 -0.24 -13.08
HMA2 HEC C . -7.14 -1.99 -13.04
HMA3 HEC C . -5.87 -1.28 -14.04
HAA1 HEC C . -4.10 -3.02 -13.75
HAA2 HEC C . -2.73 -3.25 -12.65
HBA1 HEC C . -1.89 -1.03 -13.09
HBA2 HEC C . -3.35 -0.60 -13.98
HMB1 HEC C . -9.52 2.42 -9.07
HMB2 HEC C . -10.30 0.86 -9.30
HMB3 HEC C . -8.99 1.35 -10.36
HAB HEC C . -9.00 1.04 -5.05
HBB1 HEC C . -11.49 0.65 -5.75
HBB2 HEC C . -10.38 -0.37 -4.85
HBB3 HEC C . -10.56 -0.60 -6.59
HMC1 HEC C . -5.17 0.28 -1.51
HMC2 HEC C . -6.48 -0.70 -2.14
HMC3 HEC C . -6.37 1.00 -2.59
HAC HEC C . -1.64 -0.95 -2.86
HBC1 HEC C . -3.02 -2.23 -1.33
HBC2 HEC C . -3.88 -0.77 -0.83
HBC3 HEC C . -2.17 -0.97 -0.43
HMD1 HEC C . 1.15 -3.48 -6.44
HMD2 HEC C . 0.46 -2.43 -5.19
HMD3 HEC C . 1.52 -1.75 -6.44
HAD1 HEC C . 1.39 -3.22 -8.78
HAD2 HEC C . 0.52 -2.84 -10.26
HBD1 HEC C . -0.67 -4.83 -10.20
HBD2 HEC C . -0.26 -5.12 -8.52
FE1 FES D . -0.37 -1.85 6.52
FE2 FES D . 1.68 -2.61 8.02
S1 FES D . 1.09 -3.43 6.08
S2 FES D . 0.06 -1.30 8.62
N THR A 1 -22.94 -3.56 -22.94
CA THR A 1 -21.80 -4.41 -22.40
C THR A 1 -22.49 -5.36 -21.40
N GLU A 2 -22.00 -5.33 -20.20
CA GLU A 2 -22.54 -6.03 -19.01
C GLU A 2 -22.11 -5.12 -17.84
N PHE A 3 -21.98 -3.86 -18.21
CA PHE A 3 -21.51 -2.71 -17.49
C PHE A 3 -22.37 -1.50 -17.92
N LYS A 4 -22.89 -0.73 -17.00
CA LYS A 4 -23.69 0.45 -17.34
C LYS A 4 -23.21 1.60 -16.45
N ALA A 5 -23.37 2.80 -16.98
CA ALA A 5 -22.91 4.02 -16.31
C ALA A 5 -23.66 4.24 -14.99
N GLY A 6 -22.93 4.89 -14.08
CA GLY A 6 -23.41 5.21 -12.78
C GLY A 6 -23.09 6.66 -12.57
N SER A 7 -22.81 6.96 -11.34
CA SER A 7 -22.53 8.28 -10.83
C SER A 7 -21.00 8.43 -10.79
N ALA A 8 -20.57 9.38 -11.63
CA ALA A 8 -19.14 9.76 -11.62
C ALA A 8 -18.82 10.45 -10.29
N LYS A 9 -19.71 11.19 -9.73
CA LYS A 9 -19.39 11.89 -8.49
C LYS A 9 -19.24 10.78 -7.42
N LYS A 10 -20.22 9.89 -7.41
CA LYS A 10 -20.15 8.81 -6.38
C LYS A 10 -18.85 8.02 -6.52
N GLY A 11 -18.50 7.80 -7.75
CA GLY A 11 -17.26 7.07 -8.26
C GLY A 11 -16.04 7.84 -7.82
N ALA A 12 -16.02 9.13 -7.79
CA ALA A 12 -14.88 9.96 -7.34
C ALA A 12 -14.65 9.66 -5.87
N THR A 13 -15.65 9.59 -5.08
CA THR A 13 -15.49 9.39 -3.61
C THR A 13 -15.14 7.94 -3.29
N LEU A 14 -15.57 7.08 -4.19
CA LEU A 14 -15.16 5.68 -4.07
C LEU A 14 -13.67 5.67 -4.29
N PHE A 15 -13.22 6.30 -5.31
CA PHE A 15 -11.74 6.35 -5.65
C PHE A 15 -10.94 6.81 -4.49
N LYS A 16 -11.39 7.97 -3.93
CA LYS A 16 -10.73 8.61 -2.78
C LYS A 16 -10.67 7.69 -1.62
N THR A 17 -11.73 7.08 -1.20
CA THR A 17 -11.67 6.18 -0.05
C THR A 17 -11.07 4.83 -0.30
N ARG A 18 -11.06 4.27 -1.48
CA ARG A 18 -10.60 2.91 -1.74
C ARG A 18 -9.40 2.72 -2.63
N CYS A 19 -9.08 3.66 -3.47
CA CYS A 19 -7.94 3.56 -4.37
C CYS A 19 -6.79 4.58 -4.23
N LEU A 20 -7.06 5.76 -3.78
CA LEU A 20 -6.17 6.92 -3.66
C LEU A 20 -4.93 6.58 -2.74
N GLN A 21 -5.16 5.67 -1.88
CA GLN A 21 -4.02 5.26 -0.97
C GLN A 21 -2.88 4.76 -1.84
N CYS A 22 -3.16 4.20 -3.00
CA CYS A 22 -2.12 3.61 -3.78
C CYS A 22 -1.81 4.12 -5.15
N HIS A 23 -2.83 4.90 -5.68
CA HIS A 23 -2.85 5.37 -7.07
C HIS A 23 -3.32 6.80 -7.27
N THR A 24 -2.77 7.34 -8.32
CA THR A 24 -3.17 8.68 -8.86
C THR A 24 -3.83 8.44 -10.24
N VAL A 25 -4.67 9.40 -10.65
CA VAL A 25 -5.33 9.26 -11.95
C VAL A 25 -4.98 10.32 -12.99
N GLU A 26 -4.44 11.37 -12.51
CA GLU A 26 -4.14 12.53 -13.35
C GLU A 26 -2.98 12.33 -14.30
N LYS A 27 -3.08 13.02 -15.43
CA LYS A 27 -1.96 13.00 -16.42
C LYS A 27 -0.81 13.68 -15.77
N GLY A 28 0.37 13.04 -15.72
CA GLY A 28 1.49 13.72 -15.01
C GLY A 28 1.52 13.49 -13.53
N GLY A 29 0.66 12.60 -13.06
CA GLY A 29 0.54 12.12 -11.68
C GLY A 29 1.67 11.04 -11.57
N PRO A 30 2.17 10.98 -10.36
CA PRO A 30 3.18 9.98 -10.10
C PRO A 30 2.68 8.63 -9.76
N HIS A 31 3.61 7.63 -9.92
CA HIS A 31 3.43 6.28 -9.40
C HIS A 31 3.53 6.42 -7.91
N LYS A 32 2.76 5.57 -7.24
CA LYS A 32 2.94 5.47 -5.75
C LYS A 32 3.24 4.02 -5.46
N CYS A 33 2.45 3.44 -4.50
CA CYS A 33 2.45 1.99 -4.30
C CYS A 33 2.08 1.30 -5.58
N GLY A 34 0.96 1.84 -6.14
CA GLY A 34 0.49 1.47 -7.46
C GLY A 34 0.81 2.51 -8.52
N PRO A 35 0.70 2.06 -9.82
CA PRO A 35 1.01 2.94 -10.91
C PRO A 35 -0.05 4.03 -11.16
N ASN A 36 0.44 5.09 -11.69
CA ASN A 36 -0.49 6.17 -12.13
C ASN A 36 -1.40 5.46 -13.16
N LEU A 37 -2.72 5.74 -13.08
CA LEU A 37 -3.61 5.14 -14.04
C LEU A 37 -4.09 6.01 -15.24
N HIS A 38 -3.54 7.18 -15.42
CA HIS A 38 -3.97 7.94 -16.63
C HIS A 38 -3.76 7.10 -17.84
N GLY A 39 -4.77 7.15 -18.77
CA GLY A 39 -4.76 6.42 -19.99
C GLY A 39 -4.88 4.95 -19.92
N ILE A 40 -5.33 4.38 -18.82
CA ILE A 40 -5.45 2.94 -18.61
C ILE A 40 -6.38 2.25 -19.59
N PHE A 41 -7.44 2.97 -19.89
CA PHE A 41 -8.45 2.39 -20.85
C PHE A 41 -7.87 2.21 -22.23
N GLY A 42 -8.00 1.02 -22.74
CA GLY A 42 -7.44 0.65 -24.05
C GLY A 42 -5.98 0.17 -24.07
N ARG A 43 -5.29 0.32 -22.98
CA ARG A 43 -3.85 -0.10 -22.84
C ARG A 43 -3.88 -1.45 -22.23
N HIS A 44 -2.81 -2.21 -22.43
CA HIS A 44 -2.74 -3.56 -21.84
C HIS A 44 -2.07 -3.36 -20.47
N SER A 45 -2.28 -4.37 -19.66
CA SER A 45 -1.70 -4.42 -18.29
C SER A 45 -0.15 -4.48 -18.37
N GLY A 46 0.45 -3.86 -17.37
CA GLY A 46 1.94 -3.85 -17.28
C GLY A 46 2.69 -2.92 -18.17
N GLN A 47 2.17 -1.81 -18.65
CA GLN A 47 2.83 -0.96 -19.65
C GLN A 47 3.12 0.48 -19.31
N ALA A 48 2.71 0.89 -18.10
CA ALA A 48 3.09 2.22 -17.60
C ALA A 48 4.66 2.20 -17.39
N GLU A 49 5.32 3.23 -17.95
CA GLU A 49 6.80 3.18 -17.77
C GLU A 49 7.22 3.72 -16.42
N GLY A 50 8.32 3.07 -15.88
CA GLY A 50 8.88 3.45 -14.63
C GLY A 50 8.26 2.79 -13.42
N TYR A 51 7.41 1.81 -13.68
CA TYR A 51 6.78 1.05 -12.63
C TYR A 51 7.19 -0.41 -12.71
N SER A 52 7.48 -0.93 -11.48
CA SER A 52 7.82 -2.31 -11.33
C SER A 52 6.68 -3.24 -11.04
N TYR A 53 6.03 -3.68 -12.14
CA TYR A 53 4.89 -4.63 -12.04
C TYR A 53 5.36 -6.02 -11.61
N THR A 54 4.51 -6.88 -11.14
CA THR A 54 4.71 -8.25 -10.91
C THR A 54 4.71 -8.97 -12.32
N ASP A 55 5.36 -10.16 -12.29
CA ASP A 55 5.47 -11.02 -13.44
C ASP A 55 3.98 -11.31 -13.92
N ALA A 56 3.15 -11.62 -12.97
CA ALA A 56 1.74 -11.97 -13.07
C ALA A 56 0.88 -10.98 -13.83
N ASN A 57 1.04 -9.70 -13.48
CA ASN A 57 0.25 -8.67 -14.21
C ASN A 57 0.64 -8.55 -15.65
N ILE A 58 1.90 -8.46 -15.90
CA ILE A 58 2.43 -8.32 -17.26
C ILE A 58 2.04 -9.41 -18.27
N LYS A 59 2.06 -10.63 -17.87
CA LYS A 59 1.88 -11.84 -18.64
C LYS A 59 0.40 -12.17 -18.80
N LYS A 60 -0.36 -11.52 -17.98
CA LYS A 60 -1.81 -11.63 -17.98
C LYS A 60 -2.32 -10.86 -19.22
N ASN A 61 -1.60 -9.86 -19.65
CA ASN A 61 -1.78 -9.02 -20.79
C ASN A 61 -3.25 -8.64 -20.97
N VAL A 62 -3.91 -8.24 -19.89
CA VAL A 62 -5.27 -7.73 -20.06
C VAL A 62 -5.41 -6.42 -20.83
N LEU A 63 -6.43 -6.39 -21.74
CA LEU A 63 -6.73 -5.14 -22.43
C LEU A 63 -7.82 -4.54 -21.51
N TRP A 64 -7.49 -3.38 -20.97
CA TRP A 64 -8.36 -2.73 -20.02
C TRP A 64 -9.50 -1.94 -20.71
N ASP A 65 -10.65 -2.45 -20.44
CA ASP A 65 -11.94 -1.87 -21.02
C ASP A 65 -12.81 -1.73 -19.79
N GLU A 66 -13.82 -0.90 -19.82
CA GLU A 66 -14.74 -0.75 -18.64
C GLU A 66 -15.25 -2.05 -18.15
N ASN A 67 -15.27 -3.06 -19.02
CA ASN A 67 -15.81 -4.39 -18.71
C ASN A 67 -14.93 -5.40 -17.93
N ASN A 68 -13.68 -5.50 -18.30
CA ASN A 68 -12.55 -6.29 -17.78
C ASN A 68 -12.23 -5.83 -16.34
N MET A 69 -12.24 -4.49 -16.39
CA MET A 69 -12.05 -3.65 -15.18
C MET A 69 -13.04 -4.00 -14.12
N SER A 70 -14.29 -4.25 -14.51
CA SER A 70 -15.32 -4.62 -13.52
C SER A 70 -15.06 -5.97 -12.86
N GLU A 71 -14.62 -6.92 -13.69
CA GLU A 71 -14.39 -8.27 -13.24
C GLU A 71 -13.09 -8.24 -12.32
N TYR A 72 -12.15 -7.47 -12.82
CA TYR A 72 -10.90 -7.27 -12.03
C TYR A 72 -11.22 -6.75 -10.63
N LEU A 73 -11.94 -5.62 -10.54
CA LEU A 73 -12.31 -4.99 -9.30
C LEU A 73 -13.14 -5.82 -8.38
N THR A 74 -13.77 -6.88 -8.93
CA THR A 74 -14.52 -7.77 -8.06
C THR A 74 -13.65 -8.53 -7.09
N ASN A 75 -12.47 -8.90 -7.60
CA ASN A 75 -11.50 -9.74 -6.92
C ASN A 75 -10.25 -9.83 -7.78
N PRO A 76 -9.40 -8.83 -7.54
CA PRO A 76 -8.14 -8.65 -8.23
C PRO A 76 -7.26 -9.90 -8.33
N LYS A 77 -7.05 -10.54 -7.18
CA LYS A 77 -6.21 -11.76 -7.09
C LYS A 77 -6.77 -13.00 -7.73
N LYS A 78 -8.12 -13.01 -7.84
CA LYS A 78 -8.83 -14.13 -8.51
C LYS A 78 -8.59 -13.86 -9.97
N TYR A 79 -8.66 -12.65 -10.44
CA TYR A 79 -8.45 -12.25 -11.85
C TYR A 79 -7.02 -12.33 -12.34
N ILE A 80 -6.06 -11.83 -11.52
CA ILE A 80 -4.58 -11.88 -11.80
C ILE A 80 -3.88 -12.51 -10.63
N PRO A 81 -3.86 -13.84 -10.65
CA PRO A 81 -3.33 -14.58 -9.51
C PRO A 81 -1.78 -14.21 -9.51
N GLY A 82 -1.43 -13.80 -8.30
CA GLY A 82 -0.03 -13.36 -8.09
C GLY A 82 0.17 -11.87 -8.10
N THR A 83 -0.89 -11.05 -8.33
CA THR A 83 -0.75 -9.59 -8.42
C THR A 83 -0.37 -9.13 -7.07
N LYS A 84 0.42 -8.11 -6.89
CA LYS A 84 0.73 -7.59 -5.61
C LYS A 84 -0.15 -6.49 -5.16
N MET A 85 -1.21 -6.29 -5.99
CA MET A 85 -2.28 -5.30 -5.56
C MET A 85 -3.08 -5.91 -4.43
N ALA A 86 -2.82 -5.37 -3.24
CA ALA A 86 -3.49 -5.80 -2.03
C ALA A 86 -4.83 -5.09 -1.75
N PHE A 87 -5.83 -5.50 -2.55
CA PHE A 87 -7.18 -4.95 -2.48
C PHE A 87 -8.12 -6.14 -2.58
N GLY A 88 -9.01 -6.30 -1.61
CA GLY A 88 -9.93 -7.38 -1.58
C GLY A 88 -10.91 -7.39 -2.71
N GLY A 89 -11.45 -6.23 -3.04
CA GLY A 89 -12.49 -6.26 -4.13
C GLY A 89 -13.72 -5.39 -3.75
N LEU A 90 -14.47 -5.10 -4.76
CA LEU A 90 -15.71 -4.30 -4.72
C LEU A 90 -16.81 -5.26 -5.25
N LYS A 91 -17.48 -5.85 -4.29
CA LYS A 91 -18.48 -6.88 -4.62
C LYS A 91 -19.74 -6.37 -5.22
N LYS A 92 -20.17 -5.18 -4.96
CA LYS A 92 -21.44 -4.69 -5.55
C LYS A 92 -21.17 -4.10 -6.89
N GLU A 93 -21.95 -4.62 -7.84
CA GLU A 93 -21.90 -4.11 -9.18
C GLU A 93 -22.18 -2.58 -9.21
N LYS A 94 -23.06 -2.13 -8.38
CA LYS A 94 -23.41 -0.70 -8.43
C LYS A 94 -22.22 0.20 -8.08
N ASP A 95 -21.47 -0.27 -7.14
CA ASP A 95 -20.18 0.41 -6.69
C ASP A 95 -19.14 0.46 -7.78
N ARG A 96 -18.92 -0.74 -8.37
CA ARG A 96 -18.06 -0.84 -9.53
C ARG A 96 -18.54 0.08 -10.68
N ASN A 97 -19.85 0.12 -10.96
CA ASN A 97 -20.33 0.96 -12.07
C ASN A 97 -20.02 2.41 -11.78
N ASP A 98 -20.33 2.86 -10.57
CA ASP A 98 -19.98 4.15 -10.16
C ASP A 98 -18.43 4.42 -10.35
N LEU A 99 -17.62 3.58 -9.79
CA LEU A 99 -16.16 3.81 -9.85
C LEU A 99 -15.65 3.83 -11.25
N ILE A 100 -16.00 2.90 -12.07
CA ILE A 100 -15.56 2.82 -13.46
C ILE A 100 -16.02 4.04 -14.28
N THR A 101 -17.23 4.50 -13.90
CA THR A 101 -17.81 5.70 -14.54
C THR A 101 -16.82 6.88 -14.33
N TYR A 102 -16.32 7.05 -13.12
CA TYR A 102 -15.37 8.03 -12.66
C TYR A 102 -13.99 7.78 -13.27
N LEU A 103 -13.63 6.50 -13.31
CA LEU A 103 -12.32 6.24 -14.00
C LEU A 103 -12.35 6.53 -15.49
N LYS A 104 -13.39 6.09 -16.18
CA LYS A 104 -13.58 6.36 -17.61
C LYS A 104 -13.32 7.82 -17.93
N LYS A 105 -13.88 8.66 -17.09
CA LYS A 105 -13.75 10.11 -17.20
C LYS A 105 -12.43 10.74 -16.78
N ALA A 106 -11.91 10.32 -15.64
CA ALA A 106 -10.71 10.99 -15.10
C ALA A 106 -9.42 10.51 -15.68
N THR A 107 -9.49 9.35 -16.21
CA THR A 107 -8.25 8.77 -16.88
C THR A 107 -8.08 9.08 -18.35
N GLU A 108 -8.92 9.89 -18.93
CA GLU A 108 -8.76 10.20 -20.37
C GLU A 108 -7.86 11.42 -20.53
N LYS B 3 9.90 1.03 30.04
CA LYS B 3 9.64 1.86 28.85
C LYS B 3 10.96 2.34 28.25
N ILE B 4 10.98 2.58 26.94
CA ILE B 4 12.19 3.02 26.26
C ILE B 4 11.92 4.25 25.39
N THR B 5 12.98 5.02 25.16
CA THR B 5 12.90 6.22 24.35
C THR B 5 13.15 5.88 22.87
N VAL B 6 12.31 6.44 22.00
CA VAL B 6 12.50 6.26 20.55
C VAL B 6 12.45 7.65 19.89
N HIS B 7 13.41 7.92 19.01
CA HIS B 7 13.42 9.21 18.29
C HIS B 7 13.01 8.96 16.82
N PHE B 8 12.14 9.80 16.31
CA PHE B 8 11.70 9.70 14.93
C PHE B 8 12.12 10.97 14.18
N ILE B 9 12.91 10.81 13.12
CA ILE B 9 13.20 11.94 12.24
C ILE B 9 12.10 11.99 11.18
N ASN B 10 11.20 12.95 11.35
CA ASN B 10 10.04 13.03 10.42
C ASN B 10 10.49 13.53 9.08
N ARG B 11 9.65 13.47 8.04
CA ARG B 11 10.07 13.90 6.71
C ARG B 11 10.37 15.39 6.63
N ASP B 12 9.76 16.18 7.51
CA ASP B 12 10.02 17.61 7.58
C ASP B 12 11.37 17.92 8.20
N GLY B 13 11.98 16.94 8.85
CA GLY B 13 13.30 17.14 9.45
C GLY B 13 13.22 17.29 10.95
N GLU B 14 12.00 17.42 11.48
CA GLU B 14 11.83 17.57 12.94
C GLU B 14 12.02 16.21 13.63
N THR B 15 12.68 16.22 14.79
CA THR B 15 12.86 15.01 15.55
C THR B 15 11.77 14.87 16.61
N LEU B 16 11.04 13.77 16.52
CA LEU B 16 9.97 13.48 17.47
C LEU B 16 10.52 12.50 18.50
N THR B 17 10.62 12.95 19.75
CA THR B 17 11.14 12.05 20.79
C THR B 17 9.97 11.57 21.65
N THR B 18 9.83 10.26 21.78
CA THR B 18 8.70 9.71 22.54
C THR B 18 9.07 8.40 23.21
N LYS B 19 8.18 7.90 24.04
CA LYS B 19 8.42 6.66 24.77
C LYS B 19 7.38 5.61 24.43
N GLY B 20 7.78 4.36 24.39
CA GLY B 20 6.90 3.23 24.19
C GLY B 20 7.30 2.10 25.16
N LYS B 21 6.44 1.12 25.34
CA LYS B 21 6.76 0.00 26.23
C LYS B 21 7.28 -1.19 25.42
N ILE B 22 8.24 -1.92 26.00
CA ILE B 22 8.75 -3.10 25.27
C ILE B 22 7.56 -3.98 24.90
N GLY B 23 7.55 -4.46 23.67
CA GLY B 23 6.48 -5.28 23.14
C GLY B 23 5.54 -4.49 22.24
N ASP B 24 5.50 -3.18 22.41
CA ASP B 24 4.67 -2.31 21.59
C ASP B 24 5.22 -2.25 20.16
N SER B 25 4.33 -2.20 19.16
CA SER B 25 4.85 -2.03 17.78
C SER B 25 5.22 -0.59 17.58
N LEU B 26 5.96 -0.28 16.53
CA LEU B 26 6.31 1.12 16.25
C LEU B 26 5.09 1.91 15.79
N LEU B 27 4.10 1.23 15.25
CA LEU B 27 2.83 1.91 14.89
C LEU B 27 2.07 2.28 16.16
N ASP B 28 2.05 1.35 17.11
CA ASP B 28 1.48 1.61 18.43
C ASP B 28 2.11 2.87 19.04
N VAL B 29 3.44 2.95 18.96
CA VAL B 29 4.16 4.11 19.45
C VAL B 29 3.68 5.38 18.78
N VAL B 30 3.51 5.34 17.46
CA VAL B 30 3.09 6.55 16.74
C VAL B 30 1.64 6.88 17.09
N VAL B 31 0.79 5.87 17.12
CA VAL B 31 -0.65 6.12 17.31
C VAL B 31 -0.98 6.59 18.70
N GLN B 32 -0.48 5.92 19.75
CA GLN B 32 -0.77 6.30 21.11
C GLN B 32 -0.28 7.68 21.48
N ASN B 33 0.90 8.05 21.02
CA ASN B 33 1.51 9.32 21.36
C ASN B 33 1.15 10.43 20.41
N ASN B 34 0.21 10.20 19.50
CA ASN B 34 -0.25 11.17 18.55
C ASN B 34 0.89 11.87 17.82
N LEU B 35 1.87 11.11 17.35
CA LEU B 35 2.97 11.68 16.60
C LEU B 35 2.49 12.26 15.29
N ASP B 36 3.01 13.41 14.89
CA ASP B 36 2.56 14.12 13.68
C ASP B 36 3.25 13.62 12.44
N ILE B 37 2.97 12.35 12.06
CA ILE B 37 3.59 11.80 10.85
C ILE B 37 2.51 11.54 9.82
N ASP B 38 2.47 12.42 8.81
CA ASP B 38 1.40 12.37 7.82
C ASP B 38 1.22 10.96 7.27
N GLY B 39 -0.02 10.48 7.33
CA GLY B 39 -0.46 9.25 6.79
C GLY B 39 -0.03 7.99 7.48
N PHE B 40 0.75 8.09 8.55
CA PHE B 40 1.37 6.89 9.13
C PHE B 40 0.36 5.94 9.70
N GLY B 41 0.37 4.68 9.27
CA GLY B 41 -0.51 3.67 9.87
C GLY B 41 -1.85 3.58 9.15
N ALA B 42 -1.89 3.90 7.88
CA ALA B 42 -3.11 3.92 7.09
C ALA B 42 -3.96 2.69 7.22
N CYS B 43 -3.43 1.49 7.04
CA CYS B 43 -4.17 0.25 7.17
C CYS B 43 -4.28 -0.25 8.60
N GLU B 44 -3.80 0.53 9.56
CA GLU B 44 -3.86 0.13 10.97
C GLU B 44 -3.20 -1.23 11.18
N GLY B 45 -2.03 -1.43 10.55
CA GLY B 45 -1.23 -2.58 10.70
C GLY B 45 -1.73 -3.90 10.20
N THR B 46 -2.25 -3.98 8.97
CA THR B 46 -2.71 -5.25 8.41
C THR B 46 -1.94 -5.61 7.16
N LEU B 47 -0.81 -4.95 6.93
CA LEU B 47 0.01 -5.20 5.76
C LEU B 47 -0.72 -4.96 4.46
N ALA B 48 -1.44 -3.84 4.39
CA ALA B 48 -2.14 -3.45 3.16
C ALA B 48 -1.74 -2.04 2.75
N CYS B 49 -0.62 -1.55 3.33
CA CYS B 49 -0.20 -0.19 3.00
C CYS B 49 1.31 -0.06 3.20
N SER B 50 1.90 1.08 2.77
CA SER B 50 3.36 1.20 3.00
C SER B 50 3.68 2.41 3.87
N THR B 51 2.67 3.00 4.50
CA THR B 51 2.80 4.24 5.21
C THR B 51 3.54 4.14 6.53
N CYS B 52 3.73 2.94 7.07
CA CYS B 52 4.41 2.77 8.32
C CYS B 52 5.88 2.37 8.11
N HIS B 53 6.34 2.57 6.88
CA HIS B 53 7.75 2.31 6.54
C HIS B 53 8.67 3.18 7.40
N LEU B 54 9.67 2.54 8.01
CA LEU B 54 10.69 3.26 8.78
C LEU B 54 12.08 2.74 8.35
N ILE B 55 13.06 3.59 8.49
CA ILE B 55 14.45 3.29 8.17
C ILE B 55 15.24 3.24 9.49
N PHE B 56 15.82 2.08 9.77
CA PHE B 56 16.43 1.81 11.06
C PHE B 56 17.95 1.98 11.04
N GLU B 57 18.53 2.17 12.23
CA GLU B 57 20.00 2.11 12.34
C GLU B 57 20.47 0.70 11.99
N GLN B 58 21.64 0.57 11.37
CA GLN B 58 22.10 -0.76 10.93
C GLN B 58 22.20 -1.76 12.07
N HIS B 59 22.71 -1.38 13.21
CA HIS B 59 22.92 -2.35 14.31
C HIS B 59 21.61 -2.83 14.88
N ILE B 60 20.58 -1.99 14.81
CA ILE B 60 19.22 -2.37 15.19
C ILE B 60 18.61 -3.26 14.11
N PHE B 61 18.67 -2.81 12.85
CA PHE B 61 18.12 -3.54 11.73
C PHE B 61 18.54 -5.00 11.68
N GLU B 62 19.82 -5.27 11.89
CA GLU B 62 20.35 -6.61 11.72
C GLU B 62 19.87 -7.60 12.75
N LYS B 63 19.24 -7.15 13.83
CA LYS B 63 18.77 -8.07 14.87
C LYS B 63 17.25 -8.08 14.96
N LEU B 64 16.60 -7.50 13.97
CA LEU B 64 15.13 -7.51 13.94
C LEU B 64 14.62 -8.89 13.58
N GLU B 65 13.39 -9.20 13.95
CA GLU B 65 12.78 -10.49 13.63
C GLU B 65 12.77 -10.70 12.11
N ALA B 66 13.01 -11.92 11.68
CA ALA B 66 13.06 -12.26 10.26
C ALA B 66 11.84 -11.69 9.54
N ILE B 67 12.06 -11.09 8.38
CA ILE B 67 10.94 -10.51 7.64
C ILE B 67 10.07 -11.60 7.01
N THR B 68 8.77 -11.43 7.09
CA THR B 68 7.85 -12.40 6.46
C THR B 68 7.61 -12.00 5.00
N ASP B 69 7.12 -12.98 4.22
CA ASP B 69 6.82 -12.71 2.82
C ASP B 69 5.73 -11.65 2.70
N GLU B 70 4.76 -11.69 3.61
CA GLU B 70 3.66 -10.73 3.56
C GLU B 70 4.18 -9.30 3.71
N GLU B 71 5.07 -9.10 4.70
CA GLU B 71 5.64 -7.77 4.89
C GLU B 71 6.43 -7.35 3.66
N ASN B 72 7.27 -8.25 3.15
CA ASN B 72 8.09 -7.98 1.99
C ASN B 72 7.32 -7.54 0.77
N ASP B 73 6.16 -8.12 0.52
CA ASP B 73 5.35 -7.76 -0.65
C ASP B 73 4.85 -6.32 -0.55
N MET B 74 4.49 -5.92 0.67
CA MET B 74 4.01 -4.56 0.91
C MET B 74 5.19 -3.60 0.91
N LEU B 75 6.28 -4.06 1.54
CA LEU B 75 7.48 -3.22 1.65
C LEU B 75 8.07 -2.90 0.30
N ASP B 76 7.98 -3.84 -0.63
CA ASP B 76 8.42 -3.69 -2.00
C ASP B 76 7.87 -2.45 -2.68
N CYS B 77 6.65 -2.03 -2.32
CA CYS B 77 5.99 -0.91 -2.89
C CYS B 77 6.27 0.42 -2.20
N ALA B 78 7.00 0.43 -1.10
CA ALA B 78 7.21 1.68 -0.37
C ALA B 78 8.09 2.65 -1.15
N TYR B 79 7.88 3.94 -0.90
CA TYR B 79 8.74 4.99 -1.42
C TYR B 79 10.00 5.08 -0.57
N GLY B 80 11.12 5.43 -1.17
CA GLY B 80 12.36 5.68 -0.44
C GLY B 80 12.90 4.48 0.30
N LEU B 81 12.80 3.29 -0.23
CA LEU B 81 13.31 2.07 0.32
C LEU B 81 14.83 2.12 0.50
N THR B 82 15.31 1.61 1.61
CA THR B 82 16.75 1.52 1.88
C THR B 82 17.05 0.06 2.27
N ASP B 83 18.32 -0.21 2.50
CA ASP B 83 18.75 -1.53 2.95
C ASP B 83 18.43 -1.74 4.44
N ARG B 84 17.92 -0.71 5.09
CA ARG B 84 17.57 -0.83 6.52
C ARG B 84 16.10 -0.53 6.75
N SER B 85 15.26 -0.83 5.77
CA SER B 85 13.84 -0.51 5.81
C SER B 85 12.97 -1.66 6.31
N ARG B 86 11.98 -1.37 7.13
CA ARG B 86 10.98 -2.34 7.55
C ARG B 86 9.63 -1.62 7.68
N LEU B 87 8.54 -2.38 7.69
CA LEU B 87 7.24 -1.78 8.01
C LEU B 87 7.09 -1.72 9.52
N GLY B 88 6.99 -0.50 10.05
CA GLY B 88 6.97 -0.30 11.49
C GLY B 88 5.91 -1.04 12.24
N CYS B 89 4.72 -1.29 11.63
CA CYS B 89 3.67 -1.97 12.37
C CYS B 89 4.03 -3.42 12.69
N GLN B 90 5.08 -3.94 12.09
CA GLN B 90 5.54 -5.29 12.33
C GLN B 90 6.69 -5.34 13.34
N ILE B 91 7.25 -4.19 13.71
CA ILE B 91 8.44 -4.18 14.57
C ILE B 91 8.05 -3.75 15.99
N SER B 92 8.30 -4.64 16.96
CA SER B 92 7.96 -4.34 18.34
C SER B 92 9.21 -4.02 19.16
N LEU B 93 9.04 -3.13 20.12
CA LEU B 93 10.13 -2.58 20.91
C LEU B 93 10.85 -3.62 21.73
N THR B 94 12.18 -3.55 21.72
CA THR B 94 13.02 -4.43 22.53
C THR B 94 13.97 -3.58 23.36
N LYS B 95 14.63 -4.18 24.35
CA LYS B 95 15.60 -3.48 25.18
C LYS B 95 16.65 -2.77 24.34
N ALA B 96 17.18 -3.45 23.33
CA ALA B 96 18.25 -2.92 22.52
C ALA B 96 17.88 -1.67 21.76
N MET B 97 16.60 -1.34 21.65
CA MET B 97 16.14 -0.17 20.95
C MET B 97 16.03 1.08 21.79
N ASP B 98 16.36 0.98 23.09
CA ASP B 98 16.32 2.20 23.90
C ASP B 98 17.21 3.25 23.24
N ASN B 99 16.69 4.46 23.08
CA ASN B 99 17.37 5.58 22.52
C ASN B 99 17.66 5.48 21.03
N MET B 100 17.14 4.48 20.34
CA MET B 100 17.39 4.37 18.90
C MET B 100 16.75 5.54 18.14
N THR B 101 17.18 5.71 16.89
CA THR B 101 16.55 6.69 16.00
C THR B 101 16.06 5.99 14.74
N VAL B 102 14.83 6.29 14.33
CA VAL B 102 14.29 5.80 13.08
C VAL B 102 13.99 7.01 12.18
N ARG B 103 14.03 6.79 10.85
CA ARG B 103 13.76 7.85 9.92
C ARG B 103 12.51 7.57 9.10
N VAL B 104 11.66 8.59 8.99
CA VAL B 104 10.49 8.53 8.14
C VAL B 104 10.88 9.13 6.76
N PRO B 105 10.81 8.19 5.76
CA PRO B 105 11.19 8.60 4.41
C PRO B 105 10.15 9.45 3.73
FE HEC C . -4.51 -0.98 -7.76
CHA HEC C . -2.48 -2.30 -10.15
CHB HEC C . -6.73 -0.14 -10.19
CHC HEC C . -6.71 -0.18 -5.36
CHD HEC C . -2.08 -1.25 -5.52
NA HEC C . -4.54 -1.19 -9.72
C1A HEC C . -3.66 -1.73 -10.58
C2A HEC C . -4.23 -1.93 -11.93
C3A HEC C . -5.41 -1.30 -11.90
C4A HEC C . -5.68 -0.85 -10.61
CMA HEC C . -6.42 -1.19 -13.11
CAA HEC C . -3.43 -2.53 -13.04
CBA HEC C . -2.66 -1.40 -13.77
CGA HEC C . -1.95 -1.74 -15.08
O1A HEC C . -1.34 -0.78 -15.58
O2A HEC C . -2.02 -2.89 -15.56
NB HEC C . -6.38 -0.27 -7.76
C1B HEC C . -7.04 0.22 -8.88
C2B HEC C . -8.32 0.73 -8.38
C3B HEC C . -8.37 0.66 -7.03
C4B HEC C . -7.11 0.08 -6.69
CMB HEC C . -9.37 1.39 -9.35
CAB HEC C . -9.41 1.14 -6.04
CBB HEC C . -10.54 0.13 -5.79
NC HEC C . -4.37 -0.77 -5.79
C1C HEC C . -5.35 -0.44 -4.90
C2C HEC C . -4.97 -0.27 -3.55
C3C HEC C . -3.66 -0.62 -3.58
C4C HEC C . -3.27 -0.84 -4.97
CMC HEC C . -5.80 0.11 -2.36
CAC HEC C . -2.54 -0.47 -2.50
CBC HEC C . -2.94 -1.17 -1.17
ND HEC C . -2.62 -1.64 -7.80
C1D HEC C . -1.73 -1.68 -6.73
C2D HEC C . -0.52 -2.22 -7.16
C3D HEC C . -0.63 -2.54 -8.45
C4D HEC C . -2.00 -2.25 -8.85
CMD HEC C . 0.76 -2.49 -6.23
CAD HEC C . 0.44 -3.30 -9.28
CBD HEC C . 0.11 -4.76 -9.47
CGD HEC C . 1.23 -5.70 -9.92
O1D HEC C . 2.19 -5.18 -10.53
O2D HEC C . 0.97 -6.92 -9.77
HHA HEC C . -1.87 -2.81 -10.88
HHB HEC C . -7.42 0.21 -10.94
HHC HEC C . -7.48 -0.18 -4.61
HHD HEC C . -1.26 -1.23 -4.81
HMA1 HEC C . -6.92 -0.24 -13.08
HMA2 HEC C . -7.14 -1.99 -13.04
HMA3 HEC C . -5.87 -1.28 -14.04
HAA1 HEC C . -4.10 -3.02 -13.75
HAA2 HEC C . -2.73 -3.25 -12.65
HBA1 HEC C . -1.89 -1.03 -13.09
HBA2 HEC C . -3.35 -0.60 -13.98
HMB1 HEC C . -9.52 2.42 -9.07
HMB2 HEC C . -10.30 0.86 -9.30
HMB3 HEC C . -8.99 1.35 -10.36
HAB HEC C . -9.00 1.04 -5.05
HBB1 HEC C . -11.49 0.65 -5.75
HBB2 HEC C . -10.38 -0.37 -4.85
HBB3 HEC C . -10.56 -0.60 -6.59
HMC1 HEC C . -5.17 0.28 -1.51
HMC2 HEC C . -6.48 -0.70 -2.14
HMC3 HEC C . -6.37 1.00 -2.59
HAC HEC C . -1.64 -0.95 -2.86
HBC1 HEC C . -3.02 -2.23 -1.33
HBC2 HEC C . -3.88 -0.77 -0.83
HBC3 HEC C . -2.17 -0.97 -0.43
HMD1 HEC C . 1.15 -3.48 -6.44
HMD2 HEC C . 0.46 -2.43 -5.19
HMD3 HEC C . 1.52 -1.75 -6.44
HAD1 HEC C . 1.39 -3.22 -8.78
HAD2 HEC C . 0.52 -2.84 -10.26
HBD1 HEC C . -0.67 -4.83 -10.20
HBD2 HEC C . -0.26 -5.12 -8.52
FE1 FES D . -0.15 -0.58 6.94
FE2 FES D . 1.92 -1.11 8.50
S1 FES D . 1.36 -2.15 6.68
S2 FES D . 0.26 0.22 8.95
N THR A 1 -22.94 -3.56 -22.94
CA THR A 1 -21.80 -4.41 -22.40
C THR A 1 -22.49 -5.36 -21.40
N GLU A 2 -22.00 -5.33 -20.20
CA GLU A 2 -22.54 -6.03 -19.01
C GLU A 2 -22.11 -5.12 -17.84
N PHE A 3 -21.98 -3.86 -18.21
CA PHE A 3 -21.51 -2.71 -17.49
C PHE A 3 -22.37 -1.50 -17.92
N LYS A 4 -22.89 -0.73 -17.00
CA LYS A 4 -23.69 0.45 -17.34
C LYS A 4 -23.21 1.60 -16.45
N ALA A 5 -23.37 2.80 -16.98
CA ALA A 5 -22.91 4.02 -16.31
C ALA A 5 -23.66 4.24 -14.99
N GLY A 6 -22.93 4.89 -14.08
CA GLY A 6 -23.41 5.21 -12.78
C GLY A 6 -23.09 6.66 -12.57
N SER A 7 -22.81 6.96 -11.34
CA SER A 7 -22.53 8.28 -10.83
C SER A 7 -21.00 8.43 -10.79
N ALA A 8 -20.57 9.38 -11.63
CA ALA A 8 -19.14 9.76 -11.62
C ALA A 8 -18.82 10.45 -10.29
N LYS A 9 -19.71 11.19 -9.73
CA LYS A 9 -19.39 11.89 -8.49
C LYS A 9 -19.24 10.78 -7.42
N LYS A 10 -20.22 9.89 -7.41
CA LYS A 10 -20.15 8.81 -6.38
C LYS A 10 -18.85 8.02 -6.52
N GLY A 11 -18.50 7.80 -7.75
CA GLY A 11 -17.26 7.07 -8.26
C GLY A 11 -16.04 7.84 -7.82
N ALA A 12 -16.02 9.13 -7.79
CA ALA A 12 -14.88 9.96 -7.34
C ALA A 12 -14.65 9.66 -5.87
N THR A 13 -15.65 9.59 -5.08
CA THR A 13 -15.49 9.39 -3.61
C THR A 13 -15.14 7.94 -3.29
N LEU A 14 -15.57 7.08 -4.19
CA LEU A 14 -15.16 5.68 -4.07
C LEU A 14 -13.67 5.67 -4.29
N PHE A 15 -13.22 6.30 -5.31
CA PHE A 15 -11.74 6.35 -5.65
C PHE A 15 -10.94 6.81 -4.49
N LYS A 16 -11.39 7.97 -3.93
CA LYS A 16 -10.73 8.61 -2.78
C LYS A 16 -10.67 7.69 -1.62
N THR A 17 -11.73 7.08 -1.20
CA THR A 17 -11.67 6.18 -0.05
C THR A 17 -11.07 4.83 -0.30
N ARG A 18 -11.06 4.27 -1.48
CA ARG A 18 -10.60 2.91 -1.74
C ARG A 18 -9.40 2.72 -2.63
N CYS A 19 -9.08 3.66 -3.47
CA CYS A 19 -7.94 3.56 -4.37
C CYS A 19 -6.79 4.58 -4.23
N LEU A 20 -7.06 5.76 -3.78
CA LEU A 20 -6.17 6.92 -3.66
C LEU A 20 -4.93 6.58 -2.74
N GLN A 21 -5.16 5.67 -1.88
CA GLN A 21 -4.02 5.26 -0.97
C GLN A 21 -2.88 4.76 -1.84
N CYS A 22 -3.16 4.20 -3.00
CA CYS A 22 -2.12 3.61 -3.78
C CYS A 22 -1.81 4.12 -5.15
N HIS A 23 -2.83 4.90 -5.68
CA HIS A 23 -2.85 5.37 -7.07
C HIS A 23 -3.32 6.80 -7.27
N THR A 24 -2.77 7.34 -8.32
CA THR A 24 -3.17 8.68 -8.86
C THR A 24 -3.83 8.44 -10.24
N VAL A 25 -4.67 9.40 -10.65
CA VAL A 25 -5.33 9.26 -11.95
C VAL A 25 -4.98 10.32 -12.99
N GLU A 26 -4.44 11.37 -12.51
CA GLU A 26 -4.14 12.53 -13.35
C GLU A 26 -2.98 12.33 -14.30
N LYS A 27 -3.08 13.02 -15.43
CA LYS A 27 -1.96 13.00 -16.42
C LYS A 27 -0.81 13.68 -15.77
N GLY A 28 0.37 13.04 -15.72
CA GLY A 28 1.49 13.72 -15.01
C GLY A 28 1.52 13.49 -13.53
N GLY A 29 0.66 12.60 -13.06
CA GLY A 29 0.54 12.12 -11.68
C GLY A 29 1.67 11.04 -11.57
N PRO A 30 2.17 10.98 -10.36
CA PRO A 30 3.18 9.98 -10.10
C PRO A 30 2.68 8.63 -9.76
N HIS A 31 3.61 7.63 -9.92
CA HIS A 31 3.43 6.28 -9.40
C HIS A 31 3.53 6.42 -7.91
N LYS A 32 2.76 5.57 -7.24
CA LYS A 32 2.94 5.47 -5.75
C LYS A 32 3.24 4.02 -5.46
N CYS A 33 2.45 3.44 -4.50
CA CYS A 33 2.45 1.99 -4.30
C CYS A 33 2.08 1.30 -5.58
N GLY A 34 0.96 1.84 -6.14
CA GLY A 34 0.49 1.47 -7.46
C GLY A 34 0.81 2.51 -8.52
N PRO A 35 0.70 2.06 -9.82
CA PRO A 35 1.01 2.94 -10.91
C PRO A 35 -0.05 4.03 -11.16
N ASN A 36 0.44 5.09 -11.69
CA ASN A 36 -0.49 6.17 -12.13
C ASN A 36 -1.40 5.46 -13.16
N LEU A 37 -2.72 5.74 -13.08
CA LEU A 37 -3.61 5.14 -14.04
C LEU A 37 -4.09 6.01 -15.24
N HIS A 38 -3.54 7.18 -15.42
CA HIS A 38 -3.97 7.94 -16.63
C HIS A 38 -3.76 7.10 -17.84
N GLY A 39 -4.77 7.15 -18.77
CA GLY A 39 -4.76 6.42 -19.99
C GLY A 39 -4.88 4.95 -19.92
N ILE A 40 -5.33 4.38 -18.82
CA ILE A 40 -5.45 2.94 -18.61
C ILE A 40 -6.38 2.25 -19.59
N PHE A 41 -7.44 2.97 -19.89
CA PHE A 41 -8.45 2.39 -20.85
C PHE A 41 -7.87 2.21 -22.23
N GLY A 42 -8.00 1.02 -22.74
CA GLY A 42 -7.44 0.65 -24.05
C GLY A 42 -5.98 0.17 -24.07
N ARG A 43 -5.29 0.32 -22.98
CA ARG A 43 -3.85 -0.10 -22.84
C ARG A 43 -3.88 -1.45 -22.23
N HIS A 44 -2.81 -2.21 -22.43
CA HIS A 44 -2.74 -3.56 -21.84
C HIS A 44 -2.07 -3.36 -20.47
N SER A 45 -2.28 -4.37 -19.66
CA SER A 45 -1.70 -4.42 -18.29
C SER A 45 -0.15 -4.48 -18.37
N GLY A 46 0.45 -3.86 -17.37
CA GLY A 46 1.94 -3.85 -17.28
C GLY A 46 2.69 -2.92 -18.17
N GLN A 47 2.17 -1.81 -18.65
CA GLN A 47 2.83 -0.96 -19.65
C GLN A 47 3.12 0.48 -19.31
N ALA A 48 2.71 0.89 -18.10
CA ALA A 48 3.09 2.22 -17.60
C ALA A 48 4.66 2.20 -17.39
N GLU A 49 5.32 3.23 -17.95
CA GLU A 49 6.80 3.18 -17.77
C GLU A 49 7.22 3.72 -16.42
N GLY A 50 8.32 3.07 -15.88
CA GLY A 50 8.88 3.45 -14.63
C GLY A 50 8.26 2.79 -13.42
N TYR A 51 7.41 1.81 -13.68
CA TYR A 51 6.78 1.05 -12.63
C TYR A 51 7.19 -0.41 -12.71
N SER A 52 7.48 -0.93 -11.48
CA SER A 52 7.82 -2.31 -11.33
C SER A 52 6.68 -3.24 -11.04
N TYR A 53 6.03 -3.68 -12.14
CA TYR A 53 4.89 -4.63 -12.04
C TYR A 53 5.36 -6.02 -11.61
N THR A 54 4.51 -6.88 -11.14
CA THR A 54 4.71 -8.25 -10.91
C THR A 54 4.71 -8.97 -12.32
N ASP A 55 5.36 -10.16 -12.29
CA ASP A 55 5.47 -11.02 -13.44
C ASP A 55 3.98 -11.31 -13.92
N ALA A 56 3.15 -11.62 -12.97
CA ALA A 56 1.74 -11.97 -13.07
C ALA A 56 0.88 -10.98 -13.83
N ASN A 57 1.04 -9.70 -13.48
CA ASN A 57 0.25 -8.67 -14.21
C ASN A 57 0.64 -8.55 -15.65
N ILE A 58 1.90 -8.46 -15.90
CA ILE A 58 2.43 -8.32 -17.26
C ILE A 58 2.04 -9.41 -18.27
N LYS A 59 2.06 -10.63 -17.87
CA LYS A 59 1.88 -11.84 -18.64
C LYS A 59 0.40 -12.17 -18.80
N LYS A 60 -0.36 -11.52 -17.98
CA LYS A 60 -1.81 -11.63 -17.98
C LYS A 60 -2.32 -10.86 -19.22
N ASN A 61 -1.60 -9.86 -19.65
CA ASN A 61 -1.78 -9.02 -20.79
C ASN A 61 -3.25 -8.64 -20.97
N VAL A 62 -3.91 -8.24 -19.89
CA VAL A 62 -5.27 -7.73 -20.06
C VAL A 62 -5.41 -6.42 -20.83
N LEU A 63 -6.43 -6.39 -21.74
CA LEU A 63 -6.73 -5.14 -22.43
C LEU A 63 -7.82 -4.54 -21.51
N TRP A 64 -7.49 -3.38 -20.97
CA TRP A 64 -8.36 -2.73 -20.02
C TRP A 64 -9.50 -1.94 -20.71
N ASP A 65 -10.65 -2.45 -20.44
CA ASP A 65 -11.94 -1.87 -21.02
C ASP A 65 -12.81 -1.73 -19.79
N GLU A 66 -13.82 -0.90 -19.82
CA GLU A 66 -14.74 -0.75 -18.64
C GLU A 66 -15.25 -2.05 -18.15
N ASN A 67 -15.27 -3.06 -19.02
CA ASN A 67 -15.81 -4.39 -18.71
C ASN A 67 -14.93 -5.40 -17.93
N ASN A 68 -13.68 -5.50 -18.30
CA ASN A 68 -12.55 -6.29 -17.78
C ASN A 68 -12.23 -5.83 -16.34
N MET A 69 -12.24 -4.49 -16.39
CA MET A 69 -12.05 -3.65 -15.18
C MET A 69 -13.04 -4.00 -14.12
N SER A 70 -14.29 -4.25 -14.51
CA SER A 70 -15.32 -4.62 -13.52
C SER A 70 -15.06 -5.97 -12.86
N GLU A 71 -14.62 -6.92 -13.69
CA GLU A 71 -14.39 -8.27 -13.24
C GLU A 71 -13.09 -8.24 -12.32
N TYR A 72 -12.15 -7.47 -12.82
CA TYR A 72 -10.90 -7.27 -12.03
C TYR A 72 -11.22 -6.75 -10.63
N LEU A 73 -11.94 -5.62 -10.54
CA LEU A 73 -12.31 -4.99 -9.30
C LEU A 73 -13.14 -5.82 -8.38
N THR A 74 -13.77 -6.88 -8.93
CA THR A 74 -14.52 -7.77 -8.06
C THR A 74 -13.65 -8.53 -7.09
N ASN A 75 -12.47 -8.90 -7.60
CA ASN A 75 -11.50 -9.74 -6.92
C ASN A 75 -10.25 -9.83 -7.78
N PRO A 76 -9.40 -8.83 -7.54
CA PRO A 76 -8.14 -8.65 -8.23
C PRO A 76 -7.26 -9.90 -8.33
N LYS A 77 -7.05 -10.54 -7.18
CA LYS A 77 -6.21 -11.76 -7.09
C LYS A 77 -6.77 -13.00 -7.73
N LYS A 78 -8.12 -13.01 -7.84
CA LYS A 78 -8.83 -14.13 -8.51
C LYS A 78 -8.59 -13.86 -9.97
N TYR A 79 -8.66 -12.65 -10.44
CA TYR A 79 -8.45 -12.25 -11.85
C TYR A 79 -7.02 -12.33 -12.34
N ILE A 80 -6.06 -11.83 -11.52
CA ILE A 80 -4.58 -11.88 -11.80
C ILE A 80 -3.88 -12.51 -10.63
N PRO A 81 -3.86 -13.84 -10.65
CA PRO A 81 -3.33 -14.58 -9.51
C PRO A 81 -1.78 -14.21 -9.51
N GLY A 82 -1.43 -13.80 -8.30
CA GLY A 82 -0.03 -13.36 -8.09
C GLY A 82 0.17 -11.87 -8.10
N THR A 83 -0.89 -11.05 -8.33
CA THR A 83 -0.75 -9.59 -8.42
C THR A 83 -0.37 -9.13 -7.07
N LYS A 84 0.42 -8.11 -6.89
CA LYS A 84 0.73 -7.59 -5.61
C LYS A 84 -0.15 -6.49 -5.16
N MET A 85 -1.21 -6.29 -5.99
CA MET A 85 -2.28 -5.30 -5.56
C MET A 85 -3.08 -5.91 -4.43
N ALA A 86 -2.82 -5.37 -3.24
CA ALA A 86 -3.49 -5.80 -2.03
C ALA A 86 -4.83 -5.09 -1.75
N PHE A 87 -5.83 -5.50 -2.55
CA PHE A 87 -7.18 -4.95 -2.48
C PHE A 87 -8.12 -6.14 -2.58
N GLY A 88 -9.01 -6.30 -1.61
CA GLY A 88 -9.93 -7.38 -1.58
C GLY A 88 -10.91 -7.39 -2.71
N GLY A 89 -11.45 -6.23 -3.04
CA GLY A 89 -12.49 -6.26 -4.13
C GLY A 89 -13.72 -5.39 -3.75
N LEU A 90 -14.47 -5.10 -4.76
CA LEU A 90 -15.71 -4.30 -4.72
C LEU A 90 -16.81 -5.26 -5.25
N LYS A 91 -17.48 -5.85 -4.29
CA LYS A 91 -18.48 -6.88 -4.62
C LYS A 91 -19.74 -6.37 -5.22
N LYS A 92 -20.17 -5.18 -4.96
CA LYS A 92 -21.44 -4.69 -5.55
C LYS A 92 -21.17 -4.10 -6.89
N GLU A 93 -21.95 -4.62 -7.84
CA GLU A 93 -21.90 -4.11 -9.18
C GLU A 93 -22.18 -2.58 -9.21
N LYS A 94 -23.06 -2.13 -8.38
CA LYS A 94 -23.41 -0.70 -8.43
C LYS A 94 -22.22 0.20 -8.08
N ASP A 95 -21.47 -0.27 -7.14
CA ASP A 95 -20.18 0.41 -6.69
C ASP A 95 -19.14 0.46 -7.78
N ARG A 96 -18.92 -0.74 -8.37
CA ARG A 96 -18.06 -0.84 -9.53
C ARG A 96 -18.54 0.08 -10.68
N ASN A 97 -19.85 0.12 -10.96
CA ASN A 97 -20.33 0.96 -12.07
C ASN A 97 -20.02 2.41 -11.78
N ASP A 98 -20.33 2.86 -10.57
CA ASP A 98 -19.98 4.15 -10.16
C ASP A 98 -18.43 4.42 -10.35
N LEU A 99 -17.62 3.58 -9.79
CA LEU A 99 -16.16 3.81 -9.85
C LEU A 99 -15.65 3.83 -11.25
N ILE A 100 -16.00 2.90 -12.07
CA ILE A 100 -15.56 2.82 -13.46
C ILE A 100 -16.02 4.04 -14.28
N THR A 101 -17.23 4.50 -13.90
CA THR A 101 -17.81 5.70 -14.54
C THR A 101 -16.82 6.88 -14.33
N TYR A 102 -16.32 7.05 -13.12
CA TYR A 102 -15.37 8.03 -12.66
C TYR A 102 -13.99 7.78 -13.27
N LEU A 103 -13.63 6.50 -13.31
CA LEU A 103 -12.32 6.24 -14.00
C LEU A 103 -12.35 6.53 -15.49
N LYS A 104 -13.39 6.09 -16.18
CA LYS A 104 -13.58 6.36 -17.61
C LYS A 104 -13.32 7.82 -17.93
N LYS A 105 -13.88 8.66 -17.09
CA LYS A 105 -13.75 10.11 -17.20
C LYS A 105 -12.43 10.74 -16.78
N ALA A 106 -11.91 10.32 -15.64
CA ALA A 106 -10.71 10.99 -15.10
C ALA A 106 -9.42 10.51 -15.68
N THR A 107 -9.49 9.35 -16.21
CA THR A 107 -8.25 8.77 -16.88
C THR A 107 -8.08 9.08 -18.35
N GLU A 108 -8.92 9.89 -18.93
CA GLU A 108 -8.76 10.20 -20.37
C GLU A 108 -7.86 11.42 -20.53
N LYS B 3 10.69 -4.67 29.78
CA LYS B 3 10.42 -3.65 28.76
C LYS B 3 11.72 -3.08 28.21
N ILE B 4 11.70 -2.61 26.96
CA ILE B 4 12.90 -2.07 26.34
C ILE B 4 12.62 -0.71 25.70
N THR B 5 13.68 0.10 25.59
CA THR B 5 13.59 1.41 24.99
C THR B 5 13.80 1.33 23.47
N VAL B 6 12.94 2.04 22.74
CA VAL B 6 13.10 2.11 21.27
C VAL B 6 13.04 3.59 20.85
N HIS B 7 13.98 4.00 20.01
CA HIS B 7 13.99 5.40 19.53
C HIS B 7 13.54 5.41 18.05
N PHE B 8 12.65 6.32 17.71
CA PHE B 8 12.18 6.46 16.34
C PHE B 8 12.60 7.85 15.81
N ILE B 9 13.36 7.87 14.73
CA ILE B 9 13.63 9.13 14.05
C ILE B 9 12.51 9.37 13.03
N ASN B 10 11.62 10.28 13.38
CA ASN B 10 10.44 10.52 12.52
C ASN B 10 10.86 11.24 11.26
N ARG B 11 10.00 11.37 10.26
CA ARG B 11 10.39 12.01 9.01
C ARG B 11 10.69 13.49 9.18
N ASP B 12 10.11 14.12 10.20
CA ASP B 12 10.38 15.52 10.51
C ASP B 12 11.75 15.72 11.14
N GLY B 13 12.37 14.64 11.60
CA GLY B 13 13.70 14.73 12.19
C GLY B 13 13.66 14.62 13.70
N GLU B 14 12.46 14.66 14.27
CA GLU B 14 12.33 14.55 15.73
C GLU B 14 12.51 13.10 16.18
N THR B 15 13.21 12.91 17.30
CA THR B 15 13.40 11.59 17.84
C THR B 15 12.34 11.27 18.88
N LEU B 16 11.59 10.21 18.62
CA LEU B 16 10.55 9.75 19.54
C LEU B 16 11.11 8.60 20.37
N THR B 17 11.24 8.84 21.67
CA THR B 17 11.78 7.77 22.54
C THR B 17 10.62 7.15 23.32
N THR B 18 10.48 5.83 23.24
CA THR B 18 9.37 5.17 23.92
C THR B 18 9.76 3.76 24.34
N LYS B 19 8.86 3.13 25.09
CA LYS B 19 9.12 1.79 25.60
C LYS B 19 8.06 0.81 25.10
N GLY B 20 8.46 -0.42 24.84
CA GLY B 20 7.57 -1.49 24.47
C GLY B 20 7.98 -2.77 25.22
N LYS B 21 7.12 -3.78 25.24
CA LYS B 21 7.45 -5.02 25.92
C LYS B 21 7.94 -6.06 24.92
N ILE B 22 8.91 -6.88 25.34
CA ILE B 22 9.39 -7.92 24.40
C ILE B 22 8.19 -8.72 23.92
N GLY B 23 8.15 -8.98 22.61
CA GLY B 23 7.07 -9.70 21.99
C GLY B 23 6.11 -8.76 21.26
N ASP B 24 6.08 -7.50 21.65
CA ASP B 24 5.24 -6.49 21.01
C ASP B 24 5.76 -6.20 19.59
N SER B 25 4.84 -5.98 18.65
CA SER B 25 5.32 -5.57 17.30
C SER B 25 5.70 -4.11 17.35
N LEU B 26 6.43 -3.63 16.35
CA LEU B 26 6.77 -2.20 16.30
C LEU B 26 5.55 -1.35 16.02
N LEU B 27 4.53 -1.92 15.39
CA LEU B 27 3.27 -1.18 15.18
C LEU B 27 2.55 -1.04 16.52
N ASP B 28 2.54 -2.12 17.29
CA ASP B 28 2.01 -2.08 18.64
C ASP B 28 2.65 -0.95 19.44
N VAL B 29 3.98 -0.87 19.35
CA VAL B 29 4.72 0.19 20.02
C VAL B 29 4.23 1.57 19.59
N VAL B 30 4.04 1.76 18.28
CA VAL B 30 3.60 3.06 17.80
C VAL B 30 2.17 3.34 18.23
N VAL B 31 1.31 2.35 18.10
CA VAL B 31 -0.13 2.55 18.38
C VAL B 31 -0.41 2.78 19.84
N GLN B 32 0.10 1.93 20.73
CA GLN B 32 -0.16 2.07 22.15
C GLN B 32 0.35 3.37 22.74
N ASN B 33 1.52 3.81 22.32
CA ASN B 33 2.15 5.01 22.87
C ASN B 33 1.77 6.26 22.13
N ASN B 34 0.81 6.19 21.21
CA ASN B 34 0.34 7.32 20.46
C ASN B 34 1.45 8.12 19.82
N LEU B 35 2.42 7.45 19.21
CA LEU B 35 3.52 8.15 18.54
C LEU B 35 3.00 8.94 17.36
N ASP B 36 3.52 10.13 17.15
CA ASP B 36 3.06 11.05 16.10
C ASP B 36 3.70 10.77 14.77
N ILE B 37 3.40 9.59 14.19
CA ILE B 37 4.00 9.25 12.89
C ILE B 37 2.88 9.18 11.85
N ASP B 38 2.83 10.21 11.01
CA ASP B 38 1.74 10.33 10.05
C ASP B 38 1.53 9.05 9.27
N GLY B 39 0.31 8.56 9.27
CA GLY B 39 -0.17 7.44 8.54
C GLY B 39 0.27 6.09 9.00
N PHE B 40 1.08 6.00 10.05
CA PHE B 40 1.71 4.71 10.40
C PHE B 40 0.70 3.68 10.82
N GLY B 41 0.70 2.51 10.19
CA GLY B 41 -0.18 1.42 10.61
C GLY B 41 -1.54 1.45 9.93
N ALA B 42 -1.59 2.00 8.73
CA ALA B 42 -2.84 2.14 7.99
C ALA B 42 -3.70 0.92 7.92
N CYS B 43 -3.18 -0.24 7.54
CA CYS B 43 -3.92 -1.48 7.46
C CYS B 43 -4.00 -2.21 8.78
N GLU B 44 -3.50 -1.62 9.86
CA GLU B 44 -3.52 -2.25 11.17
C GLU B 44 -2.87 -3.62 11.13
N GLY B 45 -1.72 -3.72 10.46
CA GLY B 45 -0.92 -4.88 10.38
C GLY B 45 -1.43 -6.09 9.67
N THR B 46 -1.98 -5.96 8.47
CA THR B 46 -2.46 -7.11 7.71
C THR B 46 -1.73 -7.25 6.39
N LEU B 47 -0.59 -6.56 6.26
CA LEU B 47 0.19 -6.61 5.04
C LEU B 47 -0.58 -6.15 3.82
N ALA B 48 -1.29 -5.03 3.95
CA ALA B 48 -2.01 -4.43 2.82
C ALA B 48 -1.61 -2.98 2.66
N CYS B 49 -0.49 -2.60 3.29
CA CYS B 49 -0.04 -1.19 3.19
C CYS B 49 1.46 -1.10 3.37
N SER B 50 2.05 0.08 3.13
CA SER B 50 3.51 0.16 3.34
C SER B 50 3.85 1.19 4.40
N THR B 51 2.86 1.67 5.14
CA THR B 51 3.03 2.77 6.05
C THR B 51 3.80 2.45 7.31
N CYS B 52 4.00 1.18 7.63
CA CYS B 52 4.71 0.78 8.82
C CYS B 52 6.16 0.43 8.51
N HIS B 53 6.60 0.83 7.33
CA HIS B 53 7.99 0.64 6.91
C HIS B 53 8.94 1.34 7.88
N LEU B 54 9.94 0.60 8.35
CA LEU B 54 10.99 1.18 9.21
C LEU B 54 12.36 0.74 8.66
N ILE B 55 13.36 1.55 8.92
CA ILE B 55 14.73 1.31 8.52
C ILE B 55 15.56 1.02 9.79
N PHE B 56 16.13 -0.16 9.84
CA PHE B 56 16.77 -0.66 11.06
C PHE B 56 18.29 -0.48 11.03
N GLU B 57 18.91 -0.51 12.22
CA GLU B 57 20.37 -0.59 12.28
C GLU B 57 20.83 -1.92 11.69
N GLN B 58 21.98 -1.95 11.03
CA GLN B 58 22.41 -3.18 10.36
C GLN B 58 22.53 -4.36 11.30
N HIS B 59 23.09 -4.19 12.48
CA HIS B 59 23.32 -5.33 13.39
C HIS B 59 22.01 -5.89 13.91
N ILE B 60 20.98 -5.05 14.00
CA ILE B 60 19.64 -5.49 14.34
C ILE B 60 19.00 -6.17 13.15
N PHE B 61 19.02 -5.52 11.98
CA PHE B 61 18.44 -6.04 10.76
C PHE B 61 18.85 -7.47 10.45
N GLU B 62 20.15 -7.78 10.58
CA GLU B 62 20.66 -9.07 10.16
C GLU B 62 20.20 -10.22 11.03
N LYS B 63 19.59 -9.96 12.18
CA LYS B 63 19.14 -11.05 13.05
C LYS B 63 17.62 -11.08 13.19
N LEU B 64 16.95 -10.33 12.32
CA LEU B 64 15.48 -10.33 12.33
C LEU B 64 14.96 -11.63 11.74
N GLU B 65 13.74 -11.98 12.10
CA GLU B 65 13.11 -13.20 11.56
C GLU B 65 13.06 -13.15 10.04
N ALA B 66 13.29 -14.29 9.40
CA ALA B 66 13.30 -14.37 7.95
C ALA B 66 12.07 -13.68 7.35
N ILE B 67 12.26 -12.89 6.31
CA ILE B 67 11.12 -12.19 5.70
C ILE B 67 10.24 -13.15 4.92
N THR B 68 8.94 -13.00 5.07
CA THR B 68 8.00 -13.85 4.30
C THR B 68 7.72 -13.21 2.94
N ASP B 69 7.21 -14.03 2.01
CA ASP B 69 6.88 -13.51 0.68
C ASP B 69 5.80 -12.46 0.77
N GLU B 70 4.85 -12.64 1.69
CA GLU B 70 3.75 -11.69 1.82
C GLU B 70 4.28 -10.32 2.22
N GLU B 71 5.19 -10.29 3.20
CA GLU B 71 5.77 -9.00 3.60
C GLU B 71 6.54 -8.39 2.44
N ASN B 72 7.37 -9.18 1.77
CA ASN B 72 8.16 -8.72 0.65
C ASN B 72 7.37 -8.08 -0.46
N ASP B 73 6.19 -8.60 -0.79
CA ASP B 73 5.36 -8.05 -1.84
C ASP B 73 4.87 -6.64 -1.48
N MET B 74 4.53 -6.46 -0.21
CA MET B 74 4.07 -5.16 0.27
C MET B 74 5.26 -4.21 0.42
N LEU B 75 6.37 -4.78 0.92
CA LEU B 75 7.57 -3.96 1.14
C LEU B 75 8.13 -3.43 -0.15
N ASP B 76 8.01 -4.20 -1.22
CA ASP B 76 8.43 -3.81 -2.56
C ASP B 76 7.87 -2.47 -3.00
N CYS B 77 6.66 -2.12 -2.54
CA CYS B 77 5.99 -0.91 -2.89
C CYS B 77 6.29 0.28 -1.99
N ALA B 78 7.04 0.10 -0.92
CA ALA B 78 7.29 1.20 0.02
C ALA B 78 8.15 2.29 -0.61
N TYR B 79 7.95 3.52 -0.14
CA TYR B 79 8.81 4.64 -0.51
C TYR B 79 10.09 4.58 0.32
N GLY B 80 11.21 5.02 -0.23
CA GLY B 80 12.45 5.14 0.51
C GLY B 80 13.02 3.84 1.01
N LEU B 81 12.88 2.77 0.29
CA LEU B 81 13.41 1.47 0.61
C LEU B 81 14.93 1.47 0.76
N THR B 82 15.44 0.78 1.75
CA THR B 82 16.86 0.64 1.97
C THR B 82 17.18 -0.86 2.09
N ASP B 83 18.46 -1.18 2.23
CA ASP B 83 18.89 -2.55 2.44
C ASP B 83 18.60 -3.02 3.88
N ARG B 84 18.10 -2.12 4.71
CA ARG B 84 17.79 -2.48 6.11
C ARG B 84 16.32 -2.22 6.42
N SER B 85 15.45 -2.35 5.42
CA SER B 85 14.05 -2.03 5.56
C SER B 85 13.18 -3.24 5.86
N ARG B 86 12.21 -3.10 6.75
CA ARG B 86 11.22 -4.12 7.02
C ARG B 86 9.87 -3.43 7.31
N LEU B 87 8.78 -4.18 7.21
CA LEU B 87 7.49 -3.65 7.66
C LEU B 87 7.38 -3.84 9.17
N GLY B 88 7.29 -2.74 9.90
CA GLY B 88 7.31 -2.79 11.35
C GLY B 88 6.27 -3.64 11.99
N CYS B 89 5.07 -3.78 11.38
CA CYS B 89 4.02 -4.58 12.01
C CYS B 89 4.38 -6.05 12.07
N GLN B 90 5.42 -6.48 11.36
CA GLN B 90 5.87 -7.84 11.36
C GLN B 90 7.05 -8.06 12.31
N ILE B 91 7.61 -7.00 12.87
CA ILE B 91 8.82 -7.14 13.69
C ILE B 91 8.47 -6.97 15.16
N SER B 92 8.74 -8.00 15.96
CA SER B 92 8.44 -7.94 17.39
C SER B 92 9.71 -7.77 18.21
N LEU B 93 9.57 -7.06 19.32
CA LEU B 93 10.67 -6.67 20.15
C LEU B 93 11.42 -7.83 20.78
N THR B 94 12.74 -7.75 20.74
CA THR B 94 13.59 -8.77 21.37
C THR B 94 14.57 -8.07 22.30
N LYS B 95 15.25 -8.83 23.16
CA LYS B 95 16.23 -8.29 24.08
C LYS B 95 17.27 -7.45 23.36
N ALA B 96 17.78 -7.96 22.23
CA ALA B 96 18.83 -7.30 21.48
C ALA B 96 18.45 -5.93 20.96
N MET B 97 17.17 -5.58 20.95
CA MET B 97 16.70 -4.31 20.47
C MET B 97 16.63 -3.22 21.50
N ASP B 98 16.98 -3.54 22.77
CA ASP B 98 16.98 -2.48 23.78
C ASP B 98 17.85 -1.33 23.29
N ASN B 99 17.35 -0.11 23.35
CA ASN B 99 18.01 1.09 22.98
C ASN B 99 18.25 1.25 21.48
N MET B 100 17.72 0.39 20.64
CA MET B 100 17.93 0.53 19.20
C MET B 100 17.28 1.80 18.66
N THR B 101 17.70 2.19 17.46
CA THR B 101 17.04 3.31 16.76
C THR B 101 16.52 2.83 15.41
N VAL B 102 15.28 3.20 15.10
CA VAL B 102 14.71 2.94 13.79
C VAL B 102 14.40 4.28 13.11
N ARG B 103 14.40 4.29 11.78
CA ARG B 103 14.11 5.50 11.04
C ARG B 103 12.85 5.37 10.21
N VAL B 104 12.00 6.39 10.30
CA VAL B 104 10.81 6.49 9.48
C VAL B 104 11.17 7.30 8.22
N PRO B 105 11.07 6.55 7.08
CA PRO B 105 11.42 7.19 5.81
C PRO B 105 10.37 8.14 5.30
FE HEC C . -4.51 -0.98 -7.76
CHA HEC C . -2.48 -2.30 -10.15
CHB HEC C . -6.73 -0.14 -10.19
CHC HEC C . -6.71 -0.18 -5.36
CHD HEC C . -2.08 -1.25 -5.52
NA HEC C . -4.54 -1.19 -9.72
C1A HEC C . -3.66 -1.73 -10.58
C2A HEC C . -4.23 -1.93 -11.93
C3A HEC C . -5.41 -1.30 -11.90
C4A HEC C . -5.68 -0.85 -10.61
CMA HEC C . -6.42 -1.19 -13.11
CAA HEC C . -3.43 -2.53 -13.04
CBA HEC C . -2.66 -1.40 -13.77
CGA HEC C . -1.95 -1.74 -15.08
O1A HEC C . -1.34 -0.78 -15.58
O2A HEC C . -2.02 -2.89 -15.56
NB HEC C . -6.38 -0.27 -7.76
C1B HEC C . -7.04 0.22 -8.88
C2B HEC C . -8.32 0.73 -8.38
C3B HEC C . -8.37 0.66 -7.03
C4B HEC C . -7.11 0.08 -6.69
CMB HEC C . -9.37 1.39 -9.35
CAB HEC C . -9.41 1.14 -6.04
CBB HEC C . -10.54 0.13 -5.79
NC HEC C . -4.37 -0.77 -5.79
C1C HEC C . -5.35 -0.44 -4.90
C2C HEC C . -4.97 -0.27 -3.55
C3C HEC C . -3.66 -0.62 -3.58
C4C HEC C . -3.27 -0.84 -4.97
CMC HEC C . -5.80 0.11 -2.36
CAC HEC C . -2.54 -0.47 -2.50
CBC HEC C . -2.94 -1.17 -1.17
ND HEC C . -2.62 -1.64 -7.80
C1D HEC C . -1.73 -1.68 -6.73
C2D HEC C . -0.52 -2.22 -7.16
C3D HEC C . -0.63 -2.54 -8.45
C4D HEC C . -2.00 -2.25 -8.85
CMD HEC C . 0.76 -2.49 -6.23
CAD HEC C . 0.44 -3.30 -9.28
CBD HEC C . 0.11 -4.76 -9.47
CGD HEC C . 1.23 -5.70 -9.92
O1D HEC C . 2.19 -5.18 -10.53
O2D HEC C . 0.97 -6.92 -9.77
HHA HEC C . -1.87 -2.81 -10.88
HHB HEC C . -7.42 0.21 -10.94
HHC HEC C . -7.48 -0.18 -4.61
HHD HEC C . -1.26 -1.23 -4.81
HMA1 HEC C . -6.92 -0.24 -13.08
HMA2 HEC C . -7.14 -1.99 -13.04
HMA3 HEC C . -5.87 -1.28 -14.04
HAA1 HEC C . -4.10 -3.02 -13.75
HAA2 HEC C . -2.73 -3.25 -12.65
HBA1 HEC C . -1.89 -1.03 -13.09
HBA2 HEC C . -3.35 -0.60 -13.98
HMB1 HEC C . -9.52 2.42 -9.07
HMB2 HEC C . -10.30 0.86 -9.30
HMB3 HEC C . -8.99 1.35 -10.36
HAB HEC C . -9.00 1.04 -5.05
HBB1 HEC C . -11.49 0.65 -5.75
HBB2 HEC C . -10.38 -0.37 -4.85
HBB3 HEC C . -10.56 -0.60 -6.59
HMC1 HEC C . -5.17 0.28 -1.51
HMC2 HEC C . -6.48 -0.70 -2.14
HMC3 HEC C . -6.37 1.00 -2.59
HAC HEC C . -1.64 -0.95 -2.86
HBC1 HEC C . -3.02 -2.23 -1.33
HBC2 HEC C . -3.88 -0.77 -0.83
HBC3 HEC C . -2.17 -0.97 -0.43
HMD1 HEC C . 1.15 -3.48 -6.44
HMD2 HEC C . 0.46 -2.43 -5.19
HMD3 HEC C . 1.52 -1.75 -6.44
HAD1 HEC C . 1.39 -3.22 -8.78
HAD2 HEC C . 0.52 -2.84 -10.26
HBD1 HEC C . -0.67 -4.83 -10.20
HBD2 HEC C . -0.26 -5.12 -8.52
FE1 FES D . 0.09 -2.26 7.00
FE2 FES D . 2.19 -3.06 8.40
S1 FES D . 1.58 -3.77 6.43
S2 FES D . 0.55 -1.83 9.10
N THR A 1 -22.94 -3.56 -22.94
CA THR A 1 -21.80 -4.41 -22.40
C THR A 1 -22.49 -5.36 -21.40
N GLU A 2 -22.00 -5.33 -20.20
CA GLU A 2 -22.54 -6.03 -19.01
C GLU A 2 -22.11 -5.12 -17.84
N PHE A 3 -21.98 -3.86 -18.21
CA PHE A 3 -21.51 -2.71 -17.49
C PHE A 3 -22.37 -1.50 -17.92
N LYS A 4 -22.89 -0.73 -17.00
CA LYS A 4 -23.69 0.45 -17.34
C LYS A 4 -23.21 1.60 -16.45
N ALA A 5 -23.37 2.80 -16.98
CA ALA A 5 -22.91 4.02 -16.31
C ALA A 5 -23.66 4.24 -14.99
N GLY A 6 -22.93 4.89 -14.08
CA GLY A 6 -23.41 5.21 -12.78
C GLY A 6 -23.09 6.66 -12.57
N SER A 7 -22.81 6.96 -11.34
CA SER A 7 -22.53 8.28 -10.83
C SER A 7 -21.00 8.43 -10.79
N ALA A 8 -20.57 9.38 -11.63
CA ALA A 8 -19.14 9.76 -11.62
C ALA A 8 -18.82 10.45 -10.29
N LYS A 9 -19.71 11.19 -9.73
CA LYS A 9 -19.39 11.89 -8.49
C LYS A 9 -19.24 10.78 -7.42
N LYS A 10 -20.22 9.89 -7.41
CA LYS A 10 -20.15 8.81 -6.38
C LYS A 10 -18.85 8.02 -6.52
N GLY A 11 -18.50 7.80 -7.75
CA GLY A 11 -17.26 7.07 -8.26
C GLY A 11 -16.04 7.84 -7.82
N ALA A 12 -16.02 9.13 -7.79
CA ALA A 12 -14.88 9.96 -7.34
C ALA A 12 -14.65 9.66 -5.87
N THR A 13 -15.65 9.59 -5.08
CA THR A 13 -15.49 9.39 -3.61
C THR A 13 -15.14 7.94 -3.29
N LEU A 14 -15.57 7.08 -4.19
CA LEU A 14 -15.16 5.68 -4.07
C LEU A 14 -13.67 5.67 -4.29
N PHE A 15 -13.22 6.30 -5.31
CA PHE A 15 -11.74 6.35 -5.65
C PHE A 15 -10.94 6.81 -4.49
N LYS A 16 -11.39 7.97 -3.93
CA LYS A 16 -10.73 8.61 -2.78
C LYS A 16 -10.67 7.69 -1.62
N THR A 17 -11.73 7.08 -1.20
CA THR A 17 -11.67 6.18 -0.05
C THR A 17 -11.07 4.83 -0.30
N ARG A 18 -11.06 4.27 -1.48
CA ARG A 18 -10.60 2.91 -1.74
C ARG A 18 -9.40 2.72 -2.63
N CYS A 19 -9.08 3.66 -3.47
CA CYS A 19 -7.94 3.56 -4.37
C CYS A 19 -6.79 4.58 -4.23
N LEU A 20 -7.06 5.76 -3.78
CA LEU A 20 -6.17 6.92 -3.66
C LEU A 20 -4.93 6.58 -2.74
N GLN A 21 -5.16 5.67 -1.88
CA GLN A 21 -4.02 5.26 -0.97
C GLN A 21 -2.88 4.76 -1.84
N CYS A 22 -3.16 4.20 -3.00
CA CYS A 22 -2.12 3.61 -3.78
C CYS A 22 -1.81 4.12 -5.15
N HIS A 23 -2.83 4.90 -5.68
CA HIS A 23 -2.85 5.37 -7.07
C HIS A 23 -3.32 6.80 -7.27
N THR A 24 -2.77 7.34 -8.32
CA THR A 24 -3.17 8.68 -8.86
C THR A 24 -3.83 8.44 -10.24
N VAL A 25 -4.67 9.40 -10.65
CA VAL A 25 -5.33 9.26 -11.95
C VAL A 25 -4.98 10.32 -12.99
N GLU A 26 -4.44 11.37 -12.51
CA GLU A 26 -4.14 12.53 -13.35
C GLU A 26 -2.98 12.33 -14.30
N LYS A 27 -3.08 13.02 -15.43
CA LYS A 27 -1.96 13.00 -16.42
C LYS A 27 -0.81 13.68 -15.77
N GLY A 28 0.37 13.04 -15.72
CA GLY A 28 1.49 13.72 -15.01
C GLY A 28 1.52 13.49 -13.53
N GLY A 29 0.66 12.60 -13.06
CA GLY A 29 0.54 12.12 -11.68
C GLY A 29 1.67 11.04 -11.57
N PRO A 30 2.17 10.98 -10.36
CA PRO A 30 3.18 9.98 -10.10
C PRO A 30 2.68 8.63 -9.76
N HIS A 31 3.61 7.63 -9.92
CA HIS A 31 3.43 6.28 -9.40
C HIS A 31 3.53 6.42 -7.91
N LYS A 32 2.76 5.57 -7.24
CA LYS A 32 2.94 5.47 -5.75
C LYS A 32 3.24 4.02 -5.46
N CYS A 33 2.45 3.44 -4.50
CA CYS A 33 2.45 1.99 -4.30
C CYS A 33 2.08 1.30 -5.58
N GLY A 34 0.96 1.84 -6.14
CA GLY A 34 0.49 1.47 -7.46
C GLY A 34 0.81 2.51 -8.52
N PRO A 35 0.70 2.06 -9.82
CA PRO A 35 1.01 2.94 -10.91
C PRO A 35 -0.05 4.03 -11.16
N ASN A 36 0.44 5.09 -11.69
CA ASN A 36 -0.49 6.17 -12.13
C ASN A 36 -1.40 5.46 -13.16
N LEU A 37 -2.72 5.74 -13.08
CA LEU A 37 -3.61 5.14 -14.04
C LEU A 37 -4.09 6.01 -15.24
N HIS A 38 -3.54 7.18 -15.42
CA HIS A 38 -3.97 7.94 -16.63
C HIS A 38 -3.76 7.10 -17.84
N GLY A 39 -4.77 7.15 -18.77
CA GLY A 39 -4.76 6.42 -19.99
C GLY A 39 -4.88 4.95 -19.92
N ILE A 40 -5.33 4.38 -18.82
CA ILE A 40 -5.45 2.94 -18.61
C ILE A 40 -6.38 2.25 -19.59
N PHE A 41 -7.44 2.97 -19.89
CA PHE A 41 -8.45 2.39 -20.85
C PHE A 41 -7.87 2.21 -22.23
N GLY A 42 -8.00 1.02 -22.74
CA GLY A 42 -7.44 0.65 -24.05
C GLY A 42 -5.98 0.17 -24.07
N ARG A 43 -5.29 0.32 -22.98
CA ARG A 43 -3.85 -0.10 -22.84
C ARG A 43 -3.88 -1.45 -22.23
N HIS A 44 -2.81 -2.21 -22.43
CA HIS A 44 -2.74 -3.56 -21.84
C HIS A 44 -2.07 -3.36 -20.47
N SER A 45 -2.28 -4.37 -19.66
CA SER A 45 -1.70 -4.42 -18.29
C SER A 45 -0.15 -4.48 -18.37
N GLY A 46 0.45 -3.86 -17.37
CA GLY A 46 1.94 -3.85 -17.28
C GLY A 46 2.69 -2.92 -18.17
N GLN A 47 2.17 -1.81 -18.65
CA GLN A 47 2.83 -0.96 -19.65
C GLN A 47 3.12 0.48 -19.31
N ALA A 48 2.71 0.89 -18.10
CA ALA A 48 3.09 2.22 -17.60
C ALA A 48 4.66 2.20 -17.39
N GLU A 49 5.32 3.23 -17.95
CA GLU A 49 6.80 3.18 -17.77
C GLU A 49 7.22 3.72 -16.42
N GLY A 50 8.32 3.07 -15.88
CA GLY A 50 8.88 3.45 -14.63
C GLY A 50 8.26 2.79 -13.42
N TYR A 51 7.41 1.81 -13.68
CA TYR A 51 6.78 1.05 -12.63
C TYR A 51 7.19 -0.41 -12.71
N SER A 52 7.48 -0.93 -11.48
CA SER A 52 7.82 -2.31 -11.33
C SER A 52 6.68 -3.24 -11.04
N TYR A 53 6.03 -3.68 -12.14
CA TYR A 53 4.89 -4.63 -12.04
C TYR A 53 5.36 -6.02 -11.61
N THR A 54 4.51 -6.88 -11.14
CA THR A 54 4.71 -8.25 -10.91
C THR A 54 4.71 -8.97 -12.32
N ASP A 55 5.36 -10.16 -12.29
CA ASP A 55 5.47 -11.02 -13.44
C ASP A 55 3.98 -11.31 -13.92
N ALA A 56 3.15 -11.62 -12.97
CA ALA A 56 1.74 -11.97 -13.07
C ALA A 56 0.88 -10.98 -13.83
N ASN A 57 1.04 -9.70 -13.48
CA ASN A 57 0.25 -8.67 -14.21
C ASN A 57 0.64 -8.55 -15.65
N ILE A 58 1.90 -8.46 -15.90
CA ILE A 58 2.43 -8.32 -17.26
C ILE A 58 2.04 -9.41 -18.27
N LYS A 59 2.06 -10.63 -17.87
CA LYS A 59 1.88 -11.84 -18.64
C LYS A 59 0.40 -12.17 -18.80
N LYS A 60 -0.36 -11.52 -17.98
CA LYS A 60 -1.81 -11.63 -17.98
C LYS A 60 -2.32 -10.86 -19.22
N ASN A 61 -1.60 -9.86 -19.65
CA ASN A 61 -1.78 -9.02 -20.79
C ASN A 61 -3.25 -8.64 -20.97
N VAL A 62 -3.91 -8.24 -19.89
CA VAL A 62 -5.27 -7.73 -20.06
C VAL A 62 -5.41 -6.42 -20.83
N LEU A 63 -6.43 -6.39 -21.74
CA LEU A 63 -6.73 -5.14 -22.43
C LEU A 63 -7.82 -4.54 -21.51
N TRP A 64 -7.49 -3.38 -20.97
CA TRP A 64 -8.36 -2.73 -20.02
C TRP A 64 -9.50 -1.94 -20.71
N ASP A 65 -10.65 -2.45 -20.44
CA ASP A 65 -11.94 -1.87 -21.02
C ASP A 65 -12.81 -1.73 -19.79
N GLU A 66 -13.82 -0.90 -19.82
CA GLU A 66 -14.74 -0.75 -18.64
C GLU A 66 -15.25 -2.05 -18.15
N ASN A 67 -15.27 -3.06 -19.02
CA ASN A 67 -15.81 -4.39 -18.71
C ASN A 67 -14.93 -5.40 -17.93
N ASN A 68 -13.68 -5.50 -18.30
CA ASN A 68 -12.55 -6.29 -17.78
C ASN A 68 -12.23 -5.83 -16.34
N MET A 69 -12.24 -4.49 -16.39
CA MET A 69 -12.05 -3.65 -15.18
C MET A 69 -13.04 -4.00 -14.12
N SER A 70 -14.29 -4.25 -14.51
CA SER A 70 -15.32 -4.62 -13.52
C SER A 70 -15.06 -5.97 -12.86
N GLU A 71 -14.62 -6.92 -13.69
CA GLU A 71 -14.39 -8.27 -13.24
C GLU A 71 -13.09 -8.24 -12.32
N TYR A 72 -12.15 -7.47 -12.82
CA TYR A 72 -10.90 -7.27 -12.03
C TYR A 72 -11.22 -6.75 -10.63
N LEU A 73 -11.94 -5.62 -10.54
CA LEU A 73 -12.31 -4.99 -9.30
C LEU A 73 -13.14 -5.82 -8.38
N THR A 74 -13.77 -6.88 -8.93
CA THR A 74 -14.52 -7.77 -8.06
C THR A 74 -13.65 -8.53 -7.09
N ASN A 75 -12.47 -8.90 -7.60
CA ASN A 75 -11.50 -9.74 -6.92
C ASN A 75 -10.25 -9.83 -7.78
N PRO A 76 -9.40 -8.83 -7.54
CA PRO A 76 -8.14 -8.65 -8.23
C PRO A 76 -7.26 -9.90 -8.33
N LYS A 77 -7.05 -10.54 -7.18
CA LYS A 77 -6.21 -11.76 -7.09
C LYS A 77 -6.77 -13.00 -7.73
N LYS A 78 -8.12 -13.01 -7.84
CA LYS A 78 -8.83 -14.13 -8.51
C LYS A 78 -8.59 -13.86 -9.97
N TYR A 79 -8.66 -12.65 -10.44
CA TYR A 79 -8.45 -12.25 -11.85
C TYR A 79 -7.02 -12.33 -12.34
N ILE A 80 -6.06 -11.83 -11.52
CA ILE A 80 -4.58 -11.88 -11.80
C ILE A 80 -3.88 -12.51 -10.63
N PRO A 81 -3.86 -13.84 -10.65
CA PRO A 81 -3.33 -14.58 -9.51
C PRO A 81 -1.78 -14.21 -9.51
N GLY A 82 -1.43 -13.80 -8.30
CA GLY A 82 -0.03 -13.36 -8.09
C GLY A 82 0.17 -11.87 -8.10
N THR A 83 -0.89 -11.05 -8.33
CA THR A 83 -0.75 -9.59 -8.42
C THR A 83 -0.37 -9.13 -7.07
N LYS A 84 0.42 -8.11 -6.89
CA LYS A 84 0.73 -7.59 -5.61
C LYS A 84 -0.15 -6.49 -5.16
N MET A 85 -1.21 -6.29 -5.99
CA MET A 85 -2.28 -5.30 -5.56
C MET A 85 -3.08 -5.91 -4.43
N ALA A 86 -2.82 -5.37 -3.24
CA ALA A 86 -3.49 -5.80 -2.03
C ALA A 86 -4.83 -5.09 -1.75
N PHE A 87 -5.83 -5.50 -2.55
CA PHE A 87 -7.18 -4.95 -2.48
C PHE A 87 -8.12 -6.14 -2.58
N GLY A 88 -9.01 -6.30 -1.61
CA GLY A 88 -9.93 -7.38 -1.58
C GLY A 88 -10.91 -7.39 -2.71
N GLY A 89 -11.45 -6.23 -3.04
CA GLY A 89 -12.49 -6.26 -4.13
C GLY A 89 -13.72 -5.39 -3.75
N LEU A 90 -14.47 -5.10 -4.76
CA LEU A 90 -15.71 -4.30 -4.72
C LEU A 90 -16.81 -5.26 -5.25
N LYS A 91 -17.48 -5.85 -4.29
CA LYS A 91 -18.48 -6.88 -4.62
C LYS A 91 -19.74 -6.37 -5.22
N LYS A 92 -20.17 -5.18 -4.96
CA LYS A 92 -21.44 -4.69 -5.55
C LYS A 92 -21.17 -4.10 -6.89
N GLU A 93 -21.95 -4.62 -7.84
CA GLU A 93 -21.90 -4.11 -9.18
C GLU A 93 -22.18 -2.58 -9.21
N LYS A 94 -23.06 -2.13 -8.38
CA LYS A 94 -23.41 -0.70 -8.43
C LYS A 94 -22.22 0.20 -8.08
N ASP A 95 -21.47 -0.27 -7.14
CA ASP A 95 -20.18 0.41 -6.69
C ASP A 95 -19.14 0.46 -7.78
N ARG A 96 -18.92 -0.74 -8.37
CA ARG A 96 -18.06 -0.84 -9.53
C ARG A 96 -18.54 0.08 -10.68
N ASN A 97 -19.85 0.12 -10.96
CA ASN A 97 -20.33 0.96 -12.07
C ASN A 97 -20.02 2.41 -11.78
N ASP A 98 -20.33 2.86 -10.57
CA ASP A 98 -19.98 4.15 -10.16
C ASP A 98 -18.43 4.42 -10.35
N LEU A 99 -17.62 3.58 -9.79
CA LEU A 99 -16.16 3.81 -9.85
C LEU A 99 -15.65 3.83 -11.25
N ILE A 100 -16.00 2.90 -12.07
CA ILE A 100 -15.56 2.82 -13.46
C ILE A 100 -16.02 4.04 -14.28
N THR A 101 -17.23 4.50 -13.90
CA THR A 101 -17.81 5.70 -14.54
C THR A 101 -16.82 6.88 -14.33
N TYR A 102 -16.32 7.05 -13.12
CA TYR A 102 -15.37 8.03 -12.66
C TYR A 102 -13.99 7.78 -13.27
N LEU A 103 -13.63 6.50 -13.31
CA LEU A 103 -12.32 6.24 -14.00
C LEU A 103 -12.35 6.53 -15.49
N LYS A 104 -13.39 6.09 -16.18
CA LYS A 104 -13.58 6.36 -17.61
C LYS A 104 -13.32 7.82 -17.93
N LYS A 105 -13.88 8.66 -17.09
CA LYS A 105 -13.75 10.11 -17.20
C LYS A 105 -12.43 10.74 -16.78
N ALA A 106 -11.91 10.32 -15.64
CA ALA A 106 -10.71 10.99 -15.10
C ALA A 106 -9.42 10.51 -15.68
N THR A 107 -9.49 9.35 -16.21
CA THR A 107 -8.25 8.77 -16.88
C THR A 107 -8.08 9.08 -18.35
N GLU A 108 -8.92 9.89 -18.93
CA GLU A 108 -8.76 10.20 -20.37
C GLU A 108 -7.86 11.42 -20.53
N LYS B 3 11.50 -0.12 29.69
CA LYS B 3 11.26 0.75 28.53
C LYS B 3 12.58 1.12 27.87
N ILE B 4 12.56 1.37 26.56
CA ILE B 4 13.77 1.72 25.83
C ILE B 4 13.58 2.98 24.98
N THR B 5 14.69 3.67 24.72
CA THR B 5 14.69 4.87 23.92
C THR B 5 14.82 4.53 22.43
N VAL B 6 14.01 5.19 21.61
CA VAL B 6 14.11 5.02 20.15
C VAL B 6 14.15 6.42 19.51
N HIS B 7 15.09 6.61 18.60
CA HIS B 7 15.18 7.91 17.89
C HIS B 7 14.68 7.73 16.44
N PHE B 8 13.86 8.64 15.98
CA PHE B 8 13.35 8.61 14.62
C PHE B 8 13.85 9.85 13.87
N ILE B 9 14.56 9.63 12.78
CA ILE B 9 14.92 10.76 11.90
C ILE B 9 13.77 10.92 10.88
N ASN B 10 12.97 11.95 11.11
CA ASN B 10 11.78 12.16 10.25
C ASN B 10 12.22 12.63 8.88
N ARG B 11 11.33 12.66 7.90
CA ARG B 11 11.72 13.08 6.55
C ARG B 11 12.14 14.54 6.48
N ASP B 12 11.66 15.37 7.39
CA ASP B 12 12.04 16.76 7.47
C ASP B 12 13.44 16.94 8.03
N GLY B 13 14.00 15.90 8.64
CA GLY B 13 15.36 15.96 9.17
C GLY B 13 15.36 16.10 10.68
N GLU B 14 14.19 16.33 11.27
CA GLU B 14 14.10 16.46 12.72
C GLU B 14 14.20 15.09 13.39
N THR B 15 14.91 15.01 14.51
CA THR B 15 15.03 13.79 15.25
C THR B 15 13.98 13.73 16.37
N LEU B 16 13.15 12.70 16.29
CA LEU B 16 12.10 12.49 17.29
C LEU B 16 12.60 11.44 18.29
N THR B 17 12.80 11.86 19.53
CA THR B 17 13.28 10.90 20.54
C THR B 17 12.12 10.51 21.44
N THR B 18 11.87 9.22 21.57
CA THR B 18 10.74 8.76 22.37
C THR B 18 11.02 7.40 23.01
N LYS B 19 10.11 6.98 23.87
CA LYS B 19 10.28 5.71 24.58
C LYS B 19 9.13 4.76 24.27
N GLY B 20 9.42 3.48 24.19
CA GLY B 20 8.43 2.44 24.02
C GLY B 20 8.77 1.27 24.96
N LYS B 21 7.83 0.35 25.16
CA LYS B 21 8.10 -0.80 26.02
C LYS B 21 8.46 -2.02 25.18
N ILE B 22 9.38 -2.84 25.70
CA ILE B 22 9.74 -4.05 24.93
C ILE B 22 8.46 -4.82 24.62
N GLY B 23 8.35 -5.27 23.36
CA GLY B 23 7.20 -5.98 22.89
C GLY B 23 6.28 -5.09 22.05
N ASP B 24 6.36 -3.79 22.23
CA ASP B 24 5.58 -2.82 21.46
C ASP B 24 6.07 -2.80 20.00
N SER B 25 5.14 -2.64 19.06
CA SER B 25 5.60 -2.50 17.65
C SER B 25 6.10 -1.09 17.47
N LEU B 26 6.82 -0.83 16.37
CA LEU B 26 7.26 0.54 16.09
C LEU B 26 6.11 1.44 15.71
N LEU B 27 5.03 0.85 15.21
CA LEU B 27 3.81 1.65 14.92
C LEU B 27 3.16 2.07 16.23
N ASP B 28 3.10 1.12 17.17
CA ASP B 28 2.62 1.41 18.51
C ASP B 28 3.39 2.60 19.11
N VAL B 29 4.72 2.55 18.97
CA VAL B 29 5.56 3.64 19.44
C VAL B 29 5.16 4.97 18.81
N VAL B 30 4.94 4.96 17.49
CA VAL B 30 4.58 6.21 16.82
C VAL B 30 3.20 6.68 17.23
N VAL B 31 2.25 5.75 17.29
CA VAL B 31 0.86 6.12 17.57
C VAL B 31 0.64 6.59 18.97
N GLN B 32 1.12 5.86 19.98
CA GLN B 32 0.93 6.24 21.37
C GLN B 32 1.56 7.57 21.73
N ASN B 33 2.76 7.83 21.22
CA ASN B 33 3.49 9.03 21.54
C ASN B 33 3.18 10.20 20.63
N ASN B 34 2.18 10.06 19.76
CA ASN B 34 1.77 11.08 18.84
C ASN B 34 2.92 11.69 18.07
N LEU B 35 3.82 10.85 17.55
CA LEU B 35 4.93 11.35 16.75
C LEU B 35 4.43 11.99 15.47
N ASP B 36 5.05 13.08 15.06
CA ASP B 36 4.61 13.85 13.88
C ASP B 36 5.19 13.32 12.61
N ILE B 37 4.77 12.09 12.22
CA ILE B 37 5.29 11.50 10.98
C ILE B 37 4.13 11.37 9.99
N ASP B 38 4.12 12.25 9.01
CA ASP B 38 3.00 12.32 8.06
C ASP B 38 2.67 10.94 7.50
N GLY B 39 1.41 10.57 7.61
CA GLY B 39 0.82 9.40 7.09
C GLY B 39 1.18 8.10 7.73
N PHE B 40 2.01 8.10 8.77
CA PHE B 40 2.55 6.84 9.30
C PHE B 40 1.47 5.98 9.91
N GLY B 41 1.35 4.73 9.47
CA GLY B 41 0.42 3.79 10.09
C GLY B 41 -0.96 3.84 9.44
N ALA B 42 -1.02 4.19 8.17
CA ALA B 42 -2.28 4.32 7.44
C ALA B 42 -3.23 3.17 7.60
N CYS B 43 -2.82 1.94 7.38
CA CYS B 43 -3.66 0.76 7.53
C CYS B 43 -3.75 0.25 8.95
N GLU B 44 -3.16 0.96 9.91
CA GLU B 44 -3.19 0.55 11.30
C GLU B 44 -2.65 -0.86 11.46
N GLY B 45 -1.53 -1.15 10.79
CA GLY B 45 -0.83 -2.38 10.87
C GLY B 45 -1.47 -3.63 10.38
N THR B 46 -2.05 -3.66 9.19
CA THR B 46 -2.65 -4.86 8.63
C THR B 46 -1.98 -5.28 7.33
N LEU B 47 -0.80 -4.72 7.06
CA LEU B 47 -0.07 -5.01 5.84
C LEU B 47 -0.85 -4.69 4.59
N ALA B 48 -1.45 -3.51 4.57
CA ALA B 48 -2.17 -3.03 3.37
C ALA B 48 -1.67 -1.66 2.97
N CYS B 49 -0.49 -1.29 3.50
CA CYS B 49 0.06 0.05 3.17
C CYS B 49 1.57 0.03 3.29
N SER B 50 2.24 1.11 2.86
CA SER B 50 3.71 1.10 3.00
C SER B 50 4.17 2.26 3.87
N THR B 51 3.26 2.92 4.56
CA THR B 51 3.54 4.14 5.28
C THR B 51 4.33 3.95 6.56
N CYS B 52 4.44 2.74 7.07
CA CYS B 52 5.16 2.48 8.29
C CYS B 52 6.57 1.95 8.00
N HIS B 53 6.99 2.13 6.76
CA HIS B 53 8.35 1.76 6.34
C HIS B 53 9.39 2.52 7.17
N LEU B 54 10.36 1.78 7.72
CA LEU B 54 11.47 2.39 8.45
C LEU B 54 12.78 1.76 7.95
N ILE B 55 13.85 2.52 8.04
CA ILE B 55 15.18 2.10 7.65
C ILE B 55 16.03 1.95 8.94
N PHE B 56 16.51 0.75 9.17
CA PHE B 56 17.16 0.38 10.43
C PHE B 56 18.68 0.43 10.33
N GLU B 57 19.33 0.54 11.49
CA GLU B 57 20.80 0.35 11.53
C GLU B 57 21.11 -1.09 11.14
N GLN B 58 22.24 -1.32 10.46
CA GLN B 58 22.55 -2.68 10.00
C GLN B 58 22.61 -3.70 11.11
N HIS B 59 23.23 -3.40 12.23
CA HIS B 59 23.39 -4.39 13.30
C HIS B 59 22.06 -4.76 13.94
N ILE B 60 21.12 -3.83 13.92
CA ILE B 60 19.76 -4.10 14.36
C ILE B 60 19.02 -4.90 13.30
N PHE B 61 19.05 -4.44 12.05
CA PHE B 61 18.38 -5.10 10.94
C PHE B 61 18.66 -6.59 10.85
N GLU B 62 19.93 -6.97 11.00
CA GLU B 62 20.32 -8.36 10.78
C GLU B 62 19.81 -9.32 11.83
N LYS B 63 19.27 -8.82 12.94
CA LYS B 63 18.77 -9.72 13.99
C LYS B 63 17.26 -9.60 14.16
N LEU B 64 16.62 -8.95 13.20
CA LEU B 64 15.15 -8.81 13.24
C LEU B 64 14.51 -10.15 12.89
N GLU B 65 13.27 -10.34 13.32
CA GLU B 65 12.53 -11.57 13.01
C GLU B 65 12.43 -11.75 11.49
N ALA B 66 12.54 -12.98 11.03
CA ALA B 66 12.48 -13.30 9.61
C ALA B 66 11.29 -12.61 8.95
N ILE B 67 11.50 -12.02 7.79
CA ILE B 67 10.41 -11.31 7.11
C ILE B 67 9.42 -12.31 6.52
N THR B 68 8.14 -12.04 6.66
CA THR B 68 7.11 -12.90 6.07
C THR B 68 6.83 -12.47 4.63
N ASP B 69 6.23 -13.38 3.86
CA ASP B 69 5.88 -13.05 2.47
C ASP B 69 4.88 -11.90 2.43
N GLU B 70 3.96 -11.86 3.38
CA GLU B 70 2.95 -10.81 3.39
C GLU B 70 3.61 -9.44 3.55
N GLU B 71 4.56 -9.35 4.49
CA GLU B 71 5.26 -8.07 4.66
C GLU B 71 6.03 -7.70 3.41
N ASN B 72 6.75 -8.66 2.84
CA ASN B 72 7.54 -8.45 1.65
C ASN B 72 6.76 -7.91 0.48
N ASP B 73 5.53 -8.39 0.27
CA ASP B 73 4.71 -7.94 -0.84
C ASP B 73 4.35 -6.46 -0.71
N MET B 74 4.07 -6.05 0.54
CA MET B 74 3.73 -4.66 0.81
C MET B 74 5.00 -3.80 0.77
N LEU B 75 6.07 -4.37 1.34
CA LEU B 75 7.35 -3.64 1.40
C LEU B 75 7.89 -3.35 0.03
N ASP B 76 7.67 -4.27 -0.91
CA ASP B 76 8.07 -4.14 -2.30
C ASP B 76 7.60 -2.84 -2.94
N CYS B 77 6.44 -2.33 -2.50
CA CYS B 77 5.86 -1.14 -3.03
C CYS B 77 6.28 0.15 -2.34
N ALA B 78 7.06 0.09 -1.28
CA ALA B 78 7.44 1.29 -0.53
C ALA B 78 8.34 2.20 -1.35
N TYR B 79 8.27 3.49 -1.07
CA TYR B 79 9.20 4.47 -1.62
C TYR B 79 10.51 4.44 -0.84
N GLY B 80 11.62 4.68 -1.48
CA GLY B 80 12.91 4.81 -0.81
C GLY B 80 13.38 3.56 -0.11
N LEU B 81 13.14 2.40 -0.66
CA LEU B 81 13.57 1.13 -0.14
C LEU B 81 15.09 1.03 -0.04
N THR B 82 15.57 0.46 1.04
CA THR B 82 17.00 0.24 1.24
C THR B 82 17.20 -1.26 1.58
N ASP B 83 18.44 -1.64 1.76
CA ASP B 83 18.78 -3.00 2.18
C ASP B 83 18.50 -3.21 3.66
N ARG B 84 18.12 -2.15 4.37
CA ARG B 84 17.84 -2.26 5.80
C ARG B 84 16.40 -1.83 6.11
N SER B 85 15.49 -2.04 5.16
CA SER B 85 14.12 -1.59 5.28
C SER B 85 13.17 -2.66 5.80
N ARG B 86 12.25 -2.30 6.68
CA ARG B 86 11.19 -3.18 7.14
C ARG B 86 9.91 -2.34 7.34
N LEU B 87 8.77 -3.01 7.39
CA LEU B 87 7.54 -2.31 7.78
C LEU B 87 7.47 -2.25 9.30
N GLY B 88 7.50 -1.04 9.86
CA GLY B 88 7.58 -0.87 11.29
C GLY B 88 6.49 -1.51 12.08
N CYS B 89 5.25 -1.65 11.53
CA CYS B 89 4.17 -2.24 12.30
C CYS B 89 4.42 -3.72 12.59
N GLN B 90 5.39 -4.33 11.94
CA GLN B 90 5.74 -5.72 12.14
C GLN B 90 6.93 -5.89 13.09
N ILE B 91 7.59 -4.79 13.45
CA ILE B 91 8.82 -4.91 14.25
C ILE B 91 8.55 -4.48 15.68
N SER B 92 8.76 -5.39 16.63
CA SER B 92 8.51 -5.10 18.04
C SER B 92 9.83 -4.90 18.79
N LEU B 93 9.78 -4.01 19.78
CA LEU B 93 10.95 -3.59 20.52
C LEU B 93 11.62 -4.70 21.29
N THR B 94 12.95 -4.74 21.21
CA THR B 94 13.74 -5.72 21.96
C THR B 94 14.81 -4.96 22.76
N LYS B 95 15.45 -5.64 23.70
CA LYS B 95 16.51 -5.05 24.49
C LYS B 95 17.59 -4.41 23.63
N ALA B 96 18.01 -5.12 22.59
CA ALA B 96 19.08 -4.68 21.72
C ALA B 96 18.79 -3.39 21.00
N MET B 97 17.54 -2.95 20.95
CA MET B 97 17.16 -1.72 20.29
C MET B 97 17.21 -0.49 21.15
N ASP B 98 17.58 -0.64 22.43
CA ASP B 98 17.70 0.57 23.26
C ASP B 98 18.64 1.55 22.57
N ASN B 99 18.23 2.80 22.44
CA ASN B 99 18.99 3.87 21.87
C ASN B 99 19.19 3.77 20.37
N MET B 100 18.55 2.83 19.69
CA MET B 100 18.72 2.73 18.24
C MET B 100 18.15 3.96 17.53
N THR B 101 18.54 4.11 16.26
CA THR B 101 17.95 5.16 15.42
C THR B 101 17.34 4.52 14.18
N VAL B 102 16.13 4.95 13.83
CA VAL B 102 15.49 4.53 12.60
C VAL B 102 15.26 5.78 11.72
N ARG B 103 15.21 5.57 10.41
CA ARG B 103 14.99 6.67 9.49
C ARG B 103 13.70 6.52 8.72
N VAL B 104 12.93 7.61 8.68
CA VAL B 104 11.72 7.68 7.88
C VAL B 104 12.10 8.26 6.50
N PRO B 105 11.89 7.34 5.49
CA PRO B 105 12.24 7.75 4.14
C PRO B 105 11.25 8.70 3.51
FE HEC C . -4.51 -0.98 -7.76
CHA HEC C . -2.48 -2.30 -10.15
CHB HEC C . -6.73 -0.14 -10.19
CHC HEC C . -6.71 -0.18 -5.36
CHD HEC C . -2.08 -1.25 -5.52
NA HEC C . -4.54 -1.19 -9.72
C1A HEC C . -3.66 -1.73 -10.58
C2A HEC C . -4.23 -1.93 -11.93
C3A HEC C . -5.41 -1.30 -11.90
C4A HEC C . -5.68 -0.85 -10.61
CMA HEC C . -6.42 -1.19 -13.11
CAA HEC C . -3.43 -2.53 -13.04
CBA HEC C . -2.66 -1.40 -13.77
CGA HEC C . -1.95 -1.74 -15.08
O1A HEC C . -1.34 -0.78 -15.58
O2A HEC C . -2.02 -2.89 -15.56
NB HEC C . -6.38 -0.27 -7.76
C1B HEC C . -7.04 0.22 -8.88
C2B HEC C . -8.32 0.73 -8.38
C3B HEC C . -8.37 0.66 -7.03
C4B HEC C . -7.11 0.08 -6.69
CMB HEC C . -9.37 1.39 -9.35
CAB HEC C . -9.41 1.14 -6.04
CBB HEC C . -10.54 0.13 -5.79
NC HEC C . -4.37 -0.77 -5.79
C1C HEC C . -5.35 -0.44 -4.90
C2C HEC C . -4.97 -0.27 -3.55
C3C HEC C . -3.66 -0.62 -3.58
C4C HEC C . -3.27 -0.84 -4.97
CMC HEC C . -5.80 0.11 -2.36
CAC HEC C . -2.54 -0.47 -2.50
CBC HEC C . -2.94 -1.17 -1.17
ND HEC C . -2.62 -1.64 -7.80
C1D HEC C . -1.73 -1.68 -6.73
C2D HEC C . -0.52 -2.22 -7.16
C3D HEC C . -0.63 -2.54 -8.45
C4D HEC C . -2.00 -2.25 -8.85
CMD HEC C . 0.76 -2.49 -6.23
CAD HEC C . 0.44 -3.30 -9.28
CBD HEC C . 0.11 -4.76 -9.47
CGD HEC C . 1.23 -5.70 -9.92
O1D HEC C . 2.19 -5.18 -10.53
O2D HEC C . 0.97 -6.92 -9.77
HHA HEC C . -1.87 -2.81 -10.88
HHB HEC C . -7.42 0.21 -10.94
HHC HEC C . -7.48 -0.18 -4.61
HHD HEC C . -1.26 -1.23 -4.81
HMA1 HEC C . -6.92 -0.24 -13.08
HMA2 HEC C . -7.14 -1.99 -13.04
HMA3 HEC C . -5.87 -1.28 -14.04
HAA1 HEC C . -4.10 -3.02 -13.75
HAA2 HEC C . -2.73 -3.25 -12.65
HBA1 HEC C . -1.89 -1.03 -13.09
HBA2 HEC C . -3.35 -0.60 -13.98
HMB1 HEC C . -9.52 2.42 -9.07
HMB2 HEC C . -10.30 0.86 -9.30
HMB3 HEC C . -8.99 1.35 -10.36
HAB HEC C . -9.00 1.04 -5.05
HBB1 HEC C . -11.49 0.65 -5.75
HBB2 HEC C . -10.38 -0.37 -4.85
HBB3 HEC C . -10.56 -0.60 -6.59
HMC1 HEC C . -5.17 0.28 -1.51
HMC2 HEC C . -6.48 -0.70 -2.14
HMC3 HEC C . -6.37 1.00 -2.59
HAC HEC C . -1.64 -0.95 -2.86
HBC1 HEC C . -3.02 -2.23 -1.33
HBC2 HEC C . -3.88 -0.77 -0.83
HBC3 HEC C . -2.17 -0.97 -0.43
HMD1 HEC C . 1.15 -3.48 -6.44
HMD2 HEC C . 0.46 -2.43 -5.19
HMD3 HEC C . 1.52 -1.75 -6.44
HAD1 HEC C . 1.39 -3.22 -8.78
HAD2 HEC C . 0.52 -2.84 -10.26
HBD1 HEC C . -0.67 -4.83 -10.20
HBD2 HEC C . -0.26 -5.12 -8.52
FE1 FES D . 0.25 -0.42 7.09
FE2 FES D . 2.33 -1.16 8.55
S1 FES D . 1.60 -2.12 6.74
S2 FES D . 0.83 0.31 9.10
N THR A 1 -22.94 -3.56 -22.94
CA THR A 1 -21.80 -4.41 -22.40
C THR A 1 -22.49 -5.36 -21.40
N GLU A 2 -22.00 -5.33 -20.20
CA GLU A 2 -22.54 -6.03 -19.01
C GLU A 2 -22.11 -5.12 -17.84
N PHE A 3 -21.98 -3.86 -18.21
CA PHE A 3 -21.51 -2.71 -17.49
C PHE A 3 -22.37 -1.50 -17.92
N LYS A 4 -22.89 -0.73 -17.00
CA LYS A 4 -23.69 0.45 -17.34
C LYS A 4 -23.21 1.60 -16.45
N ALA A 5 -23.37 2.80 -16.98
CA ALA A 5 -22.91 4.02 -16.31
C ALA A 5 -23.66 4.24 -14.99
N GLY A 6 -22.93 4.89 -14.08
CA GLY A 6 -23.41 5.21 -12.78
C GLY A 6 -23.09 6.66 -12.57
N SER A 7 -22.81 6.96 -11.34
CA SER A 7 -22.53 8.28 -10.83
C SER A 7 -21.00 8.43 -10.79
N ALA A 8 -20.57 9.38 -11.63
CA ALA A 8 -19.14 9.76 -11.62
C ALA A 8 -18.82 10.45 -10.29
N LYS A 9 -19.71 11.19 -9.73
CA LYS A 9 -19.39 11.89 -8.49
C LYS A 9 -19.24 10.78 -7.42
N LYS A 10 -20.22 9.89 -7.41
CA LYS A 10 -20.15 8.81 -6.38
C LYS A 10 -18.85 8.02 -6.52
N GLY A 11 -18.50 7.80 -7.75
CA GLY A 11 -17.26 7.07 -8.26
C GLY A 11 -16.04 7.84 -7.82
N ALA A 12 -16.02 9.13 -7.79
CA ALA A 12 -14.88 9.96 -7.34
C ALA A 12 -14.65 9.66 -5.87
N THR A 13 -15.65 9.59 -5.08
CA THR A 13 -15.49 9.39 -3.61
C THR A 13 -15.14 7.94 -3.29
N LEU A 14 -15.57 7.08 -4.19
CA LEU A 14 -15.16 5.68 -4.07
C LEU A 14 -13.67 5.67 -4.29
N PHE A 15 -13.22 6.30 -5.31
CA PHE A 15 -11.74 6.35 -5.65
C PHE A 15 -10.94 6.81 -4.49
N LYS A 16 -11.39 7.97 -3.93
CA LYS A 16 -10.73 8.61 -2.78
C LYS A 16 -10.67 7.69 -1.62
N THR A 17 -11.73 7.08 -1.20
CA THR A 17 -11.67 6.18 -0.05
C THR A 17 -11.07 4.83 -0.30
N ARG A 18 -11.06 4.27 -1.48
CA ARG A 18 -10.60 2.91 -1.74
C ARG A 18 -9.40 2.72 -2.63
N CYS A 19 -9.08 3.66 -3.47
CA CYS A 19 -7.94 3.56 -4.37
C CYS A 19 -6.79 4.58 -4.23
N LEU A 20 -7.06 5.76 -3.78
CA LEU A 20 -6.17 6.92 -3.66
C LEU A 20 -4.93 6.58 -2.74
N GLN A 21 -5.16 5.67 -1.88
CA GLN A 21 -4.02 5.26 -0.97
C GLN A 21 -2.88 4.76 -1.84
N CYS A 22 -3.16 4.20 -3.00
CA CYS A 22 -2.12 3.61 -3.78
C CYS A 22 -1.81 4.12 -5.15
N HIS A 23 -2.83 4.90 -5.68
CA HIS A 23 -2.85 5.37 -7.07
C HIS A 23 -3.32 6.80 -7.27
N THR A 24 -2.77 7.34 -8.32
CA THR A 24 -3.17 8.68 -8.86
C THR A 24 -3.83 8.44 -10.24
N VAL A 25 -4.67 9.40 -10.65
CA VAL A 25 -5.33 9.26 -11.95
C VAL A 25 -4.98 10.32 -12.99
N GLU A 26 -4.44 11.37 -12.51
CA GLU A 26 -4.14 12.53 -13.35
C GLU A 26 -2.98 12.33 -14.30
N LYS A 27 -3.08 13.02 -15.43
CA LYS A 27 -1.96 13.00 -16.42
C LYS A 27 -0.81 13.68 -15.77
N GLY A 28 0.37 13.04 -15.72
CA GLY A 28 1.49 13.72 -15.01
C GLY A 28 1.52 13.49 -13.53
N GLY A 29 0.66 12.60 -13.06
CA GLY A 29 0.54 12.12 -11.68
C GLY A 29 1.67 11.04 -11.57
N PRO A 30 2.17 10.98 -10.36
CA PRO A 30 3.18 9.98 -10.10
C PRO A 30 2.68 8.63 -9.76
N HIS A 31 3.61 7.63 -9.92
CA HIS A 31 3.43 6.28 -9.40
C HIS A 31 3.53 6.42 -7.91
N LYS A 32 2.76 5.57 -7.24
CA LYS A 32 2.94 5.47 -5.75
C LYS A 32 3.24 4.02 -5.46
N CYS A 33 2.45 3.44 -4.50
CA CYS A 33 2.45 1.99 -4.30
C CYS A 33 2.08 1.30 -5.58
N GLY A 34 0.96 1.84 -6.14
CA GLY A 34 0.49 1.47 -7.46
C GLY A 34 0.81 2.51 -8.52
N PRO A 35 0.70 2.06 -9.82
CA PRO A 35 1.01 2.94 -10.91
C PRO A 35 -0.05 4.03 -11.16
N ASN A 36 0.44 5.09 -11.69
CA ASN A 36 -0.49 6.17 -12.13
C ASN A 36 -1.40 5.46 -13.16
N LEU A 37 -2.72 5.74 -13.08
CA LEU A 37 -3.61 5.14 -14.04
C LEU A 37 -4.09 6.01 -15.24
N HIS A 38 -3.54 7.18 -15.42
CA HIS A 38 -3.97 7.94 -16.63
C HIS A 38 -3.76 7.10 -17.84
N GLY A 39 -4.77 7.15 -18.77
CA GLY A 39 -4.76 6.42 -19.99
C GLY A 39 -4.88 4.95 -19.92
N ILE A 40 -5.33 4.38 -18.82
CA ILE A 40 -5.45 2.94 -18.61
C ILE A 40 -6.38 2.25 -19.59
N PHE A 41 -7.44 2.97 -19.89
CA PHE A 41 -8.45 2.39 -20.85
C PHE A 41 -7.87 2.21 -22.23
N GLY A 42 -8.00 1.02 -22.74
CA GLY A 42 -7.44 0.65 -24.05
C GLY A 42 -5.98 0.17 -24.07
N ARG A 43 -5.29 0.32 -22.98
CA ARG A 43 -3.85 -0.10 -22.84
C ARG A 43 -3.88 -1.45 -22.23
N HIS A 44 -2.81 -2.21 -22.43
CA HIS A 44 -2.74 -3.56 -21.84
C HIS A 44 -2.07 -3.36 -20.47
N SER A 45 -2.28 -4.37 -19.66
CA SER A 45 -1.70 -4.42 -18.29
C SER A 45 -0.15 -4.48 -18.37
N GLY A 46 0.45 -3.86 -17.37
CA GLY A 46 1.94 -3.85 -17.28
C GLY A 46 2.69 -2.92 -18.17
N GLN A 47 2.17 -1.81 -18.65
CA GLN A 47 2.83 -0.96 -19.65
C GLN A 47 3.12 0.48 -19.31
N ALA A 48 2.71 0.89 -18.10
CA ALA A 48 3.09 2.22 -17.60
C ALA A 48 4.66 2.20 -17.39
N GLU A 49 5.32 3.23 -17.95
CA GLU A 49 6.80 3.18 -17.77
C GLU A 49 7.22 3.72 -16.42
N GLY A 50 8.32 3.07 -15.88
CA GLY A 50 8.88 3.45 -14.63
C GLY A 50 8.26 2.79 -13.42
N TYR A 51 7.41 1.81 -13.68
CA TYR A 51 6.78 1.05 -12.63
C TYR A 51 7.19 -0.41 -12.71
N SER A 52 7.48 -0.93 -11.48
CA SER A 52 7.82 -2.31 -11.33
C SER A 52 6.68 -3.24 -11.04
N TYR A 53 6.03 -3.68 -12.14
CA TYR A 53 4.89 -4.63 -12.04
C TYR A 53 5.36 -6.02 -11.61
N THR A 54 4.51 -6.88 -11.14
CA THR A 54 4.71 -8.25 -10.91
C THR A 54 4.71 -8.97 -12.32
N ASP A 55 5.36 -10.16 -12.29
CA ASP A 55 5.47 -11.02 -13.44
C ASP A 55 3.98 -11.31 -13.92
N ALA A 56 3.15 -11.62 -12.97
CA ALA A 56 1.74 -11.97 -13.07
C ALA A 56 0.88 -10.98 -13.83
N ASN A 57 1.04 -9.70 -13.48
CA ASN A 57 0.25 -8.67 -14.21
C ASN A 57 0.64 -8.55 -15.65
N ILE A 58 1.90 -8.46 -15.90
CA ILE A 58 2.43 -8.32 -17.26
C ILE A 58 2.04 -9.41 -18.27
N LYS A 59 2.06 -10.63 -17.87
CA LYS A 59 1.88 -11.84 -18.64
C LYS A 59 0.40 -12.17 -18.80
N LYS A 60 -0.36 -11.52 -17.98
CA LYS A 60 -1.81 -11.63 -17.98
C LYS A 60 -2.32 -10.86 -19.22
N ASN A 61 -1.60 -9.86 -19.65
CA ASN A 61 -1.78 -9.02 -20.79
C ASN A 61 -3.25 -8.64 -20.97
N VAL A 62 -3.91 -8.24 -19.89
CA VAL A 62 -5.27 -7.73 -20.06
C VAL A 62 -5.41 -6.42 -20.83
N LEU A 63 -6.43 -6.39 -21.74
CA LEU A 63 -6.73 -5.14 -22.43
C LEU A 63 -7.82 -4.54 -21.51
N TRP A 64 -7.49 -3.38 -20.97
CA TRP A 64 -8.36 -2.73 -20.02
C TRP A 64 -9.50 -1.94 -20.71
N ASP A 65 -10.65 -2.45 -20.44
CA ASP A 65 -11.94 -1.87 -21.02
C ASP A 65 -12.81 -1.73 -19.79
N GLU A 66 -13.82 -0.90 -19.82
CA GLU A 66 -14.74 -0.75 -18.64
C GLU A 66 -15.25 -2.05 -18.15
N ASN A 67 -15.27 -3.06 -19.02
CA ASN A 67 -15.81 -4.39 -18.71
C ASN A 67 -14.93 -5.40 -17.93
N ASN A 68 -13.68 -5.50 -18.30
CA ASN A 68 -12.55 -6.29 -17.78
C ASN A 68 -12.23 -5.83 -16.34
N MET A 69 -12.24 -4.49 -16.39
CA MET A 69 -12.05 -3.65 -15.18
C MET A 69 -13.04 -4.00 -14.12
N SER A 70 -14.29 -4.25 -14.51
CA SER A 70 -15.32 -4.62 -13.52
C SER A 70 -15.06 -5.97 -12.86
N GLU A 71 -14.62 -6.92 -13.69
CA GLU A 71 -14.39 -8.27 -13.24
C GLU A 71 -13.09 -8.24 -12.32
N TYR A 72 -12.15 -7.47 -12.82
CA TYR A 72 -10.90 -7.27 -12.03
C TYR A 72 -11.22 -6.75 -10.63
N LEU A 73 -11.94 -5.62 -10.54
CA LEU A 73 -12.31 -4.99 -9.30
C LEU A 73 -13.14 -5.82 -8.38
N THR A 74 -13.77 -6.88 -8.93
CA THR A 74 -14.52 -7.77 -8.06
C THR A 74 -13.65 -8.53 -7.09
N ASN A 75 -12.47 -8.90 -7.60
CA ASN A 75 -11.50 -9.74 -6.92
C ASN A 75 -10.25 -9.83 -7.78
N PRO A 76 -9.40 -8.83 -7.54
CA PRO A 76 -8.14 -8.65 -8.23
C PRO A 76 -7.26 -9.90 -8.33
N LYS A 77 -7.05 -10.54 -7.18
CA LYS A 77 -6.21 -11.76 -7.09
C LYS A 77 -6.77 -13.00 -7.73
N LYS A 78 -8.12 -13.01 -7.84
CA LYS A 78 -8.83 -14.13 -8.51
C LYS A 78 -8.59 -13.86 -9.97
N TYR A 79 -8.66 -12.65 -10.44
CA TYR A 79 -8.45 -12.25 -11.85
C TYR A 79 -7.02 -12.33 -12.34
N ILE A 80 -6.06 -11.83 -11.52
CA ILE A 80 -4.58 -11.88 -11.80
C ILE A 80 -3.88 -12.51 -10.63
N PRO A 81 -3.86 -13.84 -10.65
CA PRO A 81 -3.33 -14.58 -9.51
C PRO A 81 -1.78 -14.21 -9.51
N GLY A 82 -1.43 -13.80 -8.30
CA GLY A 82 -0.03 -13.36 -8.09
C GLY A 82 0.17 -11.87 -8.10
N THR A 83 -0.89 -11.05 -8.33
CA THR A 83 -0.75 -9.59 -8.42
C THR A 83 -0.37 -9.13 -7.07
N LYS A 84 0.42 -8.11 -6.89
CA LYS A 84 0.73 -7.59 -5.61
C LYS A 84 -0.15 -6.49 -5.16
N MET A 85 -1.21 -6.29 -5.99
CA MET A 85 -2.28 -5.30 -5.56
C MET A 85 -3.08 -5.91 -4.43
N ALA A 86 -2.82 -5.37 -3.24
CA ALA A 86 -3.49 -5.80 -2.03
C ALA A 86 -4.83 -5.09 -1.75
N PHE A 87 -5.83 -5.50 -2.55
CA PHE A 87 -7.18 -4.95 -2.48
C PHE A 87 -8.12 -6.14 -2.58
N GLY A 88 -9.01 -6.30 -1.61
CA GLY A 88 -9.93 -7.38 -1.58
C GLY A 88 -10.91 -7.39 -2.71
N GLY A 89 -11.45 -6.23 -3.04
CA GLY A 89 -12.49 -6.26 -4.13
C GLY A 89 -13.72 -5.39 -3.75
N LEU A 90 -14.47 -5.10 -4.76
CA LEU A 90 -15.71 -4.30 -4.72
C LEU A 90 -16.81 -5.26 -5.25
N LYS A 91 -17.48 -5.85 -4.29
CA LYS A 91 -18.48 -6.88 -4.62
C LYS A 91 -19.74 -6.37 -5.22
N LYS A 92 -20.17 -5.18 -4.96
CA LYS A 92 -21.44 -4.69 -5.55
C LYS A 92 -21.17 -4.10 -6.89
N GLU A 93 -21.95 -4.62 -7.84
CA GLU A 93 -21.90 -4.11 -9.18
C GLU A 93 -22.18 -2.58 -9.21
N LYS A 94 -23.06 -2.13 -8.38
CA LYS A 94 -23.41 -0.70 -8.43
C LYS A 94 -22.22 0.20 -8.08
N ASP A 95 -21.47 -0.27 -7.14
CA ASP A 95 -20.18 0.41 -6.69
C ASP A 95 -19.14 0.46 -7.78
N ARG A 96 -18.92 -0.74 -8.37
CA ARG A 96 -18.06 -0.84 -9.53
C ARG A 96 -18.54 0.08 -10.68
N ASN A 97 -19.85 0.12 -10.96
CA ASN A 97 -20.33 0.96 -12.07
C ASN A 97 -20.02 2.41 -11.78
N ASP A 98 -20.33 2.86 -10.57
CA ASP A 98 -19.98 4.15 -10.16
C ASP A 98 -18.43 4.42 -10.35
N LEU A 99 -17.62 3.58 -9.79
CA LEU A 99 -16.16 3.81 -9.85
C LEU A 99 -15.65 3.83 -11.25
N ILE A 100 -16.00 2.90 -12.07
CA ILE A 100 -15.56 2.82 -13.46
C ILE A 100 -16.02 4.04 -14.28
N THR A 101 -17.23 4.50 -13.90
CA THR A 101 -17.81 5.70 -14.54
C THR A 101 -16.82 6.88 -14.33
N TYR A 102 -16.32 7.05 -13.12
CA TYR A 102 -15.37 8.03 -12.66
C TYR A 102 -13.99 7.78 -13.27
N LEU A 103 -13.63 6.50 -13.31
CA LEU A 103 -12.32 6.24 -14.00
C LEU A 103 -12.35 6.53 -15.49
N LYS A 104 -13.39 6.09 -16.18
CA LYS A 104 -13.58 6.36 -17.61
C LYS A 104 -13.32 7.82 -17.93
N LYS A 105 -13.88 8.66 -17.09
CA LYS A 105 -13.75 10.11 -17.20
C LYS A 105 -12.43 10.74 -16.78
N ALA A 106 -11.91 10.32 -15.64
CA ALA A 106 -10.71 10.99 -15.10
C ALA A 106 -9.42 10.51 -15.68
N THR A 107 -9.49 9.35 -16.21
CA THR A 107 -8.25 8.77 -16.88
C THR A 107 -8.08 9.08 -18.35
N GLU A 108 -8.92 9.89 -18.93
CA GLU A 108 -8.76 10.20 -20.37
C GLU A 108 -7.86 11.42 -20.53
N LYS B 3 8.58 -3.00 29.86
CA LYS B 3 8.30 -2.05 28.77
C LYS B 3 9.59 -1.42 28.29
N ILE B 4 9.64 -1.01 27.03
CA ILE B 4 10.84 -0.41 26.46
C ILE B 4 10.52 0.91 25.74
N THR B 5 11.52 1.77 25.65
CA THR B 5 11.40 3.05 24.99
C THR B 5 11.71 2.92 23.50
N VAL B 6 10.87 3.53 22.67
CA VAL B 6 11.11 3.55 21.22
C VAL B 6 10.99 5.00 20.73
N HIS B 7 11.96 5.45 19.94
CA HIS B 7 11.90 6.81 19.38
C HIS B 7 11.56 6.73 17.89
N PHE B 8 10.64 7.56 17.43
CA PHE B 8 10.26 7.61 16.04
C PHE B 8 10.62 8.99 15.47
N ILE B 9 11.45 9.02 14.44
CA ILE B 9 11.69 10.27 13.73
C ILE B 9 10.63 10.38 12.62
N ASN B 10 9.65 11.25 12.87
CA ASN B 10 8.53 11.38 11.91
C ASN B 10 8.99 12.06 10.66
N ARG B 11 8.19 12.08 9.60
CA ARG B 11 8.62 12.70 8.34
C ARG B 11 8.81 14.20 8.46
N ASP B 12 8.13 14.84 9.40
CA ASP B 12 8.28 16.26 9.67
C ASP B 12 9.58 16.58 10.38
N GLY B 13 10.25 15.57 10.93
CA GLY B 13 11.53 15.77 11.60
C GLY B 13 11.39 15.73 13.11
N GLU B 14 10.14 15.70 13.60
CA GLU B 14 9.91 15.65 15.04
C GLU B 14 10.17 14.24 15.57
N THR B 15 10.79 14.15 16.74
CA THR B 15 11.03 12.87 17.36
C THR B 15 9.92 12.53 18.35
N LEU B 16 9.27 11.39 18.09
CA LEU B 16 8.19 10.92 18.95
C LEU B 16 8.78 9.85 19.88
N THR B 17 8.80 10.14 21.17
CA THR B 17 9.33 9.15 22.13
C THR B 17 8.17 8.49 22.85
N THR B 18 8.12 7.17 22.82
CA THR B 18 7.02 6.46 23.46
C THR B 18 7.47 5.10 23.98
N LYS B 19 6.57 4.44 24.70
CA LYS B 19 6.87 3.14 25.27
C LYS B 19 5.92 2.08 24.76
N GLY B 20 6.41 0.87 24.59
CA GLY B 20 5.62 -0.29 24.22
C GLY B 20 6.07 -1.49 25.05
N LYS B 21 5.28 -2.55 25.06
CA LYS B 21 5.64 -3.75 25.82
C LYS B 21 6.26 -4.79 24.91
N ILE B 22 7.26 -5.52 25.42
CA ILE B 22 7.87 -6.56 24.57
C ILE B 22 6.75 -7.46 24.05
N GLY B 23 6.82 -7.79 22.76
CA GLY B 23 5.83 -8.60 22.10
C GLY B 23 4.87 -7.76 21.27
N ASP B 24 4.73 -6.49 21.59
CA ASP B 24 3.87 -5.57 20.85
C ASP B 24 4.46 -5.31 19.47
N SER B 25 3.61 -5.19 18.45
CA SER B 25 4.15 -4.81 17.12
C SER B 25 4.44 -3.33 17.12
N LEU B 26 5.20 -2.84 16.14
CA LEU B 26 5.44 -1.39 16.05
C LEU B 26 4.19 -0.64 15.65
N LEU B 27 3.27 -1.31 14.98
CA LEU B 27 1.97 -0.67 14.65
C LEU B 27 1.15 -0.52 15.93
N ASP B 28 1.16 -1.56 16.75
CA ASP B 28 0.52 -1.51 18.07
C ASP B 28 1.05 -0.31 18.85
N VAL B 29 2.37 -0.13 18.84
CA VAL B 29 2.99 1.01 19.51
C VAL B 29 2.44 2.33 18.98
N VAL B 30 2.32 2.45 17.66
CA VAL B 30 1.84 3.70 17.09
C VAL B 30 0.37 3.89 17.41
N VAL B 31 -0.42 2.84 17.27
CA VAL B 31 -1.88 2.95 17.44
C VAL B 31 -2.29 3.23 18.86
N GLN B 32 -1.77 2.47 19.83
CA GLN B 32 -2.14 2.64 21.22
C GLN B 32 -1.77 4.00 21.78
N ASN B 33 -0.58 4.50 21.42
CA ASN B 33 -0.08 5.76 21.94
C ASN B 33 -0.49 6.95 21.12
N ASN B 34 -1.38 6.77 20.15
CA ASN B 34 -1.87 7.83 19.30
C ASN B 34 -0.77 8.69 18.71
N LEU B 35 0.29 8.04 18.20
CA LEU B 35 1.38 8.80 17.58
C LEU B 35 0.89 9.50 16.32
N ASP B 36 1.34 10.71 16.09
CA ASP B 36 0.89 11.54 14.97
C ASP B 36 1.65 11.25 13.70
N ILE B 37 1.47 10.03 13.16
CA ILE B 37 2.18 9.68 11.91
C ILE B 37 1.14 9.48 10.81
N ASP B 38 1.08 10.47 9.93
CA ASP B 38 0.04 10.48 8.89
C ASP B 38 -0.02 9.15 8.16
N GLY B 39 -1.21 8.58 8.10
CA GLY B 39 -1.56 7.41 7.40
C GLY B 39 -1.06 6.11 7.95
N PHE B 40 -0.33 6.11 9.06
CA PHE B 40 0.36 4.89 9.51
C PHE B 40 -0.61 3.82 9.91
N GLY B 41 -0.49 2.61 9.33
CA GLY B 41 -1.31 1.49 9.75
C GLY B 41 -2.63 1.40 8.98
N ALA B 42 -2.64 1.89 7.76
CA ALA B 42 -3.83 1.92 6.91
C ALA B 42 -4.60 0.63 6.85
N CYS B 43 -3.98 -0.50 6.57
CA CYS B 43 -4.63 -1.79 6.50
C CYS B 43 -4.75 -2.48 7.84
N GLU B 44 -4.37 -1.80 8.92
CA GLU B 44 -4.44 -2.37 10.26
C GLU B 44 -3.70 -3.69 10.32
N GLY B 45 -2.51 -3.75 9.74
CA GLY B 45 -1.62 -4.84 9.77
C GLY B 45 -2.02 -6.12 9.09
N THR B 46 -2.49 -6.09 7.85
CA THR B 46 -2.84 -7.30 7.11
C THR B 46 -2.00 -7.45 5.85
N LEU B 47 -0.91 -6.68 5.76
CA LEU B 47 -0.04 -6.74 4.60
C LEU B 47 -0.75 -6.38 3.31
N ALA B 48 -1.53 -5.30 3.35
CA ALA B 48 -2.21 -4.81 2.14
C ALA B 48 -1.90 -3.34 1.93
N CYS B 49 -0.85 -2.87 2.62
CA CYS B 49 -0.49 -1.43 2.48
C CYS B 49 0.99 -1.23 2.76
N SER B 50 1.51 -0.02 2.50
CA SER B 50 2.95 0.18 2.80
C SER B 50 3.15 1.27 3.83
N THR B 51 2.08 1.72 4.48
CA THR B 51 2.11 2.86 5.35
C THR B 51 2.81 2.65 6.67
N CYS B 52 3.06 1.41 7.06
CA CYS B 52 3.71 1.11 8.32
C CYS B 52 5.20 0.85 8.12
N HIS B 53 5.70 1.22 6.95
CA HIS B 53 7.12 1.11 6.64
C HIS B 53 7.95 1.91 7.64
N LEU B 54 8.98 1.27 8.20
CA LEU B 54 9.92 1.95 9.10
C LEU B 54 11.35 1.59 8.67
N ILE B 55 12.26 2.47 8.95
CA ILE B 55 13.68 2.31 8.65
C ILE B 55 14.43 2.13 10.00
N PHE B 56 15.08 1.00 10.15
CA PHE B 56 15.67 0.60 11.42
C PHE B 56 17.16 0.88 11.48
N GLU B 57 17.70 0.95 12.72
CA GLU B 57 19.16 0.97 12.88
C GLU B 57 19.74 -0.35 12.37
N GLN B 58 20.93 -0.33 11.79
CA GLN B 58 21.50 -1.55 11.22
C GLN B 58 21.62 -2.68 12.22
N HIS B 59 22.09 -2.43 13.42
CA HIS B 59 22.32 -3.51 14.40
C HIS B 59 21.02 -4.14 14.85
N ILE B 60 19.94 -3.36 14.85
CA ILE B 60 18.60 -3.88 15.11
C ILE B 60 18.10 -4.65 13.91
N PHE B 61 18.16 -4.05 12.72
CA PHE B 61 17.69 -4.67 11.49
C PHE B 61 18.23 -6.07 11.28
N GLU B 62 19.52 -6.29 11.50
CA GLU B 62 20.14 -7.55 11.19
C GLU B 62 19.70 -8.70 12.07
N LYS B 63 19.00 -8.44 13.17
CA LYS B 63 18.56 -9.51 14.06
C LYS B 63 17.05 -9.64 14.10
N LEU B 64 16.38 -8.97 13.15
CA LEU B 64 14.92 -9.07 13.07
C LEU B 64 14.53 -10.43 12.51
N GLU B 65 13.31 -10.85 12.80
CA GLU B 65 12.80 -12.14 12.28
C GLU B 65 12.86 -12.15 10.76
N ALA B 66 13.20 -13.29 10.19
CA ALA B 66 13.31 -13.44 8.73
C ALA B 66 12.09 -12.87 8.04
N ILE B 67 12.29 -12.12 6.97
CA ILE B 67 11.17 -11.51 6.26
C ILE B 67 10.40 -12.58 5.47
N THR B 68 9.08 -12.50 5.51
CA THR B 68 8.26 -13.44 4.74
C THR B 68 8.04 -12.88 3.33
N ASP B 69 7.65 -13.77 2.41
CA ASP B 69 7.38 -13.34 1.03
C ASP B 69 6.21 -12.36 1.01
N GLU B 70 5.23 -12.57 1.86
CA GLU B 70 4.07 -11.69 1.88
C GLU B 70 4.47 -10.27 2.24
N GLU B 71 5.31 -10.14 3.28
CA GLU B 71 5.78 -8.80 3.65
C GLU B 71 6.59 -8.18 2.53
N ASN B 72 7.50 -8.94 1.94
CA ASN B 72 8.34 -8.48 0.86
C ASN B 72 7.59 -7.94 -0.32
N ASP B 73 6.47 -8.56 -0.70
CA ASP B 73 5.68 -8.11 -1.84
C ASP B 73 5.08 -6.73 -1.59
N MET B 74 4.64 -6.51 -0.35
CA MET B 74 4.06 -5.22 0.04
C MET B 74 5.17 -4.19 0.21
N LEU B 75 6.28 -4.66 0.83
CA LEU B 75 7.41 -3.77 1.09
C LEU B 75 8.01 -3.24 -0.19
N ASP B 76 8.02 -4.06 -1.23
CA ASP B 76 8.51 -3.70 -2.55
C ASP B 76 7.90 -2.43 -3.09
N CYS B 77 6.64 -2.14 -2.73
CA CYS B 77 5.92 -1.00 -3.20
C CYS B 77 6.07 0.25 -2.33
N ALA B 78 6.77 0.17 -1.20
CA ALA B 78 6.87 1.33 -0.31
C ALA B 78 7.69 2.44 -0.93
N TYR B 79 7.39 3.67 -0.53
CA TYR B 79 8.19 4.84 -0.88
C TYR B 79 9.42 4.90 0.03
N GLY B 80 10.54 5.39 -0.48
CA GLY B 80 11.72 5.63 0.33
C GLY B 80 12.32 4.39 0.95
N LEU B 81 12.32 3.27 0.26
CA LEU B 81 12.90 2.02 0.68
C LEU B 81 14.41 2.15 0.93
N THR B 82 14.88 1.53 1.98
CA THR B 82 16.30 1.51 2.30
C THR B 82 16.71 0.03 2.51
N ASP B 83 17.99 -0.19 2.76
CA ASP B 83 18.49 -1.52 3.07
C ASP B 83 18.13 -1.94 4.50
N ARG B 84 17.53 -1.05 5.26
CA ARG B 84 17.14 -1.37 6.64
C ARG B 84 15.64 -1.19 6.84
N SER B 85 14.85 -1.42 5.80
CA SER B 85 13.43 -1.19 5.82
C SER B 85 12.62 -2.45 6.13
N ARG B 86 11.58 -2.33 6.94
CA ARG B 86 10.64 -3.41 7.20
C ARG B 86 9.23 -2.79 7.37
N LEU B 87 8.20 -3.64 7.23
CA LEU B 87 6.85 -3.17 7.56
C LEU B 87 6.65 -3.30 9.06
N GLY B 88 6.44 -2.17 9.74
CA GLY B 88 6.36 -2.17 11.18
C GLY B 88 5.33 -3.06 11.79
N CYS B 89 4.19 -3.30 11.11
CA CYS B 89 3.16 -4.14 11.70
C CYS B 89 3.61 -5.58 11.86
N GLN B 90 4.71 -5.96 11.25
CA GLN B 90 5.26 -7.29 11.34
C GLN B 90 6.38 -7.40 12.37
N ILE B 91 6.83 -6.27 12.92
CA ILE B 91 8.00 -6.29 13.82
C ILE B 91 7.52 -6.08 15.26
N SER B 92 7.81 -7.06 16.12
CA SER B 92 7.40 -6.96 17.52
C SER B 92 8.60 -6.66 18.43
N LEU B 93 8.33 -5.92 19.48
CA LEU B 93 9.35 -5.41 20.37
C LEU B 93 10.13 -6.49 21.09
N THR B 94 11.44 -6.33 21.14
CA THR B 94 12.31 -7.26 21.87
C THR B 94 13.18 -6.45 22.84
N LYS B 95 13.84 -7.13 23.78
CA LYS B 95 14.72 -6.48 24.73
C LYS B 95 15.75 -5.60 24.03
N ALA B 96 16.36 -6.12 22.97
CA ALA B 96 17.42 -5.42 22.27
C ALA B 96 17.00 -4.11 21.66
N MET B 97 15.70 -3.86 21.53
CA MET B 97 15.18 -2.64 20.97
C MET B 97 14.96 -1.50 21.95
N ASP B 98 15.24 -1.75 23.23
CA ASP B 98 15.10 -0.65 24.20
C ASP B 98 15.92 0.54 23.70
N ASN B 99 15.35 1.72 23.67
CA ASN B 99 15.95 2.94 23.29
C ASN B 99 16.29 3.05 21.82
N MET B 100 15.87 2.12 20.99
CA MET B 100 16.18 2.22 19.55
C MET B 100 15.48 3.42 18.92
N THR B 101 15.95 3.78 17.71
CA THR B 101 15.28 4.82 16.94
C THR B 101 14.88 4.25 15.58
N VAL B 102 13.64 4.52 15.16
CA VAL B 102 13.19 4.17 13.83
C VAL B 102 12.83 5.46 13.07
N ARG B 103 12.93 5.40 11.74
CA ARG B 103 12.61 6.56 10.92
C ARG B 103 11.42 6.30 10.02
N VAL B 104 10.50 7.26 10.00
CA VAL B 104 9.37 7.24 9.10
C VAL B 104 9.76 8.03 7.84
N PRO B 105 9.79 7.22 6.72
CA PRO B 105 10.19 7.83 5.46
C PRO B 105 9.11 8.68 4.84
FE HEC C . -4.51 -0.98 -7.76
CHA HEC C . -2.48 -2.30 -10.15
CHB HEC C . -6.73 -0.14 -10.19
CHC HEC C . -6.71 -0.18 -5.36
CHD HEC C . -2.08 -1.25 -5.52
NA HEC C . -4.54 -1.19 -9.72
C1A HEC C . -3.66 -1.73 -10.58
C2A HEC C . -4.23 -1.93 -11.93
C3A HEC C . -5.41 -1.30 -11.90
C4A HEC C . -5.68 -0.85 -10.61
CMA HEC C . -6.42 -1.19 -13.11
CAA HEC C . -3.43 -2.53 -13.04
CBA HEC C . -2.66 -1.40 -13.77
CGA HEC C . -1.95 -1.74 -15.08
O1A HEC C . -1.34 -0.78 -15.58
O2A HEC C . -2.02 -2.89 -15.56
NB HEC C . -6.38 -0.27 -7.76
C1B HEC C . -7.04 0.22 -8.88
C2B HEC C . -8.32 0.73 -8.38
C3B HEC C . -8.37 0.66 -7.03
C4B HEC C . -7.11 0.08 -6.69
CMB HEC C . -9.37 1.39 -9.35
CAB HEC C . -9.41 1.14 -6.04
CBB HEC C . -10.54 0.13 -5.79
NC HEC C . -4.37 -0.77 -5.79
C1C HEC C . -5.35 -0.44 -4.90
C2C HEC C . -4.97 -0.27 -3.55
C3C HEC C . -3.66 -0.62 -3.58
C4C HEC C . -3.27 -0.84 -4.97
CMC HEC C . -5.80 0.11 -2.36
CAC HEC C . -2.54 -0.47 -2.50
CBC HEC C . -2.94 -1.17 -1.17
ND HEC C . -2.62 -1.64 -7.80
C1D HEC C . -1.73 -1.68 -6.73
C2D HEC C . -0.52 -2.22 -7.16
C3D HEC C . -0.63 -2.54 -8.45
C4D HEC C . -2.00 -2.25 -8.85
CMD HEC C . 0.76 -2.49 -6.23
CAD HEC C . 0.44 -3.30 -9.28
CBD HEC C . 0.11 -4.76 -9.47
CGD HEC C . 1.23 -5.70 -9.92
O1D HEC C . 2.19 -5.18 -10.53
O2D HEC C . 0.97 -6.92 -9.77
HHA HEC C . -1.87 -2.81 -10.88
HHB HEC C . -7.42 0.21 -10.94
HHC HEC C . -7.48 -0.18 -4.61
HHD HEC C . -1.26 -1.23 -4.81
HMA1 HEC C . -6.92 -0.24 -13.08
HMA2 HEC C . -7.14 -1.99 -13.04
HMA3 HEC C . -5.87 -1.28 -14.04
HAA1 HEC C . -4.10 -3.02 -13.75
HAA2 HEC C . -2.73 -3.25 -12.65
HBA1 HEC C . -1.89 -1.03 -13.09
HBA2 HEC C . -3.35 -0.60 -13.98
HMB1 HEC C . -9.52 2.42 -9.07
HMB2 HEC C . -10.30 0.86 -9.30
HMB3 HEC C . -8.99 1.35 -10.36
HAB HEC C . -9.00 1.04 -5.05
HBB1 HEC C . -11.49 0.65 -5.75
HBB2 HEC C . -10.38 -0.37 -4.85
HBB3 HEC C . -10.56 -0.60 -6.59
HMC1 HEC C . -5.17 0.28 -1.51
HMC2 HEC C . -6.48 -0.70 -2.14
HMC3 HEC C . -6.37 1.00 -2.59
HAC HEC C . -1.64 -0.95 -2.86
HBC1 HEC C . -3.02 -2.23 -1.33
HBC2 HEC C . -3.88 -0.77 -0.83
HBC3 HEC C . -2.17 -0.97 -0.43
HMD1 HEC C . 1.15 -3.48 -6.44
HMD2 HEC C . 0.46 -2.43 -5.19
HMD3 HEC C . 1.52 -1.75 -6.44
HAD1 HEC C . 1.39 -3.22 -8.78
HAD2 HEC C . 0.52 -2.84 -10.26
HBD1 HEC C . -0.67 -4.83 -10.20
HBD2 HEC C . -0.26 -5.12 -8.52
FE1 FES D . -0.57 -2.32 6.34
FE2 FES D . 1.49 -2.91 7.92
S1 FES D . 1.07 -3.74 5.95
S2 FES D . -0.26 -1.76 8.45
N THR A 1 -22.94 -3.56 -22.94
CA THR A 1 -21.80 -4.41 -22.40
C THR A 1 -22.49 -5.36 -21.40
N GLU A 2 -22.00 -5.33 -20.20
CA GLU A 2 -22.54 -6.03 -19.01
C GLU A 2 -22.11 -5.12 -17.84
N PHE A 3 -21.98 -3.86 -18.21
CA PHE A 3 -21.51 -2.71 -17.49
C PHE A 3 -22.37 -1.50 -17.92
N LYS A 4 -22.89 -0.73 -17.00
CA LYS A 4 -23.69 0.45 -17.34
C LYS A 4 -23.21 1.60 -16.45
N ALA A 5 -23.37 2.80 -16.98
CA ALA A 5 -22.91 4.02 -16.31
C ALA A 5 -23.66 4.24 -14.99
N GLY A 6 -22.93 4.89 -14.08
CA GLY A 6 -23.41 5.21 -12.78
C GLY A 6 -23.09 6.66 -12.57
N SER A 7 -22.81 6.96 -11.34
CA SER A 7 -22.53 8.28 -10.83
C SER A 7 -21.00 8.43 -10.79
N ALA A 8 -20.57 9.38 -11.63
CA ALA A 8 -19.14 9.76 -11.62
C ALA A 8 -18.82 10.45 -10.29
N LYS A 9 -19.71 11.19 -9.73
CA LYS A 9 -19.39 11.89 -8.49
C LYS A 9 -19.24 10.78 -7.42
N LYS A 10 -20.22 9.89 -7.41
CA LYS A 10 -20.15 8.81 -6.38
C LYS A 10 -18.85 8.02 -6.52
N GLY A 11 -18.50 7.80 -7.75
CA GLY A 11 -17.26 7.07 -8.26
C GLY A 11 -16.04 7.84 -7.82
N ALA A 12 -16.02 9.13 -7.79
CA ALA A 12 -14.88 9.96 -7.34
C ALA A 12 -14.65 9.66 -5.87
N THR A 13 -15.65 9.59 -5.08
CA THR A 13 -15.49 9.39 -3.61
C THR A 13 -15.14 7.94 -3.29
N LEU A 14 -15.57 7.08 -4.19
CA LEU A 14 -15.16 5.68 -4.07
C LEU A 14 -13.67 5.67 -4.29
N PHE A 15 -13.22 6.30 -5.31
CA PHE A 15 -11.74 6.35 -5.65
C PHE A 15 -10.94 6.81 -4.49
N LYS A 16 -11.39 7.97 -3.93
CA LYS A 16 -10.73 8.61 -2.78
C LYS A 16 -10.67 7.69 -1.62
N THR A 17 -11.73 7.08 -1.20
CA THR A 17 -11.67 6.18 -0.05
C THR A 17 -11.07 4.83 -0.30
N ARG A 18 -11.06 4.27 -1.48
CA ARG A 18 -10.60 2.91 -1.74
C ARG A 18 -9.40 2.72 -2.63
N CYS A 19 -9.08 3.66 -3.47
CA CYS A 19 -7.94 3.56 -4.37
C CYS A 19 -6.79 4.58 -4.23
N LEU A 20 -7.06 5.76 -3.78
CA LEU A 20 -6.17 6.92 -3.66
C LEU A 20 -4.93 6.58 -2.74
N GLN A 21 -5.16 5.67 -1.88
CA GLN A 21 -4.02 5.26 -0.97
C GLN A 21 -2.88 4.76 -1.84
N CYS A 22 -3.16 4.20 -3.00
CA CYS A 22 -2.12 3.61 -3.78
C CYS A 22 -1.81 4.12 -5.15
N HIS A 23 -2.83 4.90 -5.68
CA HIS A 23 -2.85 5.37 -7.07
C HIS A 23 -3.32 6.80 -7.27
N THR A 24 -2.77 7.34 -8.32
CA THR A 24 -3.17 8.68 -8.86
C THR A 24 -3.83 8.44 -10.24
N VAL A 25 -4.67 9.40 -10.65
CA VAL A 25 -5.33 9.26 -11.95
C VAL A 25 -4.98 10.32 -12.99
N GLU A 26 -4.44 11.37 -12.51
CA GLU A 26 -4.14 12.53 -13.35
C GLU A 26 -2.98 12.33 -14.30
N LYS A 27 -3.08 13.02 -15.43
CA LYS A 27 -1.96 13.00 -16.42
C LYS A 27 -0.81 13.68 -15.77
N GLY A 28 0.37 13.04 -15.72
CA GLY A 28 1.49 13.72 -15.01
C GLY A 28 1.52 13.49 -13.53
N GLY A 29 0.66 12.60 -13.06
CA GLY A 29 0.54 12.12 -11.68
C GLY A 29 1.67 11.04 -11.57
N PRO A 30 2.17 10.98 -10.36
CA PRO A 30 3.18 9.98 -10.10
C PRO A 30 2.68 8.63 -9.76
N HIS A 31 3.61 7.63 -9.92
CA HIS A 31 3.43 6.28 -9.40
C HIS A 31 3.53 6.42 -7.91
N LYS A 32 2.76 5.57 -7.24
CA LYS A 32 2.94 5.47 -5.75
C LYS A 32 3.24 4.02 -5.46
N CYS A 33 2.45 3.44 -4.50
CA CYS A 33 2.45 1.99 -4.30
C CYS A 33 2.08 1.30 -5.58
N GLY A 34 0.96 1.84 -6.14
CA GLY A 34 0.49 1.47 -7.46
C GLY A 34 0.81 2.51 -8.52
N PRO A 35 0.70 2.06 -9.82
CA PRO A 35 1.01 2.94 -10.91
C PRO A 35 -0.05 4.03 -11.16
N ASN A 36 0.44 5.09 -11.69
CA ASN A 36 -0.49 6.17 -12.13
C ASN A 36 -1.40 5.46 -13.16
N LEU A 37 -2.72 5.74 -13.08
CA LEU A 37 -3.61 5.14 -14.04
C LEU A 37 -4.09 6.01 -15.24
N HIS A 38 -3.54 7.18 -15.42
CA HIS A 38 -3.97 7.94 -16.63
C HIS A 38 -3.76 7.10 -17.84
N GLY A 39 -4.77 7.15 -18.77
CA GLY A 39 -4.76 6.42 -19.99
C GLY A 39 -4.88 4.95 -19.92
N ILE A 40 -5.33 4.38 -18.82
CA ILE A 40 -5.45 2.94 -18.61
C ILE A 40 -6.38 2.25 -19.59
N PHE A 41 -7.44 2.97 -19.89
CA PHE A 41 -8.45 2.39 -20.85
C PHE A 41 -7.87 2.21 -22.23
N GLY A 42 -8.00 1.02 -22.74
CA GLY A 42 -7.44 0.65 -24.05
C GLY A 42 -5.98 0.17 -24.07
N ARG A 43 -5.29 0.32 -22.98
CA ARG A 43 -3.85 -0.10 -22.84
C ARG A 43 -3.88 -1.45 -22.23
N HIS A 44 -2.81 -2.21 -22.43
CA HIS A 44 -2.74 -3.56 -21.84
C HIS A 44 -2.07 -3.36 -20.47
N SER A 45 -2.28 -4.37 -19.66
CA SER A 45 -1.70 -4.42 -18.29
C SER A 45 -0.15 -4.48 -18.37
N GLY A 46 0.45 -3.86 -17.37
CA GLY A 46 1.94 -3.85 -17.28
C GLY A 46 2.69 -2.92 -18.17
N GLN A 47 2.17 -1.81 -18.65
CA GLN A 47 2.83 -0.96 -19.65
C GLN A 47 3.12 0.48 -19.31
N ALA A 48 2.71 0.89 -18.10
CA ALA A 48 3.09 2.22 -17.60
C ALA A 48 4.66 2.20 -17.39
N GLU A 49 5.32 3.23 -17.95
CA GLU A 49 6.80 3.18 -17.77
C GLU A 49 7.22 3.72 -16.42
N GLY A 50 8.32 3.07 -15.88
CA GLY A 50 8.88 3.45 -14.63
C GLY A 50 8.26 2.79 -13.42
N TYR A 51 7.41 1.81 -13.68
CA TYR A 51 6.78 1.05 -12.63
C TYR A 51 7.19 -0.41 -12.71
N SER A 52 7.48 -0.93 -11.48
CA SER A 52 7.82 -2.31 -11.33
C SER A 52 6.68 -3.24 -11.04
N TYR A 53 6.03 -3.68 -12.14
CA TYR A 53 4.89 -4.63 -12.04
C TYR A 53 5.36 -6.02 -11.61
N THR A 54 4.51 -6.88 -11.14
CA THR A 54 4.71 -8.25 -10.91
C THR A 54 4.71 -8.97 -12.32
N ASP A 55 5.36 -10.16 -12.29
CA ASP A 55 5.47 -11.02 -13.44
C ASP A 55 3.98 -11.31 -13.92
N ALA A 56 3.15 -11.62 -12.97
CA ALA A 56 1.74 -11.97 -13.07
C ALA A 56 0.88 -10.98 -13.83
N ASN A 57 1.04 -9.70 -13.48
CA ASN A 57 0.25 -8.67 -14.21
C ASN A 57 0.64 -8.55 -15.65
N ILE A 58 1.90 -8.46 -15.90
CA ILE A 58 2.43 -8.32 -17.26
C ILE A 58 2.04 -9.41 -18.27
N LYS A 59 2.06 -10.63 -17.87
CA LYS A 59 1.88 -11.84 -18.64
C LYS A 59 0.40 -12.17 -18.80
N LYS A 60 -0.36 -11.52 -17.98
CA LYS A 60 -1.81 -11.63 -17.98
C LYS A 60 -2.32 -10.86 -19.22
N ASN A 61 -1.60 -9.86 -19.65
CA ASN A 61 -1.78 -9.02 -20.79
C ASN A 61 -3.25 -8.64 -20.97
N VAL A 62 -3.91 -8.24 -19.89
CA VAL A 62 -5.27 -7.73 -20.06
C VAL A 62 -5.41 -6.42 -20.83
N LEU A 63 -6.43 -6.39 -21.74
CA LEU A 63 -6.73 -5.14 -22.43
C LEU A 63 -7.82 -4.54 -21.51
N TRP A 64 -7.49 -3.38 -20.97
CA TRP A 64 -8.36 -2.73 -20.02
C TRP A 64 -9.50 -1.94 -20.71
N ASP A 65 -10.65 -2.45 -20.44
CA ASP A 65 -11.94 -1.87 -21.02
C ASP A 65 -12.81 -1.73 -19.79
N GLU A 66 -13.82 -0.90 -19.82
CA GLU A 66 -14.74 -0.75 -18.64
C GLU A 66 -15.25 -2.05 -18.15
N ASN A 67 -15.27 -3.06 -19.02
CA ASN A 67 -15.81 -4.39 -18.71
C ASN A 67 -14.93 -5.40 -17.93
N ASN A 68 -13.68 -5.50 -18.30
CA ASN A 68 -12.55 -6.29 -17.78
C ASN A 68 -12.23 -5.83 -16.34
N MET A 69 -12.24 -4.49 -16.39
CA MET A 69 -12.05 -3.65 -15.18
C MET A 69 -13.04 -4.00 -14.12
N SER A 70 -14.29 -4.25 -14.51
CA SER A 70 -15.32 -4.62 -13.52
C SER A 70 -15.06 -5.97 -12.86
N GLU A 71 -14.62 -6.92 -13.69
CA GLU A 71 -14.39 -8.27 -13.24
C GLU A 71 -13.09 -8.24 -12.32
N TYR A 72 -12.15 -7.47 -12.82
CA TYR A 72 -10.90 -7.27 -12.03
C TYR A 72 -11.22 -6.75 -10.63
N LEU A 73 -11.94 -5.62 -10.54
CA LEU A 73 -12.31 -4.99 -9.30
C LEU A 73 -13.14 -5.82 -8.38
N THR A 74 -13.77 -6.88 -8.93
CA THR A 74 -14.52 -7.77 -8.06
C THR A 74 -13.65 -8.53 -7.09
N ASN A 75 -12.47 -8.90 -7.60
CA ASN A 75 -11.50 -9.74 -6.92
C ASN A 75 -10.25 -9.83 -7.78
N PRO A 76 -9.40 -8.83 -7.54
CA PRO A 76 -8.14 -8.65 -8.23
C PRO A 76 -7.26 -9.90 -8.33
N LYS A 77 -7.05 -10.54 -7.18
CA LYS A 77 -6.21 -11.76 -7.09
C LYS A 77 -6.77 -13.00 -7.73
N LYS A 78 -8.12 -13.01 -7.84
CA LYS A 78 -8.83 -14.13 -8.51
C LYS A 78 -8.59 -13.86 -9.97
N TYR A 79 -8.66 -12.65 -10.44
CA TYR A 79 -8.45 -12.25 -11.85
C TYR A 79 -7.02 -12.33 -12.34
N ILE A 80 -6.06 -11.83 -11.52
CA ILE A 80 -4.58 -11.88 -11.80
C ILE A 80 -3.88 -12.51 -10.63
N PRO A 81 -3.86 -13.84 -10.65
CA PRO A 81 -3.33 -14.58 -9.51
C PRO A 81 -1.78 -14.21 -9.51
N GLY A 82 -1.43 -13.80 -8.30
CA GLY A 82 -0.03 -13.36 -8.09
C GLY A 82 0.17 -11.87 -8.10
N THR A 83 -0.89 -11.05 -8.33
CA THR A 83 -0.75 -9.59 -8.42
C THR A 83 -0.37 -9.13 -7.07
N LYS A 84 0.42 -8.11 -6.89
CA LYS A 84 0.73 -7.59 -5.61
C LYS A 84 -0.15 -6.49 -5.16
N MET A 85 -1.21 -6.29 -5.99
CA MET A 85 -2.28 -5.30 -5.56
C MET A 85 -3.08 -5.91 -4.43
N ALA A 86 -2.82 -5.37 -3.24
CA ALA A 86 -3.49 -5.80 -2.03
C ALA A 86 -4.83 -5.09 -1.75
N PHE A 87 -5.83 -5.50 -2.55
CA PHE A 87 -7.18 -4.95 -2.48
C PHE A 87 -8.12 -6.14 -2.58
N GLY A 88 -9.01 -6.30 -1.61
CA GLY A 88 -9.93 -7.38 -1.58
C GLY A 88 -10.91 -7.39 -2.71
N GLY A 89 -11.45 -6.23 -3.04
CA GLY A 89 -12.49 -6.26 -4.13
C GLY A 89 -13.72 -5.39 -3.75
N LEU A 90 -14.47 -5.10 -4.76
CA LEU A 90 -15.71 -4.30 -4.72
C LEU A 90 -16.81 -5.26 -5.25
N LYS A 91 -17.48 -5.85 -4.29
CA LYS A 91 -18.48 -6.88 -4.62
C LYS A 91 -19.74 -6.37 -5.22
N LYS A 92 -20.17 -5.18 -4.96
CA LYS A 92 -21.44 -4.69 -5.55
C LYS A 92 -21.17 -4.10 -6.89
N GLU A 93 -21.95 -4.62 -7.84
CA GLU A 93 -21.90 -4.11 -9.18
C GLU A 93 -22.18 -2.58 -9.21
N LYS A 94 -23.06 -2.13 -8.38
CA LYS A 94 -23.41 -0.70 -8.43
C LYS A 94 -22.22 0.20 -8.08
N ASP A 95 -21.47 -0.27 -7.14
CA ASP A 95 -20.18 0.41 -6.69
C ASP A 95 -19.14 0.46 -7.78
N ARG A 96 -18.92 -0.74 -8.37
CA ARG A 96 -18.06 -0.84 -9.53
C ARG A 96 -18.54 0.08 -10.68
N ASN A 97 -19.85 0.12 -10.96
CA ASN A 97 -20.33 0.96 -12.07
C ASN A 97 -20.02 2.41 -11.78
N ASP A 98 -20.33 2.86 -10.57
CA ASP A 98 -19.98 4.15 -10.16
C ASP A 98 -18.43 4.42 -10.35
N LEU A 99 -17.62 3.58 -9.79
CA LEU A 99 -16.16 3.81 -9.85
C LEU A 99 -15.65 3.83 -11.25
N ILE A 100 -16.00 2.90 -12.07
CA ILE A 100 -15.56 2.82 -13.46
C ILE A 100 -16.02 4.04 -14.28
N THR A 101 -17.23 4.50 -13.90
CA THR A 101 -17.81 5.70 -14.54
C THR A 101 -16.82 6.88 -14.33
N TYR A 102 -16.32 7.05 -13.12
CA TYR A 102 -15.37 8.03 -12.66
C TYR A 102 -13.99 7.78 -13.27
N LEU A 103 -13.63 6.50 -13.31
CA LEU A 103 -12.32 6.24 -14.00
C LEU A 103 -12.35 6.53 -15.49
N LYS A 104 -13.39 6.09 -16.18
CA LYS A 104 -13.58 6.36 -17.61
C LYS A 104 -13.32 7.82 -17.93
N LYS A 105 -13.88 8.66 -17.09
CA LYS A 105 -13.75 10.11 -17.20
C LYS A 105 -12.43 10.74 -16.78
N ALA A 106 -11.91 10.32 -15.64
CA ALA A 106 -10.71 10.99 -15.10
C ALA A 106 -9.42 10.51 -15.68
N THR A 107 -9.49 9.35 -16.21
CA THR A 107 -8.25 8.77 -16.88
C THR A 107 -8.08 9.08 -18.35
N GLU A 108 -8.92 9.89 -18.93
CA GLU A 108 -8.76 10.20 -20.37
C GLU A 108 -7.86 11.42 -20.53
N LYS B 3 11.75 -5.87 29.32
CA LYS B 3 11.52 -4.81 28.32
C LYS B 3 12.84 -4.34 27.72
N ILE B 4 12.81 -3.86 26.48
CA ILE B 4 14.02 -3.41 25.81
C ILE B 4 13.84 -2.02 25.20
N THR B 5 14.96 -1.31 25.05
CA THR B 5 14.96 0.01 24.47
C THR B 5 15.09 -0.06 22.94
N VAL B 6 14.27 0.73 22.26
CA VAL B 6 14.36 0.82 20.79
C VAL B 6 14.42 2.30 20.40
N HIS B 7 15.35 2.64 19.52
CA HIS B 7 15.45 4.03 19.04
C HIS B 7 14.94 4.12 17.60
N PHE B 8 14.13 5.11 17.30
CA PHE B 8 13.60 5.31 15.97
C PHE B 8 14.12 6.67 15.43
N ILE B 9 14.83 6.64 14.32
CA ILE B 9 15.19 7.88 13.65
C ILE B 9 14.03 8.24 12.68
N ASN B 10 13.26 9.23 13.09
CA ASN B 10 12.06 9.59 12.29
C ASN B 10 12.49 10.29 11.03
N ARG B 11 11.59 10.50 10.07
CA ARG B 11 11.97 11.13 8.81
C ARG B 11 12.42 12.58 8.98
N ASP B 12 11.95 13.24 10.03
CA ASP B 12 12.35 14.60 10.34
C ASP B 12 13.76 14.66 10.92
N GLY B 13 14.32 13.52 11.33
CA GLY B 13 15.67 13.49 11.85
C GLY B 13 15.69 13.35 13.37
N GLU B 14 14.53 13.49 14.00
CA GLU B 14 14.46 13.37 15.45
C GLU B 14 14.53 11.90 15.87
N THR B 15 15.25 11.63 16.96
CA THR B 15 15.36 10.29 17.47
C THR B 15 14.32 10.04 18.56
N LEU B 16 13.47 9.06 18.33
CA LEU B 16 12.43 8.69 19.28
C LEU B 16 12.92 7.48 20.07
N THR B 17 13.13 7.67 21.37
CA THR B 17 13.62 6.55 22.19
C THR B 17 12.45 6.03 23.03
N THR B 18 12.18 4.73 22.93
CA THR B 18 11.05 4.15 23.65
C THR B 18 11.32 2.71 24.04
N LYS B 19 10.41 2.14 24.82
CA LYS B 19 10.57 0.77 25.29
C LYS B 19 9.41 -0.09 24.85
N GLY B 20 9.68 -1.35 24.55
CA GLY B 20 8.67 -2.33 24.21
C GLY B 20 9.02 -3.65 24.92
N LYS B 21 8.06 -4.57 24.98
CA LYS B 21 8.31 -5.86 25.62
C LYS B 21 8.66 -6.91 24.58
N ILE B 22 9.57 -7.82 24.93
CA ILE B 22 9.91 -8.90 23.97
C ILE B 22 8.61 -9.58 23.54
N GLY B 23 8.50 -9.81 22.23
CA GLY B 23 7.32 -10.41 21.65
C GLY B 23 6.41 -9.38 20.99
N ASP B 24 6.51 -8.13 21.39
CA ASP B 24 5.74 -7.03 20.81
C ASP B 24 6.22 -6.76 19.37
N SER B 25 5.28 -6.44 18.48
CA SER B 25 5.74 -6.06 17.10
C SER B 25 6.25 -4.64 17.16
N LEU B 26 6.96 -4.21 16.12
CA LEU B 26 7.43 -2.82 16.08
C LEU B 26 6.29 -1.86 15.87
N LEU B 27 5.19 -2.32 15.28
CA LEU B 27 3.98 -1.47 15.14
C LEU B 27 3.35 -1.29 16.52
N ASP B 28 3.28 -2.37 17.27
CA ASP B 28 2.81 -2.31 18.66
C ASP B 28 3.61 -1.27 19.44
N VAL B 29 4.93 -1.29 19.28
CA VAL B 29 5.79 -0.31 19.93
C VAL B 29 5.40 1.10 19.54
N VAL B 30 5.17 1.33 18.24
CA VAL B 30 4.82 2.69 17.80
C VAL B 30 3.45 3.08 18.30
N VAL B 31 2.50 2.17 18.21
CA VAL B 31 1.10 2.50 18.56
C VAL B 31 0.91 2.72 20.03
N GLN B 32 1.38 1.83 20.89
CA GLN B 32 1.21 1.96 22.32
C GLN B 32 1.85 3.19 22.90
N ASN B 33 3.06 3.54 22.43
CA ASN B 33 3.81 4.66 22.95
C ASN B 33 3.51 5.95 22.26
N ASN B 34 2.50 5.99 21.39
CA ASN B 34 2.09 7.16 20.67
C ASN B 34 3.25 7.88 19.99
N LEU B 35 4.12 7.13 19.33
CA LEU B 35 5.24 7.74 18.61
C LEU B 35 4.74 8.60 17.47
N ASP B 36 5.37 9.74 17.26
CA ASP B 36 4.93 10.71 16.24
C ASP B 36 5.49 10.40 14.88
N ILE B 37 5.05 9.26 14.29
CA ILE B 37 5.55 8.89 12.95
C ILE B 37 4.39 8.94 11.97
N ASP B 38 4.39 9.99 11.15
CA ASP B 38 3.26 10.22 10.25
C ASP B 38 2.91 8.97 9.46
N GLY B 39 1.64 8.61 9.52
CA GLY B 39 1.03 7.54 8.80
C GLY B 39 1.38 6.15 9.21
N PHE B 40 2.22 5.97 10.23
CA PHE B 40 2.74 4.62 10.53
C PHE B 40 1.67 3.68 10.99
N GLY B 41 1.53 2.53 10.33
CA GLY B 41 0.57 1.51 10.79
C GLY B 41 -0.81 1.68 10.17
N ALA B 42 -0.88 2.25 8.99
CA ALA B 42 -2.13 2.52 8.31
C ALA B 42 -3.10 1.37 8.27
N CYS B 43 -2.70 0.18 7.84
CA CYS B 43 -3.56 -0.99 7.79
C CYS B 43 -3.64 -1.74 9.10
N GLU B 44 -3.04 -1.20 10.15
CA GLU B 44 -3.05 -1.85 11.46
C GLU B 44 -2.54 -3.28 11.37
N GLY B 45 -1.43 -3.46 10.64
CA GLY B 45 -0.74 -4.69 10.51
C GLY B 45 -1.41 -5.83 9.82
N THR B 46 -2.00 -5.64 8.64
CA THR B 46 -2.61 -6.72 7.89
C THR B 46 -1.96 -6.92 6.53
N LEU B 47 -0.77 -6.33 6.35
CA LEU B 47 -0.06 -6.43 5.10
C LEU B 47 -0.83 -5.87 3.93
N ALA B 48 -1.43 -4.69 4.11
CA ALA B 48 -2.15 -4.02 3.03
C ALA B 48 -1.63 -2.60 2.85
N CYS B 49 -0.44 -2.34 3.43
CA CYS B 49 0.12 -0.98 3.34
C CYS B 49 1.64 -1.03 3.45
N SER B 50 2.31 0.10 3.19
CA SER B 50 3.79 0.06 3.32
C SER B 50 4.27 1.04 4.37
N THR B 51 3.36 1.58 5.17
CA THR B 51 3.68 2.65 6.09
C THR B 51 4.47 2.23 7.30
N CYS B 52 4.57 0.95 7.61
CA CYS B 52 5.30 0.47 8.75
C CYS B 52 6.69 -0.01 8.36
N HIS B 53 7.10 0.37 7.17
CA HIS B 53 8.45 0.05 6.68
C HIS B 53 9.51 0.66 7.61
N LEU B 54 10.47 -0.17 8.02
CA LEU B 54 11.60 0.28 8.83
C LEU B 54 12.90 -0.26 8.21
N ILE B 55 13.97 0.45 8.43
CA ILE B 55 15.30 0.09 7.96
C ILE B 55 16.16 -0.29 9.19
N PHE B 56 16.63 -1.52 9.21
CA PHE B 56 17.27 -2.09 10.37
C PHE B 56 18.80 -2.06 10.28
N GLU B 57 19.46 -2.16 11.44
CA GLU B 57 20.93 -2.37 11.43
C GLU B 57 21.22 -3.73 10.79
N GLN B 58 22.34 -3.84 10.07
CA GLN B 58 22.63 -5.10 9.37
C GLN B 58 22.68 -6.31 10.29
N HIS B 59 23.31 -6.21 11.44
CA HIS B 59 23.46 -7.38 12.32
C HIS B 59 22.14 -7.83 12.89
N ILE B 60 21.21 -6.90 13.05
CA ILE B 60 19.84 -7.22 13.46
C ILE B 60 19.09 -7.83 12.27
N PHE B 61 19.12 -7.15 11.12
CA PHE B 61 18.42 -7.61 9.92
C PHE B 61 18.69 -9.05 9.58
N GLU B 62 19.96 -9.49 9.64
CA GLU B 62 20.32 -10.80 9.18
C GLU B 62 19.81 -11.93 10.05
N LYS B 63 19.28 -11.64 11.24
CA LYS B 63 18.78 -12.69 12.11
C LYS B 63 17.27 -12.58 12.33
N LEU B 64 16.63 -11.76 11.49
CA LEU B 64 15.17 -11.62 11.58
C LEU B 64 14.50 -12.87 11.01
N GLU B 65 13.27 -13.12 11.41
CA GLU B 65 12.51 -14.26 10.89
C GLU B 65 12.39 -14.18 9.38
N ALA B 66 12.49 -15.31 8.70
CA ALA B 66 12.42 -15.38 7.26
C ALA B 66 11.22 -14.58 6.74
N ILE B 67 11.44 -13.80 5.69
CA ILE B 67 10.35 -12.97 5.15
C ILE B 67 9.35 -13.84 4.41
N THR B 68 8.07 -13.58 4.61
CA THR B 68 7.02 -14.32 3.89
C THR B 68 6.73 -13.63 2.54
N ASP B 69 6.12 -14.39 1.64
CA ASP B 69 5.77 -13.83 0.33
C ASP B 69 4.79 -12.68 0.49
N GLU B 70 3.87 -12.79 1.45
CA GLU B 70 2.88 -11.74 1.65
C GLU B 70 3.54 -10.43 2.03
N GLU B 71 4.50 -10.51 2.97
CA GLU B 71 5.22 -9.29 3.35
C GLU B 71 5.98 -8.71 2.17
N ASN B 72 6.70 -9.57 1.45
CA ASN B 72 7.47 -9.17 0.30
C ASN B 72 6.69 -8.43 -0.76
N ASP B 73 5.46 -8.84 -1.03
CA ASP B 73 4.63 -8.20 -2.05
C ASP B 73 4.29 -6.76 -1.65
N MET B 74 4.04 -6.57 -0.36
CA MET B 74 3.72 -5.24 0.17
C MET B 74 4.99 -4.40 0.26
N LEU B 75 6.06 -5.08 0.71
CA LEU B 75 7.35 -4.39 0.89
C LEU B 75 7.89 -3.87 -0.43
N ASP B 76 7.65 -4.61 -1.50
CA ASP B 76 8.04 -4.25 -2.85
C ASP B 76 7.58 -2.85 -3.25
N CYS B 77 6.43 -2.40 -2.73
CA CYS B 77 5.86 -1.14 -3.03
C CYS B 77 6.30 0.01 -2.13
N ALA B 78 7.10 -0.25 -1.10
CA ALA B 78 7.49 0.81 -0.17
C ALA B 78 8.40 1.83 -0.82
N TYR B 79 8.34 3.05 -0.32
CA TYR B 79 9.28 4.11 -0.71
C TYR B 79 10.59 3.91 0.05
N GLY B 80 11.71 4.26 -0.56
CA GLY B 80 12.99 4.25 0.12
C GLY B 80 13.46 2.90 0.59
N LEU B 81 13.21 1.84 -0.15
CA LEU B 81 13.62 0.50 0.14
C LEU B 81 15.14 0.37 0.20
N THR B 82 15.62 -0.39 1.16
CA THR B 82 17.05 -0.65 1.30
C THR B 82 17.23 -2.18 1.39
N ASP B 83 18.48 -2.61 1.47
CA ASP B 83 18.79 -4.02 1.64
C ASP B 83 18.53 -4.48 3.08
N ARG B 84 18.16 -3.56 3.96
CA ARG B 84 17.88 -3.92 5.36
C ARG B 84 16.46 -3.53 5.75
N SER B 85 15.55 -3.56 4.79
CA SER B 85 14.18 -3.12 5.00
C SER B 85 13.22 -4.26 5.33
N ARG B 86 12.30 -4.04 6.26
CA ARG B 86 11.24 -4.97 6.57
C ARG B 86 9.98 -4.16 6.94
N LEU B 87 8.82 -4.82 6.88
CA LEU B 87 7.60 -4.18 7.40
C LEU B 87 7.55 -4.39 8.90
N GLY B 88 7.60 -3.29 9.66
CA GLY B 88 7.68 -3.37 11.10
C GLY B 88 6.59 -4.13 11.78
N CYS B 89 5.36 -4.15 11.23
CA CYS B 89 4.27 -4.86 11.90
C CYS B 89 4.51 -6.36 11.92
N GLN B 90 5.46 -6.87 11.16
CA GLN B 90 5.79 -8.27 11.13
C GLN B 90 6.99 -8.62 12.01
N ILE B 91 7.67 -7.60 12.55
CA ILE B 91 8.90 -7.88 13.31
C ILE B 91 8.63 -7.70 14.79
N SER B 92 8.84 -8.77 15.56
CA SER B 92 8.62 -8.71 17.00
C SER B 92 9.94 -8.66 17.78
N LEU B 93 9.91 -7.96 18.90
CA LEU B 93 11.09 -7.68 19.68
C LEU B 93 11.76 -8.92 20.25
N THR B 94 13.09 -8.97 20.15
CA THR B 94 13.86 -10.06 20.72
C THR B 94 14.95 -9.47 21.62
N LYS B 95 15.59 -10.31 22.43
CA LYS B 95 16.67 -9.87 23.30
C LYS B 95 17.74 -9.11 22.54
N ALA B 96 18.14 -9.64 21.39
CA ALA B 96 19.21 -9.06 20.61
C ALA B 96 18.94 -7.66 20.12
N MET B 97 17.69 -7.21 20.16
CA MET B 97 17.32 -5.89 19.73
C MET B 97 17.39 -4.81 20.78
N ASP B 98 17.77 -5.19 22.01
CA ASP B 98 17.91 -4.15 23.05
C ASP B 98 18.87 -3.07 22.52
N ASN B 99 18.47 -1.82 22.63
CA ASN B 99 19.23 -0.67 22.23
C ASN B 99 19.42 -0.51 20.73
N MET B 100 18.76 -1.31 19.92
CA MET B 100 18.92 -1.16 18.46
C MET B 100 18.37 0.18 17.98
N THR B 101 18.75 0.54 16.75
CA THR B 101 18.18 1.73 16.12
C THR B 101 17.54 1.33 14.79
N VAL B 102 16.32 1.81 14.53
CA VAL B 102 15.68 1.63 13.25
C VAL B 102 15.45 3.01 12.61
N ARG B 103 15.39 3.03 11.27
CA ARG B 103 15.19 4.28 10.56
C ARG B 103 13.88 4.28 9.80
N VAL B 104 13.12 5.37 9.94
CA VAL B 104 11.91 5.58 9.18
C VAL B 104 12.28 6.39 7.92
N PRO B 105 12.06 5.66 6.77
CA PRO B 105 12.41 6.30 5.50
C PRO B 105 11.43 7.35 5.05
FE HEC C . -4.51 -0.98 -7.76
CHA HEC C . -2.48 -2.30 -10.15
CHB HEC C . -6.73 -0.14 -10.19
CHC HEC C . -6.71 -0.18 -5.36
CHD HEC C . -2.08 -1.25 -5.52
NA HEC C . -4.54 -1.19 -9.72
C1A HEC C . -3.66 -1.73 -10.58
C2A HEC C . -4.23 -1.93 -11.93
C3A HEC C . -5.41 -1.30 -11.90
C4A HEC C . -5.68 -0.85 -10.61
CMA HEC C . -6.42 -1.19 -13.11
CAA HEC C . -3.43 -2.53 -13.04
CBA HEC C . -2.66 -1.40 -13.77
CGA HEC C . -1.95 -1.74 -15.08
O1A HEC C . -1.34 -0.78 -15.58
O2A HEC C . -2.02 -2.89 -15.56
NB HEC C . -6.38 -0.27 -7.76
C1B HEC C . -7.04 0.22 -8.88
C2B HEC C . -8.32 0.73 -8.38
C3B HEC C . -8.37 0.66 -7.03
C4B HEC C . -7.11 0.08 -6.69
CMB HEC C . -9.37 1.39 -9.35
CAB HEC C . -9.41 1.14 -6.04
CBB HEC C . -10.54 0.13 -5.79
NC HEC C . -4.37 -0.77 -5.79
C1C HEC C . -5.35 -0.44 -4.90
C2C HEC C . -4.97 -0.27 -3.55
C3C HEC C . -3.66 -0.62 -3.58
C4C HEC C . -3.27 -0.84 -4.97
CMC HEC C . -5.80 0.11 -2.36
CAC HEC C . -2.54 -0.47 -2.50
CBC HEC C . -2.94 -1.17 -1.17
ND HEC C . -2.62 -1.64 -7.80
C1D HEC C . -1.73 -1.68 -6.73
C2D HEC C . -0.52 -2.22 -7.16
C3D HEC C . -0.63 -2.54 -8.45
C4D HEC C . -2.00 -2.25 -8.85
CMD HEC C . 0.76 -2.49 -6.23
CAD HEC C . 0.44 -3.30 -9.28
CBD HEC C . 0.11 -4.76 -9.47
CGD HEC C . 1.23 -5.70 -9.92
O1D HEC C . 2.19 -5.18 -10.53
O2D HEC C . 0.97 -6.92 -9.77
HHA HEC C . -1.87 -2.81 -10.88
HHB HEC C . -7.42 0.21 -10.94
HHC HEC C . -7.48 -0.18 -4.61
HHD HEC C . -1.26 -1.23 -4.81
HMA1 HEC C . -6.92 -0.24 -13.08
HMA2 HEC C . -7.14 -1.99 -13.04
HMA3 HEC C . -5.87 -1.28 -14.04
HAA1 HEC C . -4.10 -3.02 -13.75
HAA2 HEC C . -2.73 -3.25 -12.65
HBA1 HEC C . -1.89 -1.03 -13.09
HBA2 HEC C . -3.35 -0.60 -13.98
HMB1 HEC C . -9.52 2.42 -9.07
HMB2 HEC C . -10.30 0.86 -9.30
HMB3 HEC C . -8.99 1.35 -10.36
HAB HEC C . -9.00 1.04 -5.05
HBB1 HEC C . -11.49 0.65 -5.75
HBB2 HEC C . -10.38 -0.37 -4.85
HBB3 HEC C . -10.56 -0.60 -6.59
HMC1 HEC C . -5.17 0.28 -1.51
HMC2 HEC C . -6.48 -0.70 -2.14
HMC3 HEC C . -6.37 1.00 -2.59
HAC HEC C . -1.64 -0.95 -2.86
HBC1 HEC C . -3.02 -2.23 -1.33
HBC2 HEC C . -3.88 -0.77 -0.83
HBC3 HEC C . -2.17 -0.97 -0.43
HMD1 HEC C . 1.15 -3.48 -6.44
HMD2 HEC C . 0.46 -2.43 -5.19
HMD3 HEC C . 1.52 -1.75 -6.44
HAD1 HEC C . 1.39 -3.22 -8.78
HAD2 HEC C . 0.52 -2.84 -10.26
HBD1 HEC C . -0.67 -4.83 -10.20
HBD2 HEC C . -0.26 -5.12 -8.52
FE1 FES D . 0.33 -2.12 7.12
FE2 FES D . 2.42 -3.12 8.40
S1 FES D . 1.65 -3.74 6.46
S2 FES D . 0.94 -1.76 9.21
#